data_7QHB
#
_entry.id   7QHB
#
_cell.length_a   1.00
_cell.length_b   1.00
_cell.length_c   1.00
_cell.angle_alpha   90.00
_cell.angle_beta   90.00
_cell.angle_gamma   90.00
#
_symmetry.space_group_name_H-M   'P 1'
#
loop_
_entity.id
_entity.type
_entity.pdbx_description
1 polymer 'Isoform Flip of Glutamate receptor 1'
2 polymer 'Isoform Flip of Glutamate receptor 2'
3 polymer 'Voltage-dependent calcium channel gamma-8 subunit'
4 non-polymer 'PALMITOLEIC ACID'
5 non-polymer 'GLUTAMIC ACID'
6 non-polymer CYCLOTHIAZIDE
7 non-polymer '(2R)-2,3-dihydroxypropyl (9Z)-octadec-9-enoate'
8 non-polymer '(2S)-2,3-dihydroxypropyl (7Z)-hexadec-7-enoate'
#
loop_
_entity_poly.entity_id
_entity_poly.type
_entity_poly.pdbx_seq_one_letter_code
_entity_poly.pdbx_strand_id
1 'polypeptide(L)'
;MPYIFAFFCTGFLGAVVGADYKDDDDKNFPNNIQIGGLFPNQQSQEHAAFRFALSQLTEPPKLLPQIDIVNISDSFEMTY
RFCSQFSKGVYAIFGFYERRTVNMLTSFCGALHVCFITPSFPVDTSNQFVLQLRPELQEALISIIDHYKWQTFVYIYDAD
RGLSVLQRVLDTAAEKNWQVTAVNILTTTEEGYRMLFQDLEKKKERLVVVDCESERLNAILGQIVKLEKNGIGYHYILAN
LGFMDIDLNKFKESGANVTGFQLVNYTDTIPARIMQQWRTSDSRDHTRVDWKRPKYTSALTYDGVKVMAEAFQSLRRQRI
DISRRGNAGDCLANPAVPWGQGIDIQRALQQVRFEGLTGNVQFNEKGRRTNYTLHVIEMKHDGIRKIGYWNEDDKFVPAA
TDAQAGGDNSSVQNRTYIVTTILEDPYVMLKKNANQFEGNDRYEGYCVELAAEIAKHVGYSYRLEIVSDGKYGARDPDTK
AWNGMVGELVYGRADVAVAPLTITLVREEVIDFSKPFMSLGISIMIKKPQKSKPGVFSFLDPLAYEIWMCIVFAYIGVSV
VLFLVSRFSPYEWHSEEFEEGRDQTTSDQSNEFGIFNSLWFSLGAFMQQGCDISPRSLSGRIVGGVWWFFTLIIISSYTA
NLAAFLTVERMVSPIESAEDLAKQTEIAYGTLEAGSTKEFFRRSKIAVFEKMWTYMKSAEPSVFVRTTEEGMIRVRKSKG
KYAYLLESTMNEYIEQRKPCDTMKVGGNLDSKGYGIATPKGSALRGPVNLAVLKLSEQGVLDKLKSKWWYDKGECGSKDS
GSKDKTSALSLSNVAGVFYILIGGLGLAMLVALIEFCYKSRSESKRMKGFCLIPQQSINEAIRTSTLPRNSGAGASGGGG
SGENGRVVSQDFPKSMQSIPCMSHSSGMPLGATGL
;
A,C
2 'polypeptide(L)'
;MQKIMHISVLLSPVLWGLIFGVSSNSIQIGGLFPRGADQEYSAFRVGMVQFSTSEFRLTPHIDNLEVANSFAVTNAFCSQ
FSRGVYAIFGFYDKKSVNTITSFCGTLHVSFITPSFPTDGTHPFVIQMRPDLKGALLSLIEYYQWDKFAYLYDSDRGLST
LQAVLDSAAEKKWQVTAINVGNINNDKKDETYRSLFQDLELKKERRVILDCERDKVNDIVDQVITIGKHVKGYHYIIANL
GFTDGDLLKIQFGGANVSGFQIVDYDDSLVSKFIERWSTLEEKEYPGAHTATIKYTSALTYDAVQVMTEAFRNLRKQRIE
ISRRGNAGDCLANPAVPWGQGVEIERALKQVQVEGLSGNIKFDQNGKRINYTINIMELKTNGPRKIGYWSEVDKMVVTLT
ELPSGNDTSGLENKTVVVTTILESPYVMMKKNHEMLEGNERYEGYCVDLAAEIAKHCGFKYKLTIVGDGKYGARDADTKI
WNGMVGELVYGKADIAIAPLTITLVREEVIDFSKPFMSLGISIMIKKPQKSKPGVFSFLDPLAYEIWMCIVFAYIGVSVV
LFLVSRFSPYEWHTEEFEDGRETQSSESTNEFGIFNSLWFSLGAFMRQGCDISPRSLSGRIVGGVWWFFTLIIISSYTAN
LAAFLTVERMVSPIESAEDLSKQTEIAYGTLDSGSTKEFFRRSKIAVFDKMWTYMRSAEPSVFVRTTAEGVARVRKSKGK
YAYLLESTMNEYIEQRKPCDTMKVGGNLDSKGYGIATPKGSSLGTPVNLAVLKLSEQGVLDKLKNKWWYDKGECGAKDSG
SKEKTSALSLSNVAGVFYILVGGLGLAMLVALIEFCYKSRAEAKRMKVAKNPQNINPSSS
;
B,D
3 'polypeptide(L)'
;GESLKRWNEERGLWCEKGVQVLLTTIGAFAAFGLMTIAISTDYWLYTRALICNTTNLTAGDDGPPHRGGSGSSEKKDPGG
LTHSGLWRICCLEGLKRGVCVKINHFPEDTDYDHDSAEYLLRVVRASSIFPILSAILLLLGGVCVAASRVYKSKRNIILG
AGILFVAAGLSNIIGVIVYISANAGEPGPKRDEEKKNHYSYGWSFYFGGLSFILAEVIGVLAVNIYIERSREAHCQSRSD
LLKAGGGAGGSGGSGPSAILRLPSYRFRYRRRSRSSSRGSSEASPSRDASPGGPGGPGFASTDISMYTLSRDPSKGSVAA
GLASAGGGGGGAGVGAYGGAAGAAGGGGTGSERDRGSSAGFLTLHNAFPKEAASGVTVTVTGPPAAPAPAPPAPAAPAPG
TLSKEAAASNTNTLNRKLEVLFQ
;
I,J
#
# COMPACT_ATOMS: atom_id res chain seq x y z
N ASN A 414 17.98 41.67 51.89
CA ASN A 414 17.34 40.37 52.06
C ASN A 414 15.85 40.45 51.76
N ARG A 415 15.53 40.72 50.50
CA ARG A 415 14.17 40.98 50.08
C ARG A 415 13.66 39.85 49.20
N THR A 416 12.37 39.55 49.33
CA THR A 416 11.75 38.60 48.45
C THR A 416 11.79 39.12 47.02
N TYR A 417 12.04 38.20 46.08
CA TYR A 417 12.19 38.58 44.69
C TYR A 417 10.88 38.38 43.94
N ILE A 418 10.52 39.37 43.15
CA ILE A 418 9.24 39.36 42.45
C ILE A 418 9.32 38.34 41.33
N VAL A 419 8.25 37.55 41.16
CA VAL A 419 8.24 36.44 40.23
C VAL A 419 6.97 36.54 39.39
N THR A 420 7.07 37.16 38.22
CA THR A 420 5.92 37.21 37.34
C THR A 420 5.79 35.90 36.59
N THR A 421 4.56 35.57 36.25
CA THR A 421 4.29 34.38 35.46
C THR A 421 2.84 34.42 34.99
N ILE A 422 2.42 33.33 34.36
CA ILE A 422 1.17 33.29 33.64
C ILE A 422 0.44 32.00 33.99
N LEU A 423 -0.88 32.02 33.80
CA LEU A 423 -1.73 30.90 34.17
C LEU A 423 -1.95 30.06 32.91
N GLU A 424 -1.16 29.00 32.79
CA GLU A 424 -1.32 28.06 31.70
C GLU A 424 -1.04 26.68 32.26
N ASP A 425 -2.08 25.88 32.36
CA ASP A 425 -1.91 24.55 32.91
C ASP A 425 -0.93 23.77 32.03
N PRO A 426 -0.02 22.99 32.62
CA PRO A 426 0.30 22.74 34.03
C PRO A 426 1.47 23.52 34.58
N TYR A 427 1.99 24.43 33.77
CA TYR A 427 3.14 25.20 34.19
C TYR A 427 2.85 25.99 35.45
N VAL A 428 1.70 26.64 35.48
CA VAL A 428 1.19 27.26 36.70
C VAL A 428 -0.33 27.15 36.66
N MET A 429 -0.91 26.87 37.82
CA MET A 429 -2.36 26.74 37.94
C MET A 429 -2.76 27.16 39.34
N LEU A 430 -4.05 27.46 39.50
CA LEU A 430 -4.59 27.82 40.79
C LEU A 430 -5.00 26.54 41.52
N LYS A 431 -4.50 26.38 42.73
CA LYS A 431 -4.79 25.17 43.49
C LYS A 431 -6.28 25.03 43.70
N LYS A 432 -6.75 23.80 43.73
CA LYS A 432 -8.09 23.56 44.24
C LYS A 432 -8.15 24.06 45.67
N ASN A 433 -9.18 24.85 45.97
CA ASN A 433 -9.36 25.51 47.26
C ASN A 433 -8.44 26.70 47.42
N ALA A 434 -7.94 27.27 46.33
CA ALA A 434 -7.01 28.39 46.43
C ALA A 434 -7.62 29.54 47.22
N ASN A 435 -8.93 29.69 47.18
CA ASN A 435 -9.59 30.69 48.02
C ASN A 435 -9.28 30.45 49.49
N GLN A 436 -9.03 29.20 49.86
CA GLN A 436 -8.60 28.85 51.20
C GLN A 436 -7.11 29.01 51.42
N PHE A 437 -6.37 29.40 50.38
CA PHE A 437 -4.92 29.52 50.43
C PHE A 437 -4.52 30.96 50.11
N GLU A 438 -3.35 31.35 50.60
CA GLU A 438 -2.83 32.70 50.36
C GLU A 438 -1.35 32.61 50.04
N GLY A 439 -0.86 33.63 49.32
CA GLY A 439 0.56 33.75 49.06
C GLY A 439 1.01 32.77 48.00
N ASN A 440 2.30 32.41 48.06
CA ASN A 440 2.88 31.56 47.05
C ASN A 440 2.27 30.16 47.03
N ASP A 441 1.51 29.80 48.06
CA ASP A 441 0.81 28.53 48.09
C ASP A 441 -0.55 28.61 47.43
N ARG A 442 -0.84 29.69 46.71
CA ARG A 442 -2.09 29.78 45.97
C ARG A 442 -2.07 28.97 44.69
N TYR A 443 -0.89 28.83 44.08
CA TYR A 443 -0.76 28.23 42.76
C TYR A 443 0.03 26.93 42.84
N GLU A 444 -0.24 26.05 41.89
CA GLU A 444 0.51 24.83 41.70
C GLU A 444 0.84 24.68 40.23
N GLY A 445 2.01 24.11 39.95
CA GLY A 445 2.37 23.82 38.58
C GLY A 445 3.84 23.56 38.45
N TYR A 446 4.20 23.01 37.30
CA TYR A 446 5.59 22.70 37.01
C TYR A 446 6.50 23.85 37.41
N CYS A 447 6.28 25.02 36.81
CA CYS A 447 7.12 26.16 37.09
C CYS A 447 7.07 26.58 38.54
N VAL A 448 5.99 26.25 39.26
CA VAL A 448 5.95 26.53 40.69
C VAL A 448 7.07 25.79 41.39
N GLU A 449 7.08 24.46 41.27
CA GLU A 449 8.15 23.70 41.89
C GLU A 449 9.50 24.19 41.37
N LEU A 450 9.57 24.48 40.08
CA LEU A 450 10.85 24.85 39.49
C LEU A 450 11.43 26.08 40.16
N ALA A 451 10.61 27.13 40.27
CA ALA A 451 11.05 28.33 40.97
C ALA A 451 11.39 28.02 42.41
N ALA A 452 10.66 27.08 43.02
CA ALA A 452 11.00 26.68 44.37
C ALA A 452 12.44 26.21 44.44
N GLU A 453 12.83 25.27 43.57
CA GLU A 453 14.19 24.76 43.65
C GLU A 453 15.20 25.84 43.28
N ILE A 454 14.85 26.70 42.33
CA ILE A 454 15.81 27.71 41.90
C ILE A 454 16.12 28.65 43.05
N ALA A 455 15.08 29.17 43.71
CA ALA A 455 15.31 30.06 44.84
C ALA A 455 15.97 29.34 45.99
N LYS A 456 15.71 28.03 46.13
CA LYS A 456 16.44 27.25 47.12
C LYS A 456 17.93 27.27 46.82
N HIS A 457 18.27 27.10 45.54
CA HIS A 457 19.67 27.05 45.16
C HIS A 457 20.35 28.38 45.36
N VAL A 458 19.73 29.45 44.84
CA VAL A 458 20.34 30.77 44.93
C VAL A 458 20.14 31.38 46.32
N GLY A 459 19.36 30.75 47.18
CA GLY A 459 19.24 31.18 48.55
C GLY A 459 18.56 32.52 48.71
N TYR A 460 17.45 32.71 48.02
CA TYR A 460 16.65 33.92 48.16
C TYR A 460 15.19 33.51 48.33
N SER A 461 14.37 34.50 48.69
CA SER A 461 12.94 34.30 48.87
C SER A 461 12.22 34.87 47.66
N TYR A 462 11.16 34.18 47.23
CA TYR A 462 10.46 34.52 46.00
C TYR A 462 8.98 34.72 46.28
N ARG A 463 8.40 35.74 45.65
CA ARG A 463 6.99 36.05 45.78
C ARG A 463 6.34 35.89 44.41
N LEU A 464 5.34 35.02 44.34
CA LEU A 464 4.65 34.72 43.10
C LEU A 464 3.67 35.83 42.73
N GLU A 465 3.53 36.06 41.43
CA GLU A 465 2.59 37.03 40.91
C GLU A 465 2.21 36.62 39.49
N ILE A 466 0.92 36.73 39.18
CA ILE A 466 0.47 36.51 37.83
C ILE A 466 0.64 37.78 37.03
N VAL A 467 0.76 37.63 35.72
CA VAL A 467 0.82 38.77 34.82
C VAL A 467 -0.60 39.30 34.63
N SER A 468 -0.75 40.62 34.69
CA SER A 468 -2.08 41.21 34.64
C SER A 468 -2.84 40.76 33.40
N ASP A 469 -2.23 40.93 32.23
CA ASP A 469 -2.93 40.72 30.96
C ASP A 469 -3.23 39.26 30.68
N GLY A 470 -2.58 38.33 31.38
CA GLY A 470 -2.68 36.94 31.00
C GLY A 470 -2.12 36.65 29.63
N LYS A 471 -1.29 37.55 29.11
CA LYS A 471 -0.64 37.40 27.82
C LYS A 471 0.87 37.43 28.04
N TYR A 472 1.57 36.55 27.32
CA TYR A 472 2.97 36.29 27.60
C TYR A 472 3.81 37.54 27.44
N GLY A 473 3.91 38.02 26.21
CA GLY A 473 4.82 39.10 25.89
C GLY A 473 4.90 39.33 24.40
N ALA A 474 4.99 40.60 24.02
CA ALA A 474 5.16 41.01 22.63
C ALA A 474 5.32 42.52 22.63
N ARG A 475 5.59 43.07 21.45
CA ARG A 475 5.92 44.47 21.30
C ARG A 475 4.90 45.15 20.39
N ASP A 476 4.41 46.29 20.83
CA ASP A 476 3.58 47.11 19.95
C ASP A 476 4.47 47.71 18.86
N PRO A 477 4.12 47.56 17.58
CA PRO A 477 5.01 48.08 16.54
C PRO A 477 5.06 49.59 16.50
N ASP A 478 4.03 50.26 17.02
CA ASP A 478 3.97 51.72 16.98
C ASP A 478 4.54 52.32 18.26
N THR A 479 3.93 51.97 19.39
CA THR A 479 4.42 52.49 20.67
C THR A 479 5.76 51.88 21.05
N LYS A 480 6.11 50.72 20.48
CA LYS A 480 7.36 50.05 20.79
C LYS A 480 7.46 49.80 22.30
N ALA A 481 6.38 49.30 22.87
CA ALA A 481 6.29 48.98 24.28
C ALA A 481 6.27 47.46 24.47
N TRP A 482 6.52 47.06 25.72
CA TRP A 482 6.58 45.64 26.08
C TRP A 482 5.40 45.28 26.97
N ASN A 483 4.68 44.25 26.58
CA ASN A 483 3.51 43.79 27.32
C ASN A 483 3.83 42.48 28.04
N GLY A 484 2.85 42.02 28.83
CA GLY A 484 2.96 40.74 29.49
C GLY A 484 4.14 40.65 30.43
N MET A 485 4.70 39.44 30.51
CA MET A 485 5.81 39.20 31.43
C MET A 485 7.03 40.03 31.02
N VAL A 486 7.29 40.15 29.73
CA VAL A 486 8.45 40.93 29.30
C VAL A 486 8.24 42.40 29.64
N GLY A 487 7.02 42.90 29.46
CA GLY A 487 6.73 44.26 29.89
C GLY A 487 6.98 44.43 31.37
N GLU A 488 6.55 43.45 32.17
CA GLU A 488 6.73 43.53 33.61
C GLU A 488 8.21 43.59 33.97
N LEU A 489 9.02 42.77 33.29
CA LEU A 489 10.43 42.70 33.62
C LEU A 489 11.17 43.94 33.16
N VAL A 490 11.04 44.27 31.88
CA VAL A 490 11.85 45.32 31.28
C VAL A 490 11.62 46.64 32.00
N TYR A 491 10.36 46.96 32.28
CA TYR A 491 10.01 48.18 32.97
C TYR A 491 10.16 48.07 34.49
N GLY A 492 10.48 46.88 35.00
CA GLY A 492 10.86 46.72 36.38
C GLY A 492 9.76 46.32 37.32
N ARG A 493 8.56 46.02 36.81
CA ARG A 493 7.48 45.63 37.70
C ARG A 493 7.78 44.28 38.36
N ALA A 494 8.45 43.39 37.66
CA ALA A 494 8.78 42.07 38.19
C ALA A 494 10.28 41.85 38.11
N ASP A 495 10.79 41.04 39.03
CA ASP A 495 12.20 40.80 39.16
C ASP A 495 12.66 39.60 38.37
N VAL A 496 11.76 38.66 38.11
CA VAL A 496 12.08 37.41 37.44
C VAL A 496 10.83 36.86 36.78
N ALA A 497 11.03 36.15 35.68
CA ALA A 497 9.96 35.47 34.97
C ALA A 497 10.29 33.99 34.93
N VAL A 498 9.39 33.19 35.45
CA VAL A 498 9.54 31.75 35.44
C VAL A 498 8.30 31.16 34.82
N ALA A 499 8.31 31.06 33.51
CA ALA A 499 7.14 30.61 32.77
C ALA A 499 7.57 30.26 31.37
N PRO A 500 6.73 29.62 30.62
CA PRO A 500 7.08 29.35 29.23
C PRO A 500 7.18 30.65 28.49
N LEU A 501 8.41 31.08 28.35
CA LEU A 501 8.74 32.36 27.80
C LEU A 501 9.71 32.11 26.66
N THR A 502 9.14 31.76 25.50
CA THR A 502 9.94 31.22 24.44
C THR A 502 11.04 32.20 24.08
N ILE A 503 12.22 31.65 23.89
CA ILE A 503 13.37 32.46 23.52
C ILE A 503 13.32 32.74 22.03
N THR A 504 13.65 33.96 21.67
CA THR A 504 13.65 34.41 20.30
C THR A 504 14.57 35.61 20.23
N LEU A 505 14.88 36.02 19.00
CA LEU A 505 15.88 37.06 18.82
C LEU A 505 15.43 38.36 19.46
N VAL A 506 14.21 38.80 19.16
CA VAL A 506 13.76 40.13 19.59
C VAL A 506 13.74 40.22 21.11
N ARG A 507 13.18 39.23 21.78
CA ARG A 507 13.08 39.29 23.24
C ARG A 507 14.47 39.30 23.86
N GLU A 508 15.39 38.50 23.33
CA GLU A 508 16.70 38.38 23.93
C GLU A 508 17.51 39.65 23.83
N GLU A 509 17.20 40.51 22.85
CA GLU A 509 17.92 41.77 22.72
C GLU A 509 17.79 42.61 23.99
N VAL A 510 16.64 42.53 24.65
CA VAL A 510 16.28 43.50 25.66
C VAL A 510 16.31 42.94 27.07
N ILE A 511 16.38 41.62 27.23
CA ILE A 511 16.42 40.98 28.53
C ILE A 511 17.45 39.87 28.51
N ASP A 512 17.72 39.32 29.68
CA ASP A 512 18.70 38.25 29.85
C ASP A 512 17.93 36.96 30.05
N PHE A 513 17.96 36.10 29.05
CA PHE A 513 17.39 34.78 29.19
C PHE A 513 18.33 33.87 29.97
N SER A 514 17.94 32.62 30.10
CA SER A 514 18.76 31.60 30.72
C SER A 514 18.67 30.32 29.92
N LYS A 515 19.65 29.46 30.12
CA LYS A 515 19.71 28.22 29.37
C LYS A 515 18.40 27.50 29.58
N PRO A 516 17.82 26.95 28.51
CA PRO A 516 16.49 26.38 28.62
C PRO A 516 16.36 25.35 29.70
N PHE A 517 15.13 24.95 29.93
CA PHE A 517 14.78 23.87 30.82
C PHE A 517 13.71 22.98 30.22
N MET A 518 13.34 23.21 28.97
CA MET A 518 12.34 22.41 28.31
C MET A 518 12.29 22.81 26.86
N SER A 519 12.09 21.83 25.99
CA SER A 519 12.23 22.01 24.57
C SER A 519 10.91 21.68 23.89
N LEU A 520 10.69 22.28 22.74
CA LEU A 520 9.38 22.28 22.12
C LEU A 520 9.50 22.83 20.71
N GLY A 521 8.35 23.10 20.10
CA GLY A 521 8.29 23.56 18.74
C GLY A 521 6.87 23.92 18.39
N ILE A 522 6.69 24.38 17.17
CA ILE A 522 5.41 24.86 16.71
C ILE A 522 4.68 23.74 16.00
N SER A 523 3.45 23.48 16.44
CA SER A 523 2.76 22.24 16.14
C SER A 523 1.28 22.49 15.99
N ILE A 524 0.63 21.52 15.37
CA ILE A 524 -0.78 21.58 15.01
C ILE A 524 -1.60 20.76 16.00
N MET A 525 -2.72 21.34 16.44
CA MET A 525 -3.68 20.67 17.28
C MET A 525 -5.03 20.60 16.56
N ILE A 526 -5.68 19.45 16.66
CA ILE A 526 -6.90 19.14 15.94
C ILE A 526 -7.90 18.51 16.90
N LYS A 527 -9.18 18.62 16.53
CA LYS A 527 -10.24 17.87 17.20
C LYS A 527 -10.18 16.42 16.74
N LYS A 528 -10.30 15.50 17.68
CA LYS A 528 -10.24 14.09 17.34
C LYS A 528 -11.41 13.74 16.43
N PRO A 529 -11.17 13.18 15.24
CA PRO A 529 -12.27 12.66 14.43
C PRO A 529 -12.87 11.39 15.03
N GLN A 530 -13.82 10.79 14.34
CA GLN A 530 -14.49 9.59 14.85
C GLN A 530 -13.48 8.47 15.05
N LYS A 531 -13.51 7.87 16.23
CA LYS A 531 -12.62 6.75 16.51
C LYS A 531 -12.90 5.58 15.59
N SER A 532 -14.17 5.31 15.31
CA SER A 532 -14.56 4.18 14.47
C SER A 532 -13.97 2.89 15.01
N LYS A 533 -13.86 2.81 16.33
CA LYS A 533 -13.17 1.70 16.96
C LYS A 533 -13.86 0.40 16.57
N PRO A 534 -13.09 -0.66 16.28
CA PRO A 534 -13.70 -1.97 16.02
C PRO A 534 -14.24 -2.57 17.30
N GLY A 535 -15.53 -2.85 17.31
CA GLY A 535 -16.17 -3.38 18.50
C GLY A 535 -15.89 -4.84 18.73
N VAL A 536 -16.90 -5.57 19.22
CA VAL A 536 -16.75 -6.99 19.49
C VAL A 536 -17.48 -7.79 18.42
N PHE A 537 -18.51 -7.21 17.84
CA PHE A 537 -19.10 -7.75 16.61
C PHE A 537 -18.55 -7.06 15.39
N SER A 538 -17.23 -7.09 15.27
CA SER A 538 -16.55 -6.55 14.12
C SER A 538 -16.36 -7.56 13.02
N PHE A 539 -16.71 -8.81 13.27
CA PHE A 539 -16.60 -9.85 12.26
C PHE A 539 -17.78 -9.88 11.32
N LEU A 540 -18.77 -9.00 11.52
CA LEU A 540 -19.88 -8.86 10.59
C LEU A 540 -19.70 -7.69 9.65
N ASP A 541 -18.81 -6.77 9.97
CA ASP A 541 -18.65 -5.53 9.24
C ASP A 541 -18.41 -5.76 7.75
N PRO A 542 -17.65 -6.79 7.38
CA PRO A 542 -17.37 -7.01 5.97
C PRO A 542 -18.60 -7.25 5.15
N LEU A 543 -19.70 -7.62 5.77
CA LEU A 543 -20.96 -7.81 5.10
C LEU A 543 -22.05 -7.05 5.83
N ALA A 544 -22.68 -6.13 5.11
CA ALA A 544 -23.69 -5.28 5.67
C ALA A 544 -24.80 -6.07 6.33
N TYR A 545 -25.51 -5.39 7.21
CA TYR A 545 -26.67 -5.94 7.89
C TYR A 545 -27.67 -6.51 6.89
N GLU A 546 -27.81 -5.86 5.75
CA GLU A 546 -28.78 -6.28 4.76
C GLU A 546 -28.39 -7.62 4.18
N ILE A 547 -27.10 -7.82 3.95
CA ILE A 547 -26.64 -9.07 3.35
C ILE A 547 -26.85 -10.21 4.31
N TRP A 548 -26.57 -10.00 5.59
CA TRP A 548 -26.80 -11.06 6.55
C TRP A 548 -28.27 -11.41 6.61
N MET A 549 -29.12 -10.40 6.62
CA MET A 549 -30.55 -10.67 6.59
C MET A 549 -30.94 -11.49 5.39
N CYS A 550 -30.50 -11.08 4.21
CA CYS A 550 -30.97 -11.72 2.99
C CYS A 550 -30.31 -13.07 2.81
N ILE A 551 -29.17 -13.29 3.44
CA ILE A 551 -28.59 -14.62 3.54
C ILE A 551 -29.47 -15.54 4.36
N VAL A 552 -29.98 -15.05 5.47
CA VAL A 552 -30.88 -15.87 6.25
C VAL A 552 -32.12 -16.19 5.46
N PHE A 553 -32.64 -15.19 4.77
CA PHE A 553 -33.80 -15.39 3.92
C PHE A 553 -33.54 -16.44 2.86
N ALA A 554 -32.39 -16.37 2.21
CA ALA A 554 -32.05 -17.35 1.21
C ALA A 554 -31.84 -18.73 1.78
N TYR A 555 -31.28 -18.83 2.97
CA TYR A 555 -31.18 -20.12 3.64
C TYR A 555 -32.54 -20.74 3.84
N ILE A 556 -33.49 -19.96 4.33
CA ILE A 556 -34.83 -20.47 4.53
C ILE A 556 -35.46 -20.84 3.20
N GLY A 557 -35.27 -19.99 2.19
CA GLY A 557 -35.78 -20.29 0.85
C GLY A 557 -35.22 -21.58 0.31
N VAL A 558 -33.88 -21.68 0.19
CA VAL A 558 -33.22 -22.90 -0.35
C VAL A 558 -33.73 -24.13 0.40
N SER A 559 -33.71 -24.10 1.74
CA SER A 559 -34.11 -25.30 2.53
C SER A 559 -35.54 -25.70 2.23
N VAL A 560 -36.48 -24.74 2.26
CA VAL A 560 -37.92 -25.06 2.03
C VAL A 560 -38.07 -25.62 0.60
N VAL A 561 -37.40 -25.01 -0.39
CA VAL A 561 -37.53 -25.48 -1.75
C VAL A 561 -37.01 -26.87 -1.90
N LEU A 562 -35.94 -27.18 -1.19
CA LEU A 562 -35.29 -28.46 -1.36
C LEU A 562 -36.12 -29.55 -0.73
N PHE A 563 -36.69 -29.26 0.43
CA PHE A 563 -37.68 -30.12 1.03
C PHE A 563 -38.78 -30.44 0.06
N LEU A 564 -39.31 -29.40 -0.55
CA LEU A 564 -40.43 -29.53 -1.47
C LEU A 564 -40.09 -30.41 -2.65
N VAL A 565 -39.12 -29.99 -3.47
CA VAL A 565 -38.81 -30.73 -4.68
C VAL A 565 -38.37 -32.14 -4.36
N SER A 566 -37.83 -32.34 -3.17
CA SER A 566 -37.37 -33.67 -2.81
C SER A 566 -38.53 -34.55 -2.39
N ARG A 567 -39.57 -33.97 -1.79
CA ARG A 567 -40.58 -34.78 -1.15
C ARG A 567 -41.85 -34.97 -1.95
N PHE A 568 -41.99 -34.34 -3.11
CA PHE A 568 -43.07 -34.73 -3.99
C PHE A 568 -42.55 -35.17 -5.35
N ASN A 591 -35.57 -40.40 -0.29
CA ASN A 591 -35.00 -39.13 0.12
C ASN A 591 -35.14 -38.90 1.61
N GLU A 592 -34.10 -38.35 2.20
CA GLU A 592 -34.02 -38.02 3.61
C GLU A 592 -34.10 -36.52 3.79
N PHE A 593 -34.64 -35.83 2.79
CA PHE A 593 -34.63 -34.37 2.76
C PHE A 593 -35.92 -33.79 3.30
N GLY A 594 -36.24 -34.14 4.52
CA GLY A 594 -37.21 -33.37 5.24
C GLY A 594 -36.75 -31.94 5.37
N ILE A 595 -37.58 -31.17 6.07
CA ILE A 595 -37.20 -29.80 6.34
C ILE A 595 -36.07 -29.76 7.35
N PHE A 596 -36.12 -30.64 8.33
CA PHE A 596 -35.16 -30.62 9.41
C PHE A 596 -33.76 -30.97 8.93
N ASN A 597 -33.66 -31.88 7.98
CA ASN A 597 -32.40 -32.20 7.35
C ASN A 597 -32.04 -31.26 6.21
N SER A 598 -33.02 -30.61 5.60
CA SER A 598 -32.73 -29.66 4.54
C SER A 598 -32.08 -28.40 5.08
N LEU A 599 -32.59 -27.91 6.19
CA LEU A 599 -31.99 -26.75 6.83
C LEU A 599 -30.57 -27.07 7.26
N TRP A 600 -30.34 -28.30 7.71
CA TRP A 600 -29.01 -28.76 7.99
C TRP A 600 -28.13 -28.74 6.74
N PHE A 601 -28.51 -29.50 5.72
CA PHE A 601 -27.71 -29.56 4.51
C PHE A 601 -27.37 -28.19 3.99
N SER A 602 -28.32 -27.27 4.02
CA SER A 602 -28.08 -25.92 3.57
C SER A 602 -27.41 -25.06 4.61
N LEU A 603 -27.12 -25.62 5.77
CA LEU A 603 -26.29 -24.92 6.74
C LEU A 603 -24.86 -25.44 6.70
N GLY A 604 -24.69 -26.71 6.43
CA GLY A 604 -23.35 -27.22 6.24
C GLY A 604 -22.71 -26.61 5.01
N ALA A 605 -23.44 -26.61 3.91
CA ALA A 605 -22.93 -26.10 2.65
C ALA A 605 -22.44 -24.67 2.78
N PHE A 606 -23.11 -23.87 3.59
CA PHE A 606 -22.71 -22.48 3.71
C PHE A 606 -21.41 -22.35 4.48
N MET A 607 -21.23 -23.19 5.49
CA MET A 607 -20.05 -23.16 6.31
C MET A 607 -18.93 -24.01 5.76
N GLN A 608 -19.21 -24.82 4.76
CA GLN A 608 -18.22 -25.65 4.08
C GLN A 608 -17.74 -26.76 4.98
N GLN A 609 -18.61 -27.23 5.87
CA GLN A 609 -18.25 -28.23 6.84
C GLN A 609 -18.92 -29.55 6.56
N GLY A 610 -19.40 -29.73 5.36
CA GLY A 610 -19.69 -31.05 4.87
C GLY A 610 -21.15 -31.24 4.58
N CYS A 611 -21.52 -32.49 4.35
CA CYS A 611 -22.89 -32.83 4.02
C CYS A 611 -23.09 -34.30 4.35
N ASP A 612 -23.85 -34.56 5.40
CA ASP A 612 -24.24 -35.93 5.71
C ASP A 612 -24.99 -36.56 4.56
N ILE A 613 -25.55 -35.74 3.68
CA ILE A 613 -26.40 -36.21 2.60
C ILE A 613 -26.17 -35.36 1.37
N SER A 614 -26.33 -35.98 0.21
CA SER A 614 -26.24 -35.25 -1.03
C SER A 614 -27.43 -35.61 -1.90
N PRO A 615 -28.03 -34.64 -2.55
CA PRO A 615 -29.24 -34.90 -3.33
C PRO A 615 -28.98 -35.85 -4.49
N ARG A 616 -29.97 -36.69 -4.77
CA ARG A 616 -29.90 -37.61 -5.87
C ARG A 616 -30.83 -37.23 -7.01
N SER A 617 -31.74 -36.31 -6.78
CA SER A 617 -32.68 -35.84 -7.78
C SER A 617 -32.09 -34.71 -8.59
N LEU A 618 -32.66 -34.51 -9.77
CA LEU A 618 -32.26 -33.39 -10.61
C LEU A 618 -32.60 -32.06 -9.95
N SER A 619 -33.77 -31.97 -9.34
CA SER A 619 -34.19 -30.73 -8.70
C SER A 619 -33.35 -30.45 -7.46
N GLY A 620 -33.23 -31.44 -6.59
CA GLY A 620 -32.39 -31.27 -5.43
C GLY A 620 -30.97 -30.90 -5.82
N ARG A 621 -30.47 -31.51 -6.87
CA ARG A 621 -29.12 -31.21 -7.33
C ARG A 621 -29.00 -29.82 -7.90
N ILE A 622 -29.99 -29.35 -8.65
CA ILE A 622 -29.96 -27.98 -9.12
C ILE A 622 -29.92 -27.01 -7.97
N VAL A 623 -30.73 -27.23 -6.94
CA VAL A 623 -30.73 -26.33 -5.81
C VAL A 623 -29.45 -26.40 -5.01
N GLY A 624 -28.90 -27.57 -4.81
CA GLY A 624 -27.67 -27.70 -4.11
C GLY A 624 -26.57 -27.00 -4.87
N GLY A 625 -26.60 -27.11 -6.18
CA GLY A 625 -25.57 -26.54 -7.01
C GLY A 625 -25.67 -25.07 -7.16
N VAL A 626 -26.76 -24.52 -6.70
CA VAL A 626 -26.93 -23.09 -6.68
C VAL A 626 -26.59 -22.52 -5.32
N TRP A 627 -27.03 -23.21 -4.27
CA TRP A 627 -26.62 -22.77 -2.91
C TRP A 627 -25.09 -22.82 -2.84
N TRP A 628 -24.47 -23.88 -3.37
CA TRP A 628 -23.02 -23.99 -3.31
C TRP A 628 -22.34 -22.81 -3.96
N PHE A 629 -22.83 -22.39 -5.12
CA PHE A 629 -22.26 -21.26 -5.82
C PHE A 629 -22.46 -19.97 -5.06
N PHE A 630 -23.70 -19.71 -4.67
CA PHE A 630 -24.00 -18.59 -3.79
C PHE A 630 -23.06 -18.55 -2.60
N THR A 631 -22.95 -19.67 -1.93
CA THR A 631 -22.02 -19.83 -0.83
C THR A 631 -20.62 -19.41 -1.20
N LEU A 632 -20.10 -19.93 -2.29
CA LEU A 632 -18.72 -19.68 -2.63
C LEU A 632 -18.48 -18.21 -2.81
N ILE A 633 -19.38 -17.56 -3.53
CA ILE A 633 -19.21 -16.14 -3.79
C ILE A 633 -19.26 -15.37 -2.49
N ILE A 634 -20.26 -15.66 -1.67
CA ILE A 634 -20.45 -14.90 -0.45
C ILE A 634 -19.28 -15.09 0.49
N ILE A 635 -18.84 -16.33 0.66
CA ILE A 635 -17.78 -16.62 1.59
C ILE A 635 -16.46 -16.06 1.12
N SER A 636 -16.13 -16.25 -0.15
CA SER A 636 -14.93 -15.65 -0.69
C SER A 636 -14.94 -14.15 -0.49
N SER A 637 -16.08 -13.52 -0.76
CA SER A 637 -16.23 -12.10 -0.55
C SER A 637 -15.96 -11.72 0.88
N TYR A 638 -16.60 -12.43 1.80
CA TYR A 638 -16.47 -12.10 3.21
C TYR A 638 -15.04 -12.24 3.66
N THR A 639 -14.36 -13.30 3.27
CA THR A 639 -13.01 -13.52 3.70
C THR A 639 -12.04 -12.52 3.11
N ALA A 640 -12.14 -12.27 1.80
CA ALA A 640 -11.29 -11.29 1.18
C ALA A 640 -11.47 -9.91 1.79
N ASN A 641 -12.71 -9.49 1.97
CA ASN A 641 -12.92 -8.20 2.59
C ASN A 641 -12.49 -8.20 4.05
N LEU A 642 -12.58 -9.35 4.72
CA LEU A 642 -12.07 -9.44 6.07
C LEU A 642 -10.58 -9.17 6.10
N ALA A 643 -9.84 -9.84 5.23
CA ALA A 643 -8.43 -9.54 5.09
C ALA A 643 -8.22 -8.07 4.78
N ALA A 644 -9.12 -7.49 4.00
CA ALA A 644 -9.01 -6.09 3.65
C ALA A 644 -9.16 -5.21 4.89
N PHE A 645 -10.01 -5.62 5.82
CA PHE A 645 -10.18 -4.85 7.05
C PHE A 645 -8.98 -5.02 7.96
N LEU A 646 -8.65 -6.27 8.27
CA LEU A 646 -7.65 -6.55 9.29
C LEU A 646 -6.29 -5.99 8.90
N THR A 647 -5.93 -6.09 7.63
CA THR A 647 -4.66 -5.54 7.17
C THR A 647 -4.75 -4.06 6.86
N VAL A 648 -5.90 -3.43 7.11
CA VAL A 648 -6.10 -2.01 6.87
C VAL A 648 -6.91 -1.42 8.01
N GLU A 649 -6.25 -0.77 8.95
CA GLU A 649 -6.91 -0.01 9.99
C GLU A 649 -6.66 1.48 9.79
N ARG A 650 -7.36 2.29 10.57
CA ARG A 650 -7.31 3.74 10.42
C ARG A 650 -5.88 4.26 10.34
N MET A 651 -5.51 4.79 9.17
CA MET A 651 -4.17 5.33 8.94
C MET A 651 -4.25 6.61 8.12
N VAL A 652 -5.23 7.45 8.42
CA VAL A 652 -5.54 8.61 7.58
C VAL A 652 -5.74 9.83 8.47
N SER A 653 -5.25 10.98 7.99
CA SER A 653 -5.55 12.28 8.56
C SER A 653 -5.30 13.28 7.43
N PRO A 654 -6.21 14.23 7.22
CA PRO A 654 -6.11 15.11 6.06
C PRO A 654 -4.90 16.05 6.05
N ILE A 655 -4.77 16.88 7.08
CA ILE A 655 -3.74 17.92 7.09
C ILE A 655 -2.37 17.27 7.24
N GLU A 656 -2.15 16.63 8.38
CA GLU A 656 -1.01 15.73 8.61
C GLU A 656 0.33 16.36 8.26
N SER A 657 0.39 17.66 8.07
CA SER A 657 1.62 18.36 7.72
C SER A 657 1.38 19.86 7.82
N ALA A 658 2.31 20.65 7.28
CA ALA A 658 2.21 22.09 7.23
C ALA A 658 1.81 22.62 5.87
N GLU A 659 2.36 22.04 4.80
CA GLU A 659 1.97 22.42 3.45
C GLU A 659 0.47 22.28 3.26
N ASP A 660 -0.07 21.11 3.60
CA ASP A 660 -1.51 20.91 3.49
C ASP A 660 -2.26 21.99 4.25
N LEU A 661 -1.92 22.19 5.52
CA LEU A 661 -2.62 23.19 6.32
C LEU A 661 -2.64 24.53 5.60
N ALA A 662 -1.50 24.95 5.08
CA ALA A 662 -1.46 26.20 4.33
C ALA A 662 -2.25 26.13 3.04
N LYS A 663 -2.56 24.92 2.57
CA LYS A 663 -3.35 24.77 1.35
C LYS A 663 -4.85 24.72 1.60
N GLN A 664 -5.25 24.28 2.79
CA GLN A 664 -6.67 24.12 3.07
C GLN A 664 -7.33 25.47 3.26
N THR A 665 -8.64 25.50 3.02
CA THR A 665 -9.44 26.71 3.14
C THR A 665 -10.75 26.51 3.88
N GLU A 666 -11.27 25.29 3.96
CA GLU A 666 -12.45 25.03 4.77
C GLU A 666 -12.12 25.06 6.25
N ILE A 667 -10.85 25.14 6.62
CA ILE A 667 -10.41 25.08 7.99
C ILE A 667 -9.90 26.44 8.42
N ALA A 668 -9.99 26.70 9.71
CA ALA A 668 -9.41 27.89 10.32
C ALA A 668 -8.18 27.49 11.12
N TYR A 669 -7.16 28.36 11.10
CA TYR A 669 -5.98 28.12 11.89
C TYR A 669 -5.26 29.42 12.15
N GLY A 670 -4.79 29.59 13.38
CA GLY A 670 -4.09 30.80 13.79
C GLY A 670 -3.22 30.55 14.99
N THR A 671 -3.00 31.60 15.76
CA THR A 671 -1.98 31.61 16.80
C THR A 671 -2.58 32.21 18.06
N LEU A 672 -1.71 32.54 19.00
CA LEU A 672 -2.06 33.28 20.19
C LEU A 672 -1.46 34.67 20.11
N GLU A 673 -2.26 35.68 20.40
CA GLU A 673 -1.76 37.04 20.47
C GLU A 673 -0.85 37.19 21.68
N ALA A 674 0.15 38.05 21.53
CA ALA A 674 1.08 38.37 22.61
C ALA A 674 2.00 37.20 22.92
N GLY A 675 2.52 36.56 21.87
CA GLY A 675 3.40 35.43 22.04
C GLY A 675 4.32 35.30 20.85
N SER A 676 5.28 34.38 20.96
CA SER A 676 6.28 34.23 19.93
C SER A 676 5.85 33.34 18.78
N THR A 677 4.75 32.61 18.90
CA THR A 677 4.23 31.87 17.76
C THR A 677 3.76 32.81 16.67
N LYS A 678 2.95 33.81 17.06
CA LYS A 678 2.53 34.82 16.10
C LYS A 678 3.72 35.52 15.51
N GLU A 679 4.70 35.86 16.35
CA GLU A 679 5.91 36.53 15.87
C GLU A 679 6.61 35.66 14.84
N PHE A 680 6.75 34.37 15.11
CA PHE A 680 7.44 33.49 14.18
C PHE A 680 6.72 33.43 12.86
N PHE A 681 5.40 33.25 12.89
CA PHE A 681 4.66 33.19 11.64
C PHE A 681 4.77 34.50 10.88
N ARG A 682 4.70 35.61 11.58
CA ARG A 682 4.71 36.92 10.94
C ARG A 682 6.05 37.22 10.33
N ARG A 683 7.13 36.84 10.99
CA ARG A 683 8.47 37.17 10.57
C ARG A 683 9.09 36.10 9.69
N SER A 684 8.37 35.02 9.45
CA SER A 684 8.93 33.91 8.69
C SER A 684 9.26 34.34 7.28
N LYS A 685 10.41 33.88 6.79
CA LYS A 685 10.83 34.09 5.42
C LYS A 685 10.64 32.82 4.58
N ILE A 686 9.81 31.90 5.05
CA ILE A 686 9.58 30.64 4.37
C ILE A 686 8.30 30.73 3.54
N ALA A 687 8.16 29.82 2.59
CA ALA A 687 7.00 29.82 1.71
C ALA A 687 5.72 29.46 2.47
N VAL A 688 5.68 28.26 3.03
CA VAL A 688 4.47 27.81 3.70
C VAL A 688 4.13 28.73 4.86
N PHE A 689 5.15 29.10 5.64
CA PHE A 689 4.92 29.98 6.78
C PHE A 689 4.44 31.35 6.32
N GLU A 690 5.03 31.87 5.24
CA GLU A 690 4.58 33.15 4.71
C GLU A 690 3.12 33.10 4.30
N LYS A 691 2.72 32.03 3.59
CA LYS A 691 1.34 31.90 3.16
C LYS A 691 0.41 31.77 4.35
N MET A 692 0.82 31.01 5.36
CA MET A 692 -0.01 30.85 6.55
C MET A 692 -0.15 32.17 7.29
N TRP A 693 0.90 32.98 7.27
CA TRP A 693 0.80 34.30 7.86
C TRP A 693 -0.17 35.17 7.09
N THR A 694 -0.11 35.11 5.76
CA THR A 694 -1.07 35.81 4.94
C THR A 694 -2.49 35.42 5.32
N TYR A 695 -2.76 34.11 5.39
CA TYR A 695 -4.09 33.64 5.75
C TYR A 695 -4.49 34.15 7.12
N MET A 696 -3.62 33.99 8.11
CA MET A 696 -3.96 34.36 9.48
C MET A 696 -4.22 35.86 9.61
N LYS A 697 -3.48 36.67 8.85
CA LYS A 697 -3.55 38.12 8.97
C LYS A 697 -4.79 38.70 8.33
N SER A 698 -5.61 37.88 7.66
CA SER A 698 -6.73 38.38 6.88
C SER A 698 -8.01 37.58 7.05
N ALA A 699 -8.01 36.51 7.84
CA ALA A 699 -9.20 35.68 7.97
C ALA A 699 -10.19 36.32 8.93
N GLU A 700 -11.45 36.36 8.52
CA GLU A 700 -12.53 36.93 9.30
C GLU A 700 -13.52 35.83 9.63
N PRO A 701 -13.83 35.57 10.91
CA PRO A 701 -13.37 36.33 12.07
C PRO A 701 -11.89 36.09 12.39
N SER A 702 -11.36 36.85 13.34
CA SER A 702 -9.96 36.72 13.73
C SER A 702 -9.65 35.29 14.17
N VAL A 703 -8.85 34.57 13.38
CA VAL A 703 -8.45 33.22 13.76
C VAL A 703 -7.66 33.23 15.05
N PHE A 704 -7.00 34.34 15.36
CA PHE A 704 -6.25 34.43 16.61
C PHE A 704 -7.20 34.27 17.78
N VAL A 705 -6.61 34.15 18.97
CA VAL A 705 -7.37 34.25 20.21
C VAL A 705 -6.54 35.05 21.20
N ARG A 706 -7.00 35.12 22.43
CA ARG A 706 -6.28 35.80 23.50
C ARG A 706 -5.66 34.83 24.48
N THR A 707 -6.23 33.64 24.64
CA THR A 707 -5.71 32.64 25.55
C THR A 707 -5.67 31.29 24.84
N THR A 708 -4.61 30.53 25.14
CA THR A 708 -4.53 29.17 24.62
C THR A 708 -5.79 28.40 24.94
N GLU A 709 -6.38 28.67 26.10
CA GLU A 709 -7.63 28.02 26.45
C GLU A 709 -8.73 28.39 25.47
N GLU A 710 -8.73 29.64 25.01
CA GLU A 710 -9.74 30.06 24.06
C GLU A 710 -9.63 29.27 22.76
N GLY A 711 -8.41 29.14 22.24
CA GLY A 711 -8.23 28.35 21.04
C GLY A 711 -8.56 26.89 21.25
N MET A 712 -8.23 26.37 22.43
CA MET A 712 -8.58 25.00 22.78
C MET A 712 -10.09 24.79 22.70
N ILE A 713 -10.84 25.66 23.37
CA ILE A 713 -12.28 25.51 23.40
C ILE A 713 -12.85 25.76 22.01
N ARG A 714 -12.20 26.60 21.22
CA ARG A 714 -12.63 26.82 19.85
C ARG A 714 -12.52 25.54 19.03
N VAL A 715 -11.36 24.91 19.04
CA VAL A 715 -11.17 23.68 18.27
C VAL A 715 -12.10 22.59 18.78
N ARG A 716 -12.21 22.45 20.10
CA ARG A 716 -13.15 21.49 20.66
C ARG A 716 -14.57 21.77 20.15
N LYS A 717 -14.93 23.05 20.03
CA LYS A 717 -16.22 23.47 19.51
C LYS A 717 -16.10 24.08 18.12
N SER A 718 -15.17 23.56 17.32
CA SER A 718 -15.01 23.99 15.93
C SER A 718 -15.55 22.98 14.94
N LYS A 719 -15.89 21.77 15.38
CA LYS A 719 -16.42 20.75 14.49
C LYS A 719 -15.46 20.49 13.33
N GLY A 720 -14.17 20.37 13.66
CA GLY A 720 -13.16 20.16 12.65
C GLY A 720 -12.86 21.38 11.80
N LYS A 721 -13.36 22.55 12.19
CA LYS A 721 -13.22 23.76 11.41
C LYS A 721 -12.18 24.72 11.97
N TYR A 722 -11.52 24.36 13.07
CA TYR A 722 -10.41 25.14 13.59
C TYR A 722 -9.25 24.21 13.90
N ALA A 723 -8.06 24.61 13.49
CA ALA A 723 -6.84 23.85 13.74
C ALA A 723 -5.81 24.81 14.34
N TYR A 724 -5.44 24.58 15.59
CA TYR A 724 -4.70 25.56 16.36
C TYR A 724 -3.21 25.31 16.22
N LEU A 725 -2.45 26.37 15.97
CA LEU A 725 -1.00 26.28 15.89
C LEU A 725 -0.41 26.87 17.15
N LEU A 726 0.26 26.02 17.93
CA LEU A 726 0.78 26.45 19.21
C LEU A 726 2.04 25.66 19.48
N GLU A 727 2.41 25.57 20.75
CA GLU A 727 3.56 24.78 21.12
C GLU A 727 3.22 23.30 21.11
N SER A 728 4.19 22.49 21.50
CA SER A 728 4.00 21.04 21.51
C SER A 728 3.77 20.52 22.91
N THR A 729 4.36 21.15 23.92
CA THR A 729 4.14 20.74 25.29
C THR A 729 2.66 20.79 25.63
N MET A 730 2.04 21.94 25.37
CA MET A 730 0.64 22.10 25.69
C MET A 730 -0.22 21.20 24.84
N ASN A 731 0.13 21.03 23.57
CA ASN A 731 -0.60 20.10 22.73
C ASN A 731 -0.66 18.73 23.40
N GLU A 732 0.51 18.23 23.83
CA GLU A 732 0.55 16.92 24.46
C GLU A 732 -0.25 16.89 25.75
N TYR A 733 -0.04 17.88 26.62
CA TYR A 733 -0.75 17.91 27.88
C TYR A 733 -2.26 17.92 27.68
N ILE A 734 -2.74 18.83 26.83
CA ILE A 734 -4.16 18.87 26.51
C ILE A 734 -4.65 17.52 26.00
N GLU A 735 -3.89 16.88 25.11
CA GLU A 735 -4.31 15.58 24.61
C GLU A 735 -4.44 14.59 25.75
N GLN A 736 -3.57 14.68 26.75
CA GLN A 736 -3.58 13.71 27.84
C GLN A 736 -4.79 13.90 28.74
N ARG A 737 -5.09 15.14 29.13
CA ARG A 737 -6.16 15.38 30.09
C ARG A 737 -7.52 15.22 29.43
N LYS A 738 -8.49 14.83 30.25
CA LYS A 738 -9.87 14.76 29.78
C LYS A 738 -10.34 16.18 29.44
N PRO A 739 -11.18 16.36 28.42
CA PRO A 739 -11.90 15.41 27.56
C PRO A 739 -11.01 14.46 26.80
N CYS A 740 -9.76 14.85 26.58
CA CYS A 740 -8.83 14.06 25.78
C CYS A 740 -9.35 13.95 24.35
N ASP A 741 -10.02 15.01 23.89
CA ASP A 741 -10.72 15.04 22.61
C ASP A 741 -9.91 15.73 21.52
N THR A 742 -8.63 15.98 21.76
CA THR A 742 -7.76 16.63 20.81
C THR A 742 -6.62 15.69 20.41
N MET A 743 -5.85 16.12 19.42
CA MET A 743 -4.62 15.40 19.11
C MET A 743 -3.63 16.35 18.46
N LYS A 744 -2.35 16.18 18.79
CA LYS A 744 -1.29 16.75 17.99
C LYS A 744 -1.26 16.06 16.64
N VAL A 745 -0.82 16.81 15.63
CA VAL A 745 -0.65 16.25 14.30
C VAL A 745 0.59 16.87 13.67
N GLY A 746 1.18 16.14 12.75
CA GLY A 746 2.33 16.63 12.01
C GLY A 746 3.55 16.79 12.87
N GLY A 747 4.71 16.80 12.23
CA GLY A 747 5.94 17.10 12.93
C GLY A 747 6.07 18.57 13.22
N ASN A 748 6.83 18.88 14.26
CA ASN A 748 6.95 20.25 14.69
C ASN A 748 7.61 21.08 13.61
N LEU A 749 7.06 22.28 13.39
CA LEU A 749 7.56 23.14 12.32
C LEU A 749 8.98 23.60 12.62
N ASP A 750 9.29 23.88 13.87
CA ASP A 750 10.59 24.40 14.26
C ASP A 750 11.00 23.70 15.54
N SER A 751 11.97 24.28 16.24
CA SER A 751 12.44 23.69 17.49
C SER A 751 13.13 24.77 18.30
N LYS A 752 12.61 25.04 19.49
CA LYS A 752 13.15 26.05 20.38
C LYS A 752 12.87 25.59 21.80
N GLY A 753 12.97 26.51 22.75
CA GLY A 753 12.90 26.14 24.14
C GLY A 753 12.40 27.26 25.01
N TYR A 754 11.86 26.87 26.16
CA TYR A 754 11.48 27.83 27.16
C TYR A 754 12.72 28.41 27.80
N GLY A 755 12.50 29.11 28.91
CA GLY A 755 13.59 29.75 29.57
C GLY A 755 13.17 30.80 30.57
N ILE A 756 13.85 30.78 31.71
CA ILE A 756 13.77 31.86 32.65
C ILE A 756 14.29 33.14 32.01
N ALA A 757 13.85 34.26 32.55
CA ALA A 757 14.20 35.57 32.04
C ALA A 757 14.44 36.53 33.20
N THR A 758 15.23 37.55 32.93
CA THR A 758 15.57 38.56 33.91
C THR A 758 15.80 39.87 33.19
N PRO A 759 15.76 40.99 33.91
CA PRO A 759 16.05 42.28 33.28
C PRO A 759 17.47 42.34 32.77
N LYS A 760 17.66 43.05 31.65
CA LYS A 760 18.97 43.16 31.05
C LYS A 760 19.97 43.73 32.05
N GLY A 761 21.13 43.07 32.14
CA GLY A 761 22.19 43.54 32.99
C GLY A 761 22.08 43.14 34.45
N SER A 762 21.00 42.47 34.83
CA SER A 762 20.84 42.07 36.22
C SER A 762 22.02 41.23 36.68
N ALA A 763 22.13 41.07 37.99
CA ALA A 763 23.19 40.29 38.59
C ALA A 763 22.73 38.90 39.01
N LEU A 764 21.49 38.53 38.68
CA LEU A 764 20.93 37.26 39.11
C LEU A 764 21.10 36.16 38.06
N ARG A 765 21.39 36.52 36.82
CA ARG A 765 21.32 35.54 35.74
C ARG A 765 22.26 34.37 35.96
N GLY A 766 23.49 34.63 36.40
CA GLY A 766 24.49 33.60 36.52
C GLY A 766 24.06 32.44 37.38
N PRO A 767 23.70 32.73 38.63
CA PRO A 767 23.22 31.66 39.51
C PRO A 767 22.03 30.92 38.94
N VAL A 768 21.15 31.63 38.23
CA VAL A 768 19.96 30.97 37.69
C VAL A 768 20.36 29.97 36.61
N ASN A 769 21.26 30.38 35.71
CA ASN A 769 21.71 29.45 34.69
C ASN A 769 22.38 28.24 35.31
N LEU A 770 23.24 28.46 36.31
CA LEU A 770 23.91 27.33 36.93
C LEU A 770 22.91 26.42 37.61
N ALA A 771 21.90 26.99 38.26
CA ALA A 771 20.87 26.18 38.88
C ALA A 771 20.15 25.35 37.85
N VAL A 772 19.82 25.96 36.72
CA VAL A 772 19.10 25.25 35.67
C VAL A 772 19.90 24.03 35.23
N LEU A 773 21.19 24.23 34.99
CA LEU A 773 22.02 23.13 34.53
C LEU A 773 22.13 22.05 35.59
N LYS A 774 22.27 22.46 36.85
CA LYS A 774 22.27 21.48 37.93
C LYS A 774 21.00 20.64 37.91
N LEU A 775 19.85 21.31 37.81
CA LEU A 775 18.58 20.60 37.75
C LEU A 775 18.58 19.61 36.61
N SER A 776 19.08 20.01 35.45
CA SER A 776 19.07 19.13 34.29
C SER A 776 19.91 17.89 34.56
N GLU A 777 21.15 18.08 34.98
CA GLU A 777 22.05 16.95 35.16
C GLU A 777 21.54 16.00 36.22
N GLN A 778 20.76 16.49 37.17
CA GLN A 778 20.34 15.72 38.31
C GLN A 778 19.08 14.91 38.07
N GLY A 779 18.46 15.02 36.91
CA GLY A 779 17.25 14.28 36.63
C GLY A 779 15.99 14.93 37.14
N VAL A 780 16.04 16.20 37.49
CA VAL A 780 14.87 16.86 38.07
C VAL A 780 13.85 17.17 37.00
N LEU A 781 14.22 18.00 36.04
CA LEU A 781 13.28 18.48 35.04
C LEU A 781 12.54 17.33 34.40
N ASP A 782 13.25 16.23 34.14
CA ASP A 782 12.59 15.02 33.69
C ASP A 782 11.54 14.59 34.71
N LYS A 783 11.89 14.62 35.99
CA LYS A 783 10.96 14.18 37.02
C LYS A 783 9.69 15.01 36.99
N LEU A 784 9.84 16.33 37.00
CA LEU A 784 8.68 17.20 37.04
C LEU A 784 7.85 17.04 35.78
N LYS A 785 8.50 16.89 34.63
CA LYS A 785 7.74 16.73 33.40
C LYS A 785 6.91 15.46 33.44
N SER A 786 7.49 14.38 33.94
CA SER A 786 6.74 13.14 34.06
C SER A 786 5.59 13.31 35.04
N LYS A 787 5.83 14.02 36.13
CA LYS A 787 4.80 14.23 37.13
C LYS A 787 3.62 15.00 36.56
N TRP A 788 3.90 16.05 35.80
CA TRP A 788 2.88 16.99 35.40
C TRP A 788 2.19 16.61 34.09
N TRP A 789 2.82 15.79 33.25
CA TRP A 789 2.23 15.41 31.97
C TRP A 789 1.67 14.00 31.96
N TYR A 790 2.47 13.01 32.33
CA TYR A 790 2.11 11.62 32.14
C TYR A 790 1.63 10.94 33.41
N ASP A 791 2.09 11.41 34.57
CA ASP A 791 1.67 10.80 35.82
C ASP A 791 0.16 10.87 35.98
N LYS A 792 -0.43 12.02 35.64
CA LYS A 792 -1.89 12.15 35.73
C LYS A 792 -2.58 11.16 34.81
N GLY A 793 -2.43 11.35 33.50
CA GLY A 793 -2.93 10.38 32.55
C GLY A 793 -4.43 10.25 32.56
N GLU A 794 -5.14 11.39 32.46
CA GLU A 794 -6.60 11.36 32.47
C GLU A 794 -7.13 10.33 31.48
N CYS A 795 -6.57 10.34 30.26
CA CYS A 795 -6.77 9.25 29.31
C CYS A 795 -5.41 8.59 29.12
N GLY A 796 -5.31 7.32 29.50
CA GLY A 796 -4.05 6.61 29.34
C GLY A 796 -3.61 6.53 27.89
N LYS A 805 4.14 -4.01 10.89
CA LYS A 805 2.79 -3.64 10.51
C LYS A 805 1.75 -4.44 11.27
N THR A 806 1.68 -5.73 10.92
CA THR A 806 0.64 -6.60 11.46
C THR A 806 0.80 -6.76 12.96
N SER A 807 -0.35 -6.91 13.63
CA SER A 807 -0.38 -7.16 15.06
C SER A 807 -1.40 -8.24 15.32
N ALA A 808 -1.09 -9.14 16.25
CA ALA A 808 -1.97 -10.24 16.56
C ALA A 808 -3.31 -9.74 17.03
N LEU A 809 -4.36 -10.47 16.69
CA LEU A 809 -5.70 -10.08 17.08
C LEU A 809 -5.84 -10.10 18.58
N SER A 810 -6.52 -9.08 19.09
CA SER A 810 -6.97 -9.04 20.46
C SER A 810 -8.27 -9.81 20.59
N LEU A 811 -8.42 -10.48 21.72
CA LEU A 811 -9.64 -11.24 21.95
C LEU A 811 -10.87 -10.36 21.84
N SER A 812 -10.72 -9.06 22.10
CA SER A 812 -11.85 -8.16 21.99
C SER A 812 -12.38 -8.10 20.58
N ASN A 813 -11.48 -8.05 19.59
CA ASN A 813 -11.89 -7.93 18.20
C ASN A 813 -12.90 -8.99 17.83
N VAL A 814 -12.76 -10.18 18.40
CA VAL A 814 -13.51 -11.35 17.93
C VAL A 814 -14.18 -12.05 19.09
N ALA A 815 -14.59 -11.29 20.11
CA ALA A 815 -15.19 -11.93 21.26
C ALA A 815 -16.67 -12.17 21.06
N GLY A 816 -17.30 -11.37 20.22
CA GLY A 816 -18.70 -11.56 19.95
C GLY A 816 -18.98 -12.97 19.50
N VAL A 817 -18.01 -13.59 18.86
CA VAL A 817 -18.14 -14.99 18.47
C VAL A 817 -18.36 -15.84 19.69
N PHE A 818 -17.60 -15.59 20.75
CA PHE A 818 -17.68 -16.42 21.93
C PHE A 818 -18.99 -16.17 22.66
N TYR A 819 -19.44 -14.93 22.65
CA TYR A 819 -20.76 -14.66 23.20
C TYR A 819 -21.82 -15.45 22.45
N ILE A 820 -21.76 -15.44 21.12
CA ILE A 820 -22.69 -16.20 20.30
C ILE A 820 -22.61 -17.68 20.64
N LEU A 821 -21.39 -18.20 20.71
CA LEU A 821 -21.20 -19.62 20.92
C LEU A 821 -21.80 -20.04 22.25
N ILE A 822 -21.53 -19.25 23.30
CA ILE A 822 -22.08 -19.54 24.61
C ILE A 822 -23.59 -19.51 24.57
N GLY A 823 -24.15 -18.50 23.89
CA GLY A 823 -25.59 -18.43 23.79
C GLY A 823 -26.17 -19.66 23.14
N GLY A 824 -25.53 -20.11 22.07
CA GLY A 824 -26.01 -21.30 21.40
C GLY A 824 -25.87 -22.54 22.26
N LEU A 825 -24.81 -22.61 23.05
CA LEU A 825 -24.65 -23.73 23.96
C LEU A 825 -25.79 -23.79 24.96
N GLY A 826 -26.04 -22.68 25.64
CA GLY A 826 -27.12 -22.65 26.61
C GLY A 826 -28.45 -22.94 25.96
N LEU A 827 -28.69 -22.39 24.78
CA LEU A 827 -29.93 -22.65 24.08
C LEU A 827 -30.07 -24.13 23.75
N ALA A 828 -28.96 -24.78 23.38
CA ALA A 828 -29.04 -26.20 23.03
C ALA A 828 -29.35 -27.04 24.24
N MET A 829 -28.75 -26.71 25.39
CA MET A 829 -29.08 -27.45 26.60
C MET A 829 -30.55 -27.24 26.96
N LEU A 830 -31.03 -26.01 26.80
CA LEU A 830 -32.44 -25.72 27.04
C LEU A 830 -33.33 -26.55 26.14
N VAL A 831 -33.01 -26.59 24.85
CA VAL A 831 -33.83 -27.30 23.90
C VAL A 831 -33.78 -28.79 24.16
N ALA A 832 -32.65 -29.29 24.65
CA ALA A 832 -32.58 -30.70 24.98
C ALA A 832 -33.43 -31.01 26.19
N LEU A 833 -33.49 -30.07 27.13
CA LEU A 833 -34.39 -30.22 28.27
C LEU A 833 -35.83 -30.31 27.79
N ILE A 834 -36.19 -29.41 26.89
CA ILE A 834 -37.52 -29.42 26.29
C ILE A 834 -37.80 -30.77 25.66
N GLU A 835 -36.84 -31.28 24.88
CA GLU A 835 -37.07 -32.53 24.18
C GLU A 835 -37.16 -33.70 25.15
N PHE A 836 -36.37 -33.66 26.23
CA PHE A 836 -36.44 -34.71 27.23
C PHE A 836 -37.82 -34.75 27.87
N CYS A 837 -38.36 -33.58 28.22
CA CYS A 837 -39.70 -33.52 28.76
C CYS A 837 -40.72 -34.05 27.76
N TYR A 838 -40.67 -33.55 26.53
CA TYR A 838 -41.64 -33.94 25.52
C TYR A 838 -41.61 -35.44 25.27
N LYS A 839 -40.43 -36.04 25.31
CA LYS A 839 -40.32 -37.48 25.08
C LYS A 839 -40.77 -38.29 26.29
N SER A 840 -40.41 -37.85 27.50
CA SER A 840 -40.73 -38.63 28.69
C SER A 840 -42.24 -38.76 28.87
N ARG A 841 -42.99 -37.70 28.63
CA ARG A 841 -44.43 -37.72 28.77
C ARG A 841 -45.05 -38.60 27.70
N LYS B 414 42.75 40.65 14.28
CA LYS B 414 41.47 40.83 13.63
C LYS B 414 40.87 39.46 13.33
N THR B 415 41.72 38.54 12.86
CA THR B 415 41.27 37.17 12.67
C THR B 415 41.08 36.50 14.02
N VAL B 416 40.21 35.50 14.03
CA VAL B 416 39.77 34.84 15.25
C VAL B 416 40.20 33.39 15.20
N VAL B 417 40.93 32.95 16.22
CA VAL B 417 41.46 31.59 16.29
C VAL B 417 40.30 30.66 16.65
N VAL B 418 39.72 30.00 15.66
CA VAL B 418 38.64 29.06 15.91
C VAL B 418 39.23 27.73 16.32
N THR B 419 38.72 27.17 17.41
CA THR B 419 38.97 25.80 17.78
C THR B 419 37.80 24.93 17.33
N THR B 420 38.09 23.67 17.07
CA THR B 420 37.09 22.67 16.75
C THR B 420 37.75 21.31 16.82
N ILE B 421 37.06 20.28 16.33
CA ILE B 421 37.55 18.92 16.39
C ILE B 421 37.20 18.24 15.07
N LEU B 422 37.88 17.14 14.80
CA LEU B 422 37.62 16.32 13.63
C LEU B 422 36.69 15.18 14.03
N GLU B 423 35.41 15.48 14.07
CA GLU B 423 34.40 14.47 14.39
C GLU B 423 33.28 14.57 13.37
N SER B 424 33.19 13.59 12.52
CA SER B 424 32.15 13.55 11.52
C SER B 424 30.79 13.36 12.18
N PRO B 425 29.72 13.90 11.61
CA PRO B 425 29.67 14.77 10.43
C PRO B 425 29.78 16.22 10.79
N TYR B 426 30.39 16.50 11.95
CA TYR B 426 30.46 17.88 12.40
C TYR B 426 31.67 18.59 11.80
N VAL B 427 32.75 17.86 11.58
CA VAL B 427 33.93 18.40 10.91
C VAL B 427 34.59 17.28 10.12
N MET B 428 34.82 17.51 8.83
CA MET B 428 35.48 16.52 7.99
C MET B 428 36.32 17.23 6.94
N MET B 429 37.56 16.76 6.77
CA MET B 429 38.39 17.24 5.68
C MET B 429 37.83 16.80 4.35
N LYS B 430 37.89 17.69 3.37
CA LYS B 430 37.35 17.38 2.04
C LYS B 430 38.21 16.32 1.36
N LYS B 431 37.57 15.57 0.46
CA LYS B 431 38.32 14.67 -0.41
C LYS B 431 39.33 15.47 -1.21
N ASN B 432 40.57 14.97 -1.26
CA ASN B 432 41.69 15.69 -1.85
C ASN B 432 41.93 17.00 -1.10
N HIS B 433 42.06 16.88 0.22
CA HIS B 433 42.39 18.05 1.04
C HIS B 433 43.87 18.42 0.92
N GLU B 434 44.74 17.43 0.69
CA GLU B 434 46.15 17.74 0.49
C GLU B 434 46.33 18.75 -0.63
N MET B 435 45.44 18.72 -1.62
CA MET B 435 45.43 19.70 -2.70
C MET B 435 44.79 21.02 -2.29
N LEU B 436 44.61 21.25 -0.99
CA LEU B 436 43.94 22.44 -0.49
C LEU B 436 44.64 22.93 0.76
N GLU B 437 44.58 24.24 0.97
CA GLU B 437 45.18 24.87 2.14
C GLU B 437 44.28 26.00 2.60
N GLY B 438 44.10 26.10 3.91
CA GLY B 438 43.22 27.08 4.50
C GLY B 438 41.94 26.46 5.04
N ASN B 439 40.99 27.33 5.36
CA ASN B 439 39.74 26.86 5.93
C ASN B 439 38.98 25.94 4.98
N GLU B 440 39.34 25.93 3.70
CA GLU B 440 38.70 25.03 2.75
C GLU B 440 39.08 23.57 2.97
N ARG B 441 40.16 23.30 3.72
CA ARG B 441 40.52 21.91 3.97
C ARG B 441 39.39 21.16 4.64
N TYR B 442 38.80 21.75 5.67
CA TYR B 442 37.72 21.12 6.41
C TYR B 442 36.38 21.49 5.81
N GLU B 443 35.49 20.51 5.70
CA GLU B 443 34.09 20.76 5.41
C GLU B 443 33.27 20.11 6.51
N GLY B 444 32.17 20.76 6.87
CA GLY B 444 31.24 20.08 7.77
C GLY B 444 30.16 21.02 8.22
N TYR B 445 29.16 20.43 8.86
CA TYR B 445 28.11 21.20 9.50
C TYR B 445 28.69 22.40 10.26
N CYS B 446 29.53 22.11 11.25
CA CYS B 446 30.05 23.19 12.08
C CYS B 446 30.89 24.17 11.28
N VAL B 447 31.48 23.73 10.16
CA VAL B 447 32.21 24.66 9.31
C VAL B 447 31.25 25.67 8.70
N ASP B 448 30.14 25.18 8.14
CA ASP B 448 29.12 26.07 7.62
C ASP B 448 28.67 27.03 8.70
N LEU B 449 28.38 26.50 9.88
CA LEU B 449 27.92 27.36 10.96
C LEU B 449 28.92 28.46 11.23
N ALA B 450 30.19 28.10 11.41
CA ALA B 450 31.19 29.08 11.82
C ALA B 450 31.38 30.13 10.73
N ALA B 451 31.33 29.71 9.46
CA ALA B 451 31.38 30.67 8.38
C ALA B 451 30.25 31.69 8.52
N GLU B 452 29.04 31.19 8.75
CA GLU B 452 27.92 32.11 8.93
C GLU B 452 28.14 33.01 10.12
N ILE B 453 28.67 32.46 11.21
CA ILE B 453 28.80 33.23 12.44
C ILE B 453 29.76 34.38 12.24
N ALA B 454 30.89 34.11 11.59
CA ALA B 454 31.81 35.20 11.31
C ALA B 454 31.20 36.19 10.32
N LYS B 455 30.33 35.72 9.43
CA LYS B 455 29.61 36.62 8.56
C LYS B 455 28.77 37.60 9.35
N HIS B 456 27.96 37.07 10.28
CA HIS B 456 27.07 37.91 11.07
C HIS B 456 27.85 38.82 12.02
N CYS B 457 28.75 38.25 12.80
CA CYS B 457 29.46 39.02 13.81
C CYS B 457 30.36 40.06 13.16
N GLY B 458 31.04 39.69 12.08
CA GLY B 458 31.85 40.65 11.35
C GLY B 458 33.31 40.63 11.74
N PHE B 459 33.93 39.46 11.69
CA PHE B 459 35.37 39.33 11.88
C PHE B 459 35.87 38.22 10.97
N LYS B 460 37.08 37.76 11.21
CA LYS B 460 37.72 36.74 10.38
C LYS B 460 38.17 35.59 11.27
N TYR B 461 38.11 34.38 10.72
CA TYR B 461 38.40 33.18 11.49
C TYR B 461 39.41 32.29 10.79
N LYS B 462 40.27 31.68 11.59
CA LYS B 462 41.21 30.67 11.14
C LYS B 462 40.86 29.39 11.88
N LEU B 463 40.38 28.40 11.14
CA LEU B 463 39.98 27.13 11.75
C LEU B 463 41.20 26.37 12.25
N THR B 464 41.01 25.66 13.36
CA THR B 464 42.08 24.90 13.97
C THR B 464 41.49 23.70 14.67
N ILE B 465 42.02 22.53 14.37
CA ILE B 465 41.67 21.33 15.10
C ILE B 465 42.46 21.29 16.39
N VAL B 466 41.76 21.11 17.50
CA VAL B 466 42.44 21.03 18.79
C VAL B 466 43.53 19.98 18.71
N GLY B 467 44.72 20.34 19.19
CA GLY B 467 45.86 19.46 19.03
C GLY B 467 45.70 18.17 19.82
N ASP B 468 45.10 18.25 21.00
CA ASP B 468 44.92 17.07 21.83
C ASP B 468 43.90 16.11 21.27
N GLY B 469 43.15 16.50 20.24
CA GLY B 469 42.08 15.67 19.72
C GLY B 469 41.06 15.35 20.79
N LYS B 470 40.63 16.37 21.53
CA LYS B 470 39.77 16.17 22.69
C LYS B 470 38.71 17.25 22.73
N TYR B 471 37.65 16.96 23.48
CA TYR B 471 36.54 17.89 23.64
C TYR B 471 36.77 18.82 24.81
N GLY B 472 36.97 18.26 26.00
CA GLY B 472 37.21 19.05 27.17
C GLY B 472 36.93 18.32 28.46
N ALA B 473 37.81 18.51 29.44
CA ALA B 473 37.66 17.87 30.74
C ALA B 473 38.74 18.36 31.67
N ARG B 474 38.48 18.31 32.97
CA ARG B 474 39.37 18.88 33.97
C ARG B 474 40.04 17.78 34.76
N ASP B 475 41.35 17.87 34.89
CA ASP B 475 42.09 16.88 35.68
C ASP B 475 41.62 16.92 37.12
N ALA B 476 41.34 15.75 37.68
CA ALA B 476 40.88 15.69 39.06
C ALA B 476 41.99 15.96 40.06
N ASP B 477 43.25 15.86 39.62
CA ASP B 477 44.39 16.17 40.47
C ASP B 477 45.04 17.51 40.08
N THR B 478 45.42 17.67 38.82
CA THR B 478 46.12 18.86 38.38
C THR B 478 45.18 20.02 38.08
N LYS B 479 43.87 19.77 37.97
CA LYS B 479 42.89 20.83 37.73
C LYS B 479 43.24 21.65 36.50
N ILE B 480 43.66 20.97 35.44
CA ILE B 480 43.94 21.62 34.17
C ILE B 480 42.82 21.23 33.20
N TRP B 481 42.55 22.12 32.25
CA TRP B 481 41.52 21.91 31.27
C TRP B 481 42.15 21.46 29.96
N ASN B 482 41.75 20.29 29.48
CA ASN B 482 42.30 19.74 28.26
C ASN B 482 41.44 20.11 27.07
N GLY B 483 42.03 19.96 25.88
CA GLY B 483 41.27 20.11 24.67
C GLY B 483 40.80 21.54 24.43
N MET B 484 39.63 21.64 23.80
CA MET B 484 39.14 22.93 23.33
C MET B 484 38.82 23.84 24.50
N VAL B 485 38.24 23.29 25.56
CA VAL B 485 37.99 24.08 26.75
C VAL B 485 39.31 24.61 27.31
N GLY B 486 40.34 23.77 27.29
CA GLY B 486 41.64 24.23 27.74
C GLY B 486 42.18 25.36 26.88
N GLU B 487 42.03 25.22 25.56
CA GLU B 487 42.51 26.24 24.65
C GLU B 487 41.82 27.56 24.90
N LEU B 488 40.51 27.53 25.14
CA LEU B 488 39.77 28.76 25.35
C LEU B 488 40.12 29.40 26.68
N VAL B 489 40.15 28.60 27.74
CA VAL B 489 40.52 29.13 29.05
C VAL B 489 41.98 29.55 29.06
N TYR B 490 42.83 28.82 28.35
CA TYR B 490 44.26 29.08 28.30
C TYR B 490 44.66 29.88 27.06
N GLY B 491 43.77 30.71 26.54
CA GLY B 491 44.13 31.72 25.57
C GLY B 491 44.58 31.19 24.23
N LYS B 492 44.87 29.88 24.16
CA LYS B 492 45.28 29.29 22.88
C LYS B 492 44.24 29.55 21.80
N ALA B 493 42.96 29.62 22.17
CA ALA B 493 41.87 29.67 21.22
C ALA B 493 41.02 30.89 21.51
N ASP B 494 40.49 31.48 20.44
CA ASP B 494 39.56 32.58 20.57
C ASP B 494 38.13 32.10 20.79
N ILE B 495 37.74 31.00 20.17
CA ILE B 495 36.35 30.55 20.18
C ILE B 495 36.32 29.07 19.85
N ALA B 496 35.21 28.42 20.14
CA ALA B 496 34.98 27.03 19.77
C ALA B 496 33.62 26.90 19.12
N ILE B 497 33.58 26.19 18.00
CA ILE B 497 32.36 25.94 17.25
C ILE B 497 32.39 24.46 16.88
N ALA B 498 31.77 23.63 17.71
CA ALA B 498 32.02 22.21 17.67
C ALA B 498 30.77 21.49 18.14
N PRO B 499 30.78 20.18 18.13
CA PRO B 499 29.79 19.41 18.87
C PRO B 499 30.04 19.47 20.37
N LEU B 500 30.25 20.67 20.88
CA LEU B 500 30.62 20.84 22.26
C LEU B 500 29.37 20.88 23.12
N THR B 501 29.36 20.05 24.16
CA THR B 501 28.19 19.93 24.99
C THR B 501 28.24 20.91 26.15
N ILE B 502 27.06 21.28 26.62
CA ILE B 502 26.89 22.27 27.65
C ILE B 502 26.74 21.56 28.99
N THR B 503 27.49 22.02 29.98
CA THR B 503 27.40 21.48 31.31
C THR B 503 27.82 22.53 32.32
N LEU B 504 27.51 22.24 33.58
CA LEU B 504 27.79 23.20 34.63
C LEU B 504 29.28 23.51 34.68
N VAL B 505 30.10 22.47 34.71
CA VAL B 505 31.53 22.67 34.93
C VAL B 505 32.12 23.60 33.89
N ARG B 506 31.68 23.46 32.64
CA ARG B 506 32.20 24.31 31.59
C ARG B 506 31.59 25.69 31.61
N GLU B 507 30.45 25.86 32.27
CA GLU B 507 29.93 27.20 32.53
C GLU B 507 30.86 27.97 33.46
N GLU B 508 31.37 27.30 34.49
CA GLU B 508 32.09 27.97 35.56
C GLU B 508 33.41 28.56 35.10
N VAL B 509 33.81 28.31 33.85
CA VAL B 509 35.10 28.79 33.36
C VAL B 509 34.99 29.51 32.02
N ILE B 510 33.91 29.33 31.28
CA ILE B 510 33.73 29.93 29.97
C ILE B 510 32.25 30.18 29.75
N ASP B 511 31.93 30.88 28.67
CA ASP B 511 30.57 31.29 28.39
C ASP B 511 30.07 30.59 27.13
N PHE B 512 29.00 29.82 27.28
CA PHE B 512 28.42 29.11 26.16
C PHE B 512 27.30 29.95 25.55
N SER B 513 26.80 29.49 24.42
CA SER B 513 25.73 30.14 23.71
C SER B 513 24.48 29.27 23.75
N LYS B 514 23.38 29.84 23.30
CA LYS B 514 22.14 29.10 23.29
C LYS B 514 22.29 27.87 22.37
N PRO B 515 21.87 26.70 22.81
CA PRO B 515 22.11 25.50 22.04
C PRO B 515 21.63 25.59 20.60
N PHE B 516 22.54 25.31 19.69
CA PHE B 516 22.21 25.36 18.28
C PHE B 516 21.68 24.04 17.78
N MET B 517 21.73 23.01 18.63
CA MET B 517 20.97 21.81 18.37
C MET B 517 20.97 20.95 19.62
N SER B 518 20.08 19.97 19.62
CA SER B 518 19.80 19.20 20.81
C SER B 518 20.26 17.77 20.65
N LEU B 519 20.20 17.02 21.73
CA LEU B 519 20.82 15.72 21.77
C LEU B 519 20.43 14.97 23.02
N GLY B 520 20.96 13.75 23.08
CA GLY B 520 20.92 12.97 24.30
C GLY B 520 22.08 12.02 24.33
N ILE B 521 22.31 11.48 25.52
CA ILE B 521 23.24 10.37 25.73
C ILE B 521 22.49 9.09 25.40
N SER B 522 23.01 8.33 24.46
CA SER B 522 22.32 7.19 23.89
C SER B 522 23.26 6.02 23.66
N ILE B 523 22.63 4.89 23.44
CA ILE B 523 23.30 3.59 23.35
C ILE B 523 23.38 3.17 21.90
N MET B 524 24.58 2.83 21.47
CA MET B 524 24.84 2.30 20.15
C MET B 524 25.21 0.84 20.27
N ILE B 525 24.65 0.03 19.37
CA ILE B 525 24.80 -1.41 19.37
C ILE B 525 25.10 -1.89 17.96
N LYS B 526 25.72 -3.06 17.88
CA LYS B 526 25.86 -3.74 16.61
C LYS B 526 24.53 -4.31 16.18
N LYS B 527 24.11 -3.98 14.97
CA LYS B 527 22.81 -4.39 14.48
C LYS B 527 22.65 -5.90 14.60
N PRO B 528 21.80 -6.37 15.50
CA PRO B 528 21.51 -7.80 15.55
C PRO B 528 20.81 -8.23 14.27
N GLN B 529 21.00 -9.49 13.92
CA GLN B 529 20.48 -9.97 12.65
C GLN B 529 18.96 -10.07 12.73
N LYS B 530 18.35 -10.05 11.56
CA LYS B 530 16.90 -10.14 11.46
C LYS B 530 16.49 -11.53 11.90
N SER B 531 16.04 -11.65 13.15
CA SER B 531 15.72 -12.95 13.69
C SER B 531 14.56 -13.55 12.91
N LYS B 532 14.85 -14.53 12.07
CA LYS B 532 13.84 -15.21 11.29
C LYS B 532 12.66 -15.55 12.16
N PRO B 533 11.44 -15.53 11.63
CA PRO B 533 10.28 -15.87 12.44
C PRO B 533 10.46 -17.23 13.07
N GLY B 534 10.14 -17.32 14.34
CA GLY B 534 10.45 -18.51 15.08
C GLY B 534 9.59 -19.67 14.69
N VAL B 535 10.06 -20.86 15.08
CA VAL B 535 9.21 -22.02 15.08
C VAL B 535 8.01 -21.73 15.97
N PHE B 536 6.87 -22.29 15.59
CA PHE B 536 5.60 -22.01 16.25
C PHE B 536 5.13 -20.59 15.98
N SER B 537 5.63 -20.00 14.90
CA SER B 537 5.15 -18.72 14.43
C SER B 537 3.69 -18.72 14.04
N PHE B 538 3.15 -19.88 13.68
CA PHE B 538 1.80 -19.94 13.19
C PHE B 538 0.76 -19.66 14.26
N LEU B 539 1.20 -19.30 15.46
CA LEU B 539 0.29 -18.82 16.49
C LEU B 539 0.25 -17.32 16.55
N ASP B 540 1.23 -16.67 15.94
CA ASP B 540 1.33 -15.22 16.02
C ASP B 540 0.06 -14.51 15.56
N PRO B 541 -0.56 -14.89 14.47
CA PRO B 541 -1.73 -14.15 13.99
C PRO B 541 -2.87 -14.07 14.98
N LEU B 542 -2.81 -14.87 16.03
CA LEU B 542 -3.76 -14.78 17.11
C LEU B 542 -3.05 -14.68 18.45
N ALA B 543 -3.62 -13.88 19.34
CA ALA B 543 -3.04 -13.74 20.66
C ALA B 543 -3.18 -15.02 21.45
N TYR B 544 -2.43 -15.08 22.53
CA TYR B 544 -2.33 -16.30 23.30
C TYR B 544 -3.53 -16.50 24.21
N GLU B 545 -4.25 -15.42 24.52
CA GLU B 545 -5.48 -15.58 25.28
C GLU B 545 -6.58 -16.14 24.39
N ILE B 546 -6.51 -15.88 23.08
CA ILE B 546 -7.50 -16.41 22.17
C ILE B 546 -7.35 -17.91 21.98
N TRP B 547 -6.14 -18.41 21.82
CA TRP B 547 -5.94 -19.84 21.71
C TRP B 547 -6.39 -20.54 22.98
N MET B 548 -6.06 -19.98 24.15
CA MET B 548 -6.53 -20.57 25.39
C MET B 548 -8.06 -20.58 25.44
N CYS B 549 -8.68 -19.47 25.04
CA CYS B 549 -10.12 -19.42 25.00
C CYS B 549 -10.67 -20.35 23.93
N ILE B 550 -9.99 -20.43 22.80
CA ILE B 550 -10.40 -21.36 21.75
C ILE B 550 -10.44 -22.77 22.30
N VAL B 551 -9.43 -23.15 23.08
CA VAL B 551 -9.34 -24.51 23.55
C VAL B 551 -10.41 -24.78 24.60
N PHE B 552 -10.56 -23.87 25.56
CA PHE B 552 -11.64 -24.01 26.52
C PHE B 552 -12.96 -24.17 25.78
N ALA B 553 -13.12 -23.46 24.68
CA ALA B 553 -14.37 -23.49 23.94
C ALA B 553 -14.55 -24.81 23.20
N TYR B 554 -13.47 -25.33 22.63
CA TYR B 554 -13.56 -26.61 21.94
C TYR B 554 -13.93 -27.70 22.91
N ILE B 555 -13.30 -27.70 24.07
CA ILE B 555 -13.67 -28.64 25.12
C ILE B 555 -15.12 -28.45 25.50
N GLY B 556 -15.54 -27.22 25.70
CA GLY B 556 -16.89 -26.95 26.14
C GLY B 556 -17.90 -27.48 25.17
N VAL B 557 -17.63 -27.28 23.89
CA VAL B 557 -18.55 -27.73 22.86
C VAL B 557 -18.66 -29.23 22.88
N SER B 558 -17.52 -29.91 22.92
CA SER B 558 -17.55 -31.36 22.89
C SER B 558 -18.30 -31.89 24.10
N VAL B 559 -18.04 -31.29 25.25
CA VAL B 559 -18.76 -31.65 26.46
C VAL B 559 -20.24 -31.49 26.27
N VAL B 560 -20.67 -30.33 25.78
CA VAL B 560 -22.08 -30.02 25.69
C VAL B 560 -22.79 -30.89 24.68
N LEU B 561 -22.14 -31.23 23.59
CA LEU B 561 -22.71 -32.16 22.64
C LEU B 561 -22.80 -33.56 23.21
N PHE B 562 -21.85 -33.95 24.04
CA PHE B 562 -21.92 -35.23 24.73
C PHE B 562 -23.09 -35.31 25.70
N LEU B 563 -23.22 -34.30 26.54
CA LEU B 563 -24.31 -34.26 27.49
C LEU B 563 -25.65 -34.28 26.79
N VAL B 564 -25.77 -33.51 25.72
CA VAL B 564 -27.01 -33.43 24.98
C VAL B 564 -27.34 -34.75 24.32
N SER B 565 -26.35 -35.42 23.74
CA SER B 565 -26.64 -36.68 23.06
C SER B 565 -26.96 -37.78 24.05
N ARG B 566 -26.47 -37.65 25.28
CA ARG B 566 -26.85 -38.62 26.31
C ARG B 566 -28.25 -38.35 26.83
N PHE B 567 -28.47 -37.17 27.40
CA PHE B 567 -29.73 -36.86 28.04
C PHE B 567 -30.89 -36.87 27.06
N SER B 568 -30.71 -36.32 25.87
CA SER B 568 -31.77 -36.18 24.88
C SER B 568 -31.31 -36.75 23.55
N PRO B 569 -31.39 -38.06 23.37
CA PRO B 569 -30.99 -38.66 22.10
C PRO B 569 -32.13 -38.80 21.10
N TYR B 570 -31.81 -39.29 19.91
CA TYR B 570 -32.81 -39.56 18.88
C TYR B 570 -33.70 -40.73 19.29
N GLU B 591 -23.21 -42.66 17.51
CA GLU B 591 -23.41 -42.21 18.87
C GLU B 591 -22.24 -41.35 19.26
N PHE B 592 -22.52 -40.30 20.02
CA PHE B 592 -21.51 -39.30 20.34
C PHE B 592 -20.98 -39.53 21.74
N GLY B 593 -20.13 -40.53 21.89
CA GLY B 593 -19.32 -40.60 23.09
C GLY B 593 -18.54 -39.31 23.23
N ILE B 594 -17.76 -39.21 24.29
CA ILE B 594 -16.97 -38.01 24.46
C ILE B 594 -15.87 -37.92 23.42
N PHE B 595 -15.23 -39.04 23.12
CA PHE B 595 -14.10 -38.98 22.19
C PHE B 595 -14.60 -38.68 20.79
N ASN B 596 -15.72 -39.27 20.40
CA ASN B 596 -16.30 -38.98 19.09
C ASN B 596 -16.76 -37.55 18.98
N SER B 597 -17.31 -37.00 20.04
CA SER B 597 -17.67 -35.59 20.06
C SER B 597 -16.45 -34.71 19.88
N LEU B 598 -15.38 -35.03 20.60
CA LEU B 598 -14.14 -34.31 20.43
C LEU B 598 -13.66 -34.39 19.00
N TRP B 599 -13.82 -35.54 18.38
CA TRP B 599 -13.40 -35.74 17.01
C TRP B 599 -14.21 -34.88 16.06
N PHE B 600 -15.53 -34.91 16.20
CA PHE B 600 -16.39 -34.13 15.33
C PHE B 600 -16.05 -32.66 15.43
N SER B 601 -15.97 -32.14 16.65
CA SER B 601 -15.58 -30.75 16.85
C SER B 601 -14.25 -30.45 16.19
N LEU B 602 -13.26 -31.29 16.40
CA LEU B 602 -11.95 -31.05 15.83
C LEU B 602 -12.03 -31.02 14.32
N GLY B 603 -12.76 -31.96 13.75
CA GLY B 603 -12.88 -32.01 12.31
C GLY B 603 -13.55 -30.77 11.77
N ALA B 604 -14.49 -30.23 12.52
CA ALA B 604 -15.20 -29.05 12.09
C ALA B 604 -14.35 -27.80 12.22
N PHE B 605 -13.39 -27.82 13.12
CA PHE B 605 -12.50 -26.67 13.21
C PHE B 605 -11.58 -26.61 12.01
N MET B 606 -11.13 -27.76 11.53
CA MET B 606 -10.20 -27.81 10.43
C MET B 606 -10.88 -27.89 9.08
N ARG B 607 -12.19 -27.78 9.06
CA ARG B 607 -13.05 -27.69 7.89
C ARG B 607 -13.24 -29.04 7.24
N GLN B 608 -12.70 -30.09 7.81
CA GLN B 608 -12.86 -31.42 7.22
C GLN B 608 -14.04 -32.08 7.89
N GLY B 609 -15.03 -32.43 7.10
CA GLY B 609 -16.25 -32.98 7.61
C GLY B 609 -16.07 -34.38 8.13
N CYS B 610 -16.18 -34.54 9.43
CA CYS B 610 -16.18 -35.87 10.01
C CYS B 610 -17.40 -36.63 9.53
N ASP B 611 -17.27 -37.96 9.50
CA ASP B 611 -18.28 -38.77 8.84
C ASP B 611 -19.57 -38.80 9.64
N ILE B 612 -19.47 -38.71 10.95
CA ILE B 612 -20.64 -38.70 11.80
C ILE B 612 -21.14 -37.28 11.95
N SER B 613 -22.45 -37.11 11.90
CA SER B 613 -23.07 -35.82 12.08
C SER B 613 -24.19 -35.95 13.10
N PRO B 614 -24.55 -34.85 13.76
CA PRO B 614 -25.65 -34.92 14.71
C PRO B 614 -26.97 -35.16 14.01
N ARG B 615 -27.94 -35.64 14.77
CA ARG B 615 -29.25 -35.97 14.24
C ARG B 615 -30.38 -35.33 15.02
N SER B 616 -30.08 -34.77 16.19
CA SER B 616 -31.10 -34.12 16.98
C SER B 616 -31.10 -32.63 16.72
N LEU B 617 -31.98 -31.93 17.43
CA LEU B 617 -32.16 -30.51 17.18
C LEU B 617 -31.26 -29.66 18.06
N SER B 618 -30.78 -30.22 19.16
CA SER B 618 -29.88 -29.50 20.04
C SER B 618 -28.44 -29.71 19.64
N GLY B 619 -28.07 -30.95 19.33
CA GLY B 619 -26.75 -31.18 18.80
C GLY B 619 -26.54 -30.47 17.49
N ARG B 620 -27.59 -30.38 16.69
CA ARG B 620 -27.48 -29.66 15.43
C ARG B 620 -27.25 -28.19 15.65
N ILE B 621 -27.89 -27.62 16.67
CA ILE B 621 -27.64 -26.24 17.03
C ILE B 621 -26.20 -26.05 17.44
N VAL B 622 -25.72 -26.93 18.32
CA VAL B 622 -24.37 -26.79 18.83
C VAL B 622 -23.38 -26.87 17.68
N GLY B 623 -23.65 -27.78 16.75
CA GLY B 623 -22.80 -27.89 15.60
C GLY B 623 -22.84 -26.65 14.74
N GLY B 624 -24.02 -26.07 14.57
CA GLY B 624 -24.13 -24.88 13.76
C GLY B 624 -23.33 -23.72 14.31
N VAL B 625 -23.42 -23.52 15.62
CA VAL B 625 -22.69 -22.42 16.23
C VAL B 625 -21.20 -22.69 16.22
N TRP B 626 -20.82 -23.93 16.45
CA TRP B 626 -19.42 -24.30 16.33
C TRP B 626 -18.90 -24.02 14.93
N TRP B 627 -19.71 -24.34 13.92
CA TRP B 627 -19.32 -24.10 12.54
C TRP B 627 -19.14 -22.63 12.27
N PHE B 628 -20.06 -21.80 12.74
CA PHE B 628 -19.91 -20.36 12.58
C PHE B 628 -18.64 -19.89 13.26
N PHE B 629 -18.42 -20.39 14.47
CA PHE B 629 -17.20 -20.09 15.20
C PHE B 629 -15.96 -20.34 14.35
N THR B 630 -15.87 -21.53 13.77
CA THR B 630 -14.71 -21.86 12.97
C THR B 630 -14.59 -20.95 11.78
N LEU B 631 -15.70 -20.72 11.10
CA LEU B 631 -15.65 -19.91 9.90
C LEU B 631 -15.02 -18.58 10.21
N ILE B 632 -15.46 -17.94 11.28
CA ILE B 632 -14.91 -16.63 11.62
C ILE B 632 -13.44 -16.74 11.98
N ILE B 633 -13.14 -17.64 12.91
CA ILE B 633 -11.80 -17.73 13.45
C ILE B 633 -10.79 -17.99 12.34
N ILE B 634 -11.08 -18.99 11.53
CA ILE B 634 -10.17 -19.38 10.47
C ILE B 634 -10.07 -18.28 9.43
N SER B 635 -11.19 -17.66 9.10
CA SER B 635 -11.13 -16.58 8.13
C SER B 635 -10.15 -15.51 8.57
N SER B 636 -10.24 -15.11 9.83
CA SER B 636 -9.35 -14.09 10.35
C SER B 636 -7.89 -14.55 10.34
N TYR B 637 -7.65 -15.71 10.91
CA TYR B 637 -6.30 -16.24 11.01
C TYR B 637 -5.65 -16.35 9.65
N THR B 638 -6.33 -16.95 8.69
CA THR B 638 -5.80 -17.06 7.35
C THR B 638 -5.71 -15.72 6.66
N ALA B 639 -6.51 -14.76 7.08
CA ALA B 639 -6.42 -13.43 6.49
C ALA B 639 -5.07 -12.82 6.79
N ASN B 640 -4.61 -12.96 8.02
CA ASN B 640 -3.35 -12.33 8.39
C ASN B 640 -2.17 -13.29 8.46
N LEU B 641 -2.32 -14.54 8.03
CA LEU B 641 -1.24 -15.52 8.20
C LEU B 641 -0.07 -15.28 7.27
N ALA B 642 -0.20 -14.43 6.27
CA ALA B 642 0.85 -14.34 5.26
C ALA B 642 2.11 -13.73 5.86
N ALA B 643 1.96 -12.54 6.45
CA ALA B 643 3.10 -11.79 6.93
C ALA B 643 3.75 -12.48 8.11
N PHE B 644 2.94 -12.99 9.03
CA PHE B 644 3.44 -13.45 10.31
C PHE B 644 4.46 -14.57 10.17
N LEU B 645 4.27 -15.43 9.18
CA LEU B 645 5.23 -16.52 9.01
C LEU B 645 6.50 -16.08 8.31
N THR B 646 6.50 -14.89 7.72
CA THR B 646 7.69 -14.33 7.09
C THR B 646 8.20 -13.08 7.79
N VAL B 647 7.46 -12.55 8.75
CA VAL B 647 7.86 -11.32 9.40
C VAL B 647 9.22 -11.52 10.06
N GLU B 648 10.09 -10.53 9.91
CA GLU B 648 11.45 -10.57 10.41
C GLU B 648 11.65 -9.37 11.33
N ARG B 649 12.02 -9.63 12.58
CA ARG B 649 12.00 -8.65 13.63
C ARG B 649 13.34 -8.59 14.35
N MET B 650 13.87 -7.38 14.52
CA MET B 650 15.11 -7.17 15.26
C MET B 650 14.77 -6.97 16.73
N VAL B 651 15.22 -7.90 17.56
CA VAL B 651 15.09 -7.79 19.00
C VAL B 651 16.48 -7.71 19.59
N SER B 652 16.68 -6.76 20.41
CA SER B 652 18.02 -6.50 20.88
C SER B 652 18.19 -6.98 22.31
N PRO B 653 19.39 -7.43 22.66
CA PRO B 653 19.63 -7.88 24.04
C PRO B 653 19.62 -6.75 25.04
N ILE B 654 19.58 -5.51 24.58
CA ILE B 654 19.47 -4.34 25.43
C ILE B 654 18.35 -3.46 24.93
N GLU B 655 17.56 -2.92 25.85
CA GLU B 655 16.50 -2.01 25.50
C GLU B 655 16.51 -0.75 26.35
N SER B 656 17.48 -0.59 27.23
CA SER B 656 17.55 0.59 28.09
C SER B 656 18.84 0.49 28.90
N ALA B 657 19.08 1.53 29.70
CA ALA B 657 20.19 1.48 30.64
C ALA B 657 20.02 0.36 31.65
N GLU B 658 18.78 0.02 31.98
CA GLU B 658 18.53 -1.04 32.95
C GLU B 658 19.12 -2.35 32.47
N ASP B 659 18.81 -2.73 31.23
CA ASP B 659 19.33 -3.97 30.69
C ASP B 659 20.83 -3.93 30.50
N LEU B 660 21.44 -2.75 30.63
CA LEU B 660 22.89 -2.66 30.61
C LEU B 660 23.46 -2.90 32.00
N SER B 661 22.91 -2.19 32.99
CA SER B 661 23.38 -2.31 34.36
C SER B 661 23.06 -3.66 34.97
N LYS B 662 22.16 -4.41 34.34
CA LYS B 662 21.76 -5.73 34.82
C LYS B 662 22.58 -6.85 34.22
N GLN B 663 23.64 -6.53 33.50
CA GLN B 663 24.44 -7.56 32.87
C GLN B 663 25.87 -7.06 32.71
N THR B 664 26.78 -8.02 32.55
CA THR B 664 28.17 -7.72 32.26
C THR B 664 28.72 -8.58 31.13
N GLU B 665 27.91 -9.47 30.56
CA GLU B 665 28.28 -10.13 29.33
C GLU B 665 28.68 -9.09 28.29
N ILE B 666 27.83 -8.08 28.12
CA ILE B 666 28.05 -7.01 27.16
C ILE B 666 28.53 -5.79 27.92
N ALA B 667 29.59 -5.17 27.44
CA ALA B 667 30.16 -4.05 28.13
C ALA B 667 29.41 -2.77 27.76
N TYR B 668 29.84 -1.67 28.37
CA TYR B 668 29.39 -0.36 27.92
C TYR B 668 30.39 0.69 28.33
N GLY B 669 30.90 1.39 27.34
CA GLY B 669 31.90 2.41 27.58
C GLY B 669 31.54 3.75 26.97
N THR B 670 32.53 4.63 26.92
CA THR B 670 32.30 6.01 26.53
C THR B 670 33.55 6.56 25.86
N LEU B 671 33.42 7.75 25.34
CA LEU B 671 34.58 8.55 25.00
C LEU B 671 35.26 9.03 26.28
N ASP B 672 36.51 9.43 26.14
CA ASP B 672 37.28 9.94 27.26
C ASP B 672 37.38 11.45 27.19
N SER B 673 37.40 12.08 28.36
CA SER B 673 37.39 13.53 28.46
C SER B 673 36.14 14.10 27.80
N GLY B 674 35.05 13.34 27.83
CA GLY B 674 33.79 13.77 27.26
C GLY B 674 32.77 13.98 28.35
N SER B 675 31.83 14.89 28.09
CA SER B 675 30.82 15.21 29.08
C SER B 675 30.04 13.98 29.49
N THR B 676 29.94 12.98 28.61
CA THR B 676 29.26 11.75 28.99
C THR B 676 29.92 11.13 30.21
N LYS B 677 31.24 11.07 30.18
CA LYS B 677 31.99 10.52 31.30
C LYS B 677 31.69 11.29 32.57
N GLU B 678 31.78 12.62 32.52
CA GLU B 678 31.58 13.43 33.71
C GLU B 678 30.17 13.29 34.23
N PHE B 679 29.19 13.23 33.33
CA PHE B 679 27.80 13.10 33.74
C PHE B 679 27.57 11.79 34.45
N PHE B 680 28.14 10.71 33.93
CA PHE B 680 28.04 9.44 34.64
C PHE B 680 28.73 9.52 35.99
N ARG B 681 29.91 10.12 36.03
CA ARG B 681 30.68 10.17 37.27
C ARG B 681 29.92 10.92 38.35
N ARG B 682 29.34 12.06 38.00
CA ARG B 682 28.65 12.91 38.96
C ARG B 682 27.22 12.45 39.23
N SER B 683 26.76 11.41 38.55
CA SER B 683 25.36 11.04 38.67
C SER B 683 25.06 10.51 40.07
N LYS B 684 23.93 10.95 40.62
CA LYS B 684 23.44 10.49 41.89
C LYS B 684 22.28 9.51 41.76
N ILE B 685 22.04 9.00 40.57
CA ILE B 685 20.96 8.05 40.35
C ILE B 685 21.50 6.64 40.44
N ALA B 686 20.61 5.70 40.75
CA ALA B 686 21.04 4.33 40.98
C ALA B 686 21.66 3.73 39.73
N VAL B 687 20.94 3.79 38.61
CA VAL B 687 21.38 3.11 37.40
C VAL B 687 22.72 3.68 36.93
N PHE B 688 22.80 4.99 36.85
CA PHE B 688 23.98 5.62 36.28
C PHE B 688 25.17 5.45 37.22
N ASP B 689 24.94 5.51 38.52
CA ASP B 689 26.03 5.27 39.46
C ASP B 689 26.52 3.83 39.37
N LYS B 690 25.60 2.87 39.24
CA LYS B 690 26.03 1.47 39.12
C LYS B 690 26.85 1.27 37.86
N MET B 691 26.42 1.86 36.74
CA MET B 691 27.16 1.70 35.51
C MET B 691 28.50 2.41 35.58
N TRP B 692 28.55 3.54 36.27
CA TRP B 692 29.81 4.24 36.48
C TRP B 692 30.78 3.37 37.27
N THR B 693 30.29 2.74 38.34
CA THR B 693 31.13 1.82 39.08
C THR B 693 31.64 0.71 38.18
N TYR B 694 30.73 0.08 37.43
CA TYR B 694 31.13 -0.96 36.51
C TYR B 694 32.28 -0.51 35.63
N MET B 695 32.11 0.65 35.00
CA MET B 695 33.05 1.07 33.97
C MET B 695 34.32 1.69 34.53
N ARG B 696 34.35 2.05 35.80
CA ARG B 696 35.58 2.62 36.35
C ARG B 696 36.59 1.55 36.72
N SER B 697 36.23 0.28 36.61
CA SER B 697 37.10 -0.80 37.03
C SER B 697 37.14 -1.96 36.05
N ALA B 698 36.28 -1.98 35.04
CA ALA B 698 36.23 -3.11 34.13
C ALA B 698 37.54 -3.24 33.37
N GLU B 699 37.89 -4.48 33.03
CA GLU B 699 39.14 -4.79 32.35
C GLU B 699 38.85 -5.77 31.23
N PRO B 700 39.30 -5.50 29.99
CA PRO B 700 40.06 -4.30 29.61
C PRO B 700 39.22 -3.04 29.65
N SER B 701 39.87 -1.90 29.54
CA SER B 701 39.16 -0.63 29.72
C SER B 701 38.05 -0.49 28.68
N VAL B 702 36.87 -0.16 29.15
CA VAL B 702 35.74 0.11 28.26
C VAL B 702 35.96 1.42 27.53
N PHE B 703 36.52 2.42 28.20
CA PHE B 703 36.64 3.74 27.62
C PHE B 703 37.47 3.68 26.35
N VAL B 704 37.50 4.80 25.63
CA VAL B 704 38.27 4.92 24.42
C VAL B 704 38.90 6.30 24.38
N ARG B 705 39.56 6.59 23.27
CA ARG B 705 40.24 7.85 23.05
C ARG B 705 39.56 8.71 22.00
N THR B 706 38.73 8.11 21.16
CA THR B 706 38.06 8.83 20.09
C THR B 706 36.81 8.06 19.68
N THR B 707 35.86 8.79 19.10
CA THR B 707 34.59 8.19 18.74
C THR B 707 34.79 7.03 17.77
N ALA B 708 35.40 7.32 16.61
CA ALA B 708 35.53 6.30 15.58
C ALA B 708 36.13 5.02 16.12
N GLU B 709 37.01 5.14 17.12
CA GLU B 709 37.55 3.96 17.75
C GLU B 709 36.46 3.16 18.43
N GLY B 710 35.54 3.84 19.12
CA GLY B 710 34.44 3.14 19.75
C GLY B 710 33.48 2.56 18.73
N VAL B 711 33.26 3.28 17.65
CA VAL B 711 32.46 2.76 16.55
C VAL B 711 33.03 1.45 16.07
N ALA B 712 34.34 1.42 15.83
CA ALA B 712 34.99 0.19 15.41
C ALA B 712 34.84 -0.89 16.46
N ARG B 713 35.02 -0.52 17.73
CA ARG B 713 34.94 -1.52 18.79
C ARG B 713 33.57 -2.20 18.79
N VAL B 714 32.51 -1.41 18.61
CA VAL B 714 31.19 -2.00 18.47
C VAL B 714 31.11 -2.85 17.22
N ARG B 715 31.55 -2.29 16.10
CA ARG B 715 31.42 -2.95 14.81
C ARG B 715 32.25 -4.22 14.71
N LYS B 716 33.09 -4.49 15.70
CA LYS B 716 33.87 -5.72 15.72
C LYS B 716 33.62 -6.57 16.96
N SER B 717 33.23 -5.98 18.08
CA SER B 717 33.06 -6.71 19.32
C SER B 717 31.92 -7.71 19.27
N LYS B 718 31.22 -7.81 18.14
CA LYS B 718 30.18 -8.82 17.96
C LYS B 718 29.11 -8.71 19.05
N GLY B 719 28.71 -7.49 19.37
CA GLY B 719 27.64 -7.25 20.30
C GLY B 719 28.01 -7.42 21.76
N LYS B 720 29.28 -7.68 22.06
CA LYS B 720 29.73 -7.73 23.44
C LYS B 720 30.08 -6.35 23.99
N TYR B 721 29.97 -5.32 23.17
CA TYR B 721 30.24 -3.96 23.56
C TYR B 721 29.03 -3.10 23.21
N ALA B 722 28.97 -1.92 23.81
CA ALA B 722 27.81 -1.05 23.68
C ALA B 722 28.25 0.36 24.01
N TYR B 723 28.18 1.25 23.04
CA TYR B 723 28.82 2.55 23.19
C TYR B 723 27.81 3.57 23.67
N LEU B 724 28.25 4.48 24.53
CA LEU B 724 27.40 5.52 25.09
C LEU B 724 27.86 6.87 24.58
N LEU B 725 27.21 7.36 23.54
CA LEU B 725 27.61 8.60 22.92
C LEU B 725 26.41 9.50 22.72
N GLU B 726 26.69 10.71 22.25
CA GLU B 726 25.63 11.65 21.96
C GLU B 726 24.79 11.16 20.79
N SER B 727 23.51 11.51 20.83
CA SER B 727 22.54 10.89 19.95
C SER B 727 22.86 11.13 18.48
N THR B 728 23.28 12.35 18.12
CA THR B 728 23.39 12.70 16.72
C THR B 728 24.39 11.82 16.00
N MET B 729 25.53 11.57 16.62
CA MET B 729 26.50 10.67 16.02
C MET B 729 25.89 9.31 15.76
N ASN B 730 25.18 8.79 16.74
CA ASN B 730 24.49 7.53 16.59
C ASN B 730 23.55 7.55 15.40
N GLU B 731 22.84 8.66 15.21
CA GLU B 731 21.90 8.74 14.10
C GLU B 731 22.63 8.72 12.76
N TYR B 732 23.63 9.58 12.62
CA TYR B 732 24.35 9.67 11.36
C TYR B 732 25.00 8.34 11.02
N ILE B 733 25.64 7.73 12.02
CA ILE B 733 26.27 6.44 11.84
C ILE B 733 25.25 5.38 11.45
N GLU B 734 24.07 5.41 12.02
CA GLU B 734 23.03 4.48 11.60
C GLU B 734 22.61 4.69 10.16
N GLN B 735 22.51 5.94 9.71
CA GLN B 735 22.14 6.20 8.32
C GLN B 735 23.30 5.94 7.37
N ARG B 736 24.53 6.23 7.80
CA ARG B 736 25.69 6.02 6.95
C ARG B 736 26.02 4.54 6.82
N LYS B 737 26.51 4.16 5.66
CA LYS B 737 26.95 2.79 5.45
C LYS B 737 28.18 2.50 6.30
N PRO B 738 28.42 1.24 6.68
CA PRO B 738 27.68 0.01 6.38
C PRO B 738 26.31 -0.09 6.99
N CYS B 739 25.89 0.91 7.76
CA CYS B 739 24.60 0.85 8.45
C CYS B 739 24.52 -0.40 9.32
N ASP B 740 25.64 -0.75 9.95
CA ASP B 740 25.74 -1.95 10.77
C ASP B 740 25.64 -1.64 12.25
N THR B 741 25.04 -0.51 12.61
CA THR B 741 24.86 -0.15 14.01
C THR B 741 23.49 0.49 14.19
N MET B 742 23.00 0.44 15.42
CA MET B 742 21.66 0.90 15.73
C MET B 742 21.64 1.59 17.07
N LYS B 743 20.85 2.66 17.15
CA LYS B 743 20.54 3.31 18.41
C LYS B 743 19.46 2.54 19.14
N VAL B 744 19.65 2.34 20.43
CA VAL B 744 18.69 1.63 21.25
C VAL B 744 18.47 2.37 22.55
N GLY B 745 17.23 2.41 22.98
CA GLY B 745 16.90 3.04 24.23
C GLY B 745 16.80 4.54 24.08
N GLY B 746 15.78 5.12 24.69
CA GLY B 746 15.62 6.55 24.62
C GLY B 746 16.74 7.28 25.33
N ASN B 747 16.94 8.51 24.91
CA ASN B 747 18.01 9.32 25.46
C ASN B 747 17.92 9.40 26.96
N LEU B 748 18.98 8.92 27.61
CA LEU B 748 19.05 8.87 29.06
C LEU B 748 18.92 10.27 29.64
N ASP B 749 19.32 11.26 28.88
CA ASP B 749 19.21 12.65 29.30
C ASP B 749 19.12 13.50 28.05
N SER B 750 18.70 14.74 28.23
CA SER B 750 18.59 15.68 27.13
C SER B 750 19.59 16.80 27.37
N LYS B 751 20.32 17.16 26.32
CA LYS B 751 21.32 18.21 26.43
C LYS B 751 21.36 19.00 25.16
N GLY B 752 22.39 19.80 24.99
CA GLY B 752 22.49 20.58 23.80
C GLY B 752 23.90 20.97 23.47
N TYR B 753 24.17 21.10 22.17
CA TYR B 753 25.48 21.50 21.72
C TYR B 753 25.56 23.00 21.70
N GLY B 754 26.67 23.52 22.18
CA GLY B 754 26.79 24.94 22.25
C GLY B 754 28.13 25.53 21.92
N ILE B 755 28.13 26.43 20.96
CA ILE B 755 29.26 27.34 20.73
C ILE B 755 29.71 27.93 22.05
N ALA B 756 31.01 28.16 22.17
CA ALA B 756 31.61 28.60 23.42
C ALA B 756 32.52 29.77 23.18
N THR B 757 32.92 30.40 24.29
CA THR B 757 33.80 31.56 24.23
C THR B 757 34.52 31.65 25.56
N PRO B 758 35.69 32.29 25.59
CA PRO B 758 36.36 32.54 26.88
C PRO B 758 35.49 33.43 27.77
N LYS B 759 35.59 33.19 29.06
CA LYS B 759 34.81 33.96 30.01
C LYS B 759 35.18 35.44 29.92
N GLY B 760 34.17 36.29 29.87
CA GLY B 760 34.39 37.71 29.74
C GLY B 760 34.69 38.17 28.34
N SER B 761 34.69 37.27 27.36
CA SER B 761 34.92 37.68 25.98
C SER B 761 33.80 38.59 25.51
N SER B 762 34.12 39.44 24.53
CA SER B 762 33.08 40.33 23.95
C SER B 762 32.45 39.63 22.73
N LEU B 763 32.81 38.35 22.52
CA LEU B 763 32.29 37.60 21.36
C LEU B 763 31.06 36.79 21.79
N GLY B 764 30.79 36.73 23.09
CA GLY B 764 29.64 35.95 23.60
C GLY B 764 28.32 36.54 23.13
N THR B 765 28.10 37.84 23.37
CA THR B 765 26.81 38.48 23.00
C THR B 765 26.50 38.32 21.49
N PRO B 766 27.36 38.67 20.52
CA PRO B 766 27.03 38.46 19.10
C PRO B 766 26.81 36.99 18.69
N VAL B 767 27.68 36.06 19.10
CA VAL B 767 27.53 34.65 18.63
C VAL B 767 26.14 34.17 19.06
N ASN B 768 25.69 34.57 20.24
CA ASN B 768 24.36 34.24 20.74
C ASN B 768 23.30 34.67 19.74
N LEU B 769 23.29 35.95 19.40
CA LEU B 769 22.28 36.47 18.51
C LEU B 769 22.35 35.80 17.14
N ALA B 770 23.55 35.40 16.71
CA ALA B 770 23.67 34.69 15.44
C ALA B 770 22.93 33.38 15.52
N VAL B 771 23.13 32.64 16.60
CA VAL B 771 22.45 31.36 16.77
C VAL B 771 20.95 31.58 16.72
N LEU B 772 20.47 32.59 17.44
CA LEU B 772 19.03 32.81 17.50
C LEU B 772 18.49 33.17 16.13
N LYS B 773 19.15 34.09 15.43
CA LYS B 773 18.67 34.49 14.12
C LYS B 773 18.60 33.30 13.18
N LEU B 774 19.64 32.47 13.21
CA LEU B 774 19.67 31.32 12.32
C LEU B 774 18.57 30.34 12.62
N SER B 775 18.39 30.01 13.90
CA SER B 775 17.37 29.06 14.27
C SER B 775 15.99 29.59 13.88
N GLU B 776 15.80 30.90 14.03
CA GLU B 776 14.51 31.49 13.66
C GLU B 776 14.29 31.41 12.15
N GLN B 777 15.34 31.71 11.36
CA GLN B 777 15.19 31.66 9.92
C GLN B 777 15.02 30.23 9.40
N GLY B 778 15.70 29.27 9.99
CA GLY B 778 15.58 27.89 9.59
C GLY B 778 16.83 27.28 8.99
N VAL B 779 17.98 27.94 9.08
CA VAL B 779 19.20 27.39 8.52
C VAL B 779 19.59 26.10 9.21
N LEU B 780 19.50 26.06 10.53
CA LEU B 780 20.03 24.93 11.28
C LEU B 780 19.28 23.65 10.97
N ASP B 781 17.97 23.74 10.81
CA ASP B 781 17.19 22.58 10.41
C ASP B 781 17.63 22.09 9.04
N LYS B 782 17.86 23.01 8.10
CA LYS B 782 18.27 22.63 6.77
C LYS B 782 19.61 21.92 6.78
N LEU B 783 20.56 22.46 7.55
CA LEU B 783 21.85 21.81 7.68
C LEU B 783 21.71 20.44 8.32
N LYS B 784 20.91 20.34 9.36
CA LYS B 784 20.70 19.07 10.03
C LYS B 784 20.13 18.04 9.06
N ASN B 785 19.29 18.49 8.15
CA ASN B 785 18.70 17.57 7.18
C ASN B 785 19.72 17.17 6.13
N LYS B 786 20.49 18.15 5.64
CA LYS B 786 21.39 17.86 4.53
C LYS B 786 22.55 16.98 4.97
N TRP B 787 23.13 17.27 6.12
CA TRP B 787 24.30 16.54 6.55
C TRP B 787 23.94 15.14 7.03
N TRP B 788 22.69 14.92 7.41
CA TRP B 788 22.25 13.65 7.94
C TRP B 788 21.39 12.88 6.95
N TYR B 789 20.26 13.46 6.54
CA TYR B 789 19.32 12.74 5.70
C TYR B 789 19.83 12.64 4.28
N ASP B 790 20.42 13.71 3.76
CA ASP B 790 21.00 13.66 2.43
C ASP B 790 22.18 12.72 2.37
N LYS B 791 22.71 12.31 3.51
CA LYS B 791 23.74 11.28 3.55
C LYS B 791 23.16 9.87 3.57
N GLY B 792 21.82 9.75 3.56
CA GLY B 792 21.18 8.45 3.66
C GLY B 792 21.64 7.47 2.61
N GLU B 793 22.09 6.30 3.05
CA GLU B 793 22.53 5.24 2.16
C GLU B 793 21.82 3.94 2.48
N CYS B 794 20.71 4.01 3.20
CA CYS B 794 20.03 2.82 3.71
C CYS B 794 18.55 3.08 3.93
N LYS B 804 8.80 -6.64 0.51
CA LYS B 804 8.26 -7.22 -0.71
C LYS B 804 7.50 -8.49 -0.37
N THR B 805 6.71 -8.96 -1.33
CA THR B 805 6.07 -10.26 -1.21
C THR B 805 7.04 -11.33 -1.72
N SER B 806 7.44 -12.22 -0.83
CA SER B 806 8.47 -13.19 -1.12
C SER B 806 7.96 -14.59 -0.82
N ALA B 807 8.26 -15.51 -1.73
CA ALA B 807 7.84 -16.88 -1.57
C ALA B 807 8.26 -17.41 -0.21
N LEU B 808 7.48 -18.35 0.31
CA LEU B 808 7.80 -18.93 1.59
C LEU B 808 9.01 -19.83 1.49
N SER B 809 9.87 -19.74 2.48
CA SER B 809 10.97 -20.67 2.60
C SER B 809 10.61 -21.71 3.63
N LEU B 810 11.11 -22.91 3.40
CA LEU B 810 10.84 -23.99 4.33
C LEU B 810 11.19 -23.61 5.74
N SER B 811 12.25 -22.83 5.92
CA SER B 811 12.61 -22.37 7.25
C SER B 811 11.42 -21.72 7.93
N ASN B 812 10.55 -21.11 7.14
CA ASN B 812 9.40 -20.43 7.71
C ASN B 812 8.40 -21.42 8.28
N VAL B 813 8.08 -22.45 7.50
CA VAL B 813 6.98 -23.33 7.83
C VAL B 813 7.54 -24.67 8.25
N ALA B 814 8.80 -24.69 8.68
CA ALA B 814 9.38 -25.95 9.08
C ALA B 814 8.72 -26.51 10.31
N GLY B 815 8.35 -25.64 11.24
CA GLY B 815 7.93 -26.12 12.53
C GLY B 815 6.78 -27.09 12.43
N VAL B 816 5.81 -26.75 11.60
CA VAL B 816 4.63 -27.60 11.47
C VAL B 816 5.03 -28.99 11.02
N PHE B 817 5.96 -29.07 10.07
CA PHE B 817 6.44 -30.38 9.67
C PHE B 817 6.86 -31.19 10.87
N TYR B 818 7.69 -30.61 11.73
CA TYR B 818 8.11 -31.34 12.91
C TYR B 818 6.92 -31.85 13.67
N ILE B 819 5.98 -30.95 13.97
CA ILE B 819 4.77 -31.37 14.64
C ILE B 819 4.17 -32.58 13.96
N LEU B 820 3.96 -32.46 12.66
CA LEU B 820 3.45 -33.59 11.92
C LEU B 820 4.17 -34.86 12.33
N VAL B 821 5.47 -34.89 12.09
CA VAL B 821 6.21 -36.11 12.34
C VAL B 821 6.06 -36.51 13.78
N GLY B 822 6.17 -35.55 14.68
CA GLY B 822 5.95 -35.83 16.07
C GLY B 822 4.69 -36.63 16.29
N GLY B 823 3.55 -36.09 15.88
CA GLY B 823 2.30 -36.78 16.08
C GLY B 823 2.36 -38.17 15.49
N LEU B 824 2.94 -38.30 14.31
CA LEU B 824 3.05 -39.61 13.71
C LEU B 824 3.79 -40.54 14.63
N GLY B 825 5.00 -40.16 15.02
CA GLY B 825 5.70 -40.96 15.99
C GLY B 825 4.80 -41.34 17.14
N LEU B 826 4.24 -40.33 17.80
CA LEU B 826 3.32 -40.58 18.89
C LEU B 826 2.32 -41.65 18.52
N ALA B 827 1.59 -41.46 17.43
CA ALA B 827 0.61 -42.43 17.00
C ALA B 827 1.21 -43.82 16.95
N MET B 828 2.27 -43.99 16.16
CA MET B 828 2.93 -45.29 16.12
C MET B 828 3.06 -45.83 17.53
N LEU B 829 3.78 -45.09 18.37
CA LEU B 829 3.98 -45.51 19.74
C LEU B 829 2.68 -45.94 20.37
N VAL B 830 1.69 -45.04 20.36
CA VAL B 830 0.39 -45.36 20.94
C VAL B 830 -0.09 -46.73 20.50
N ALA B 831 -0.17 -46.96 19.20
CA ALA B 831 -0.64 -48.24 18.72
C ALA B 831 0.12 -49.38 19.37
N LEU B 832 1.45 -49.29 19.34
CA LEU B 832 2.24 -50.34 19.96
C LEU B 832 1.78 -50.57 21.39
N ILE B 833 1.68 -49.50 22.17
CA ILE B 833 1.14 -49.63 23.51
C ILE B 833 -0.15 -50.44 23.47
N GLU B 834 -1.15 -49.95 22.76
CA GLU B 834 -2.41 -50.67 22.69
C GLU B 834 -2.14 -52.13 22.37
N PHE B 835 -1.35 -52.37 21.34
CA PHE B 835 -1.09 -53.73 20.93
C PHE B 835 -0.42 -54.51 22.05
N CYS B 836 0.65 -53.95 22.62
CA CYS B 836 1.31 -54.61 23.74
C CYS B 836 0.33 -54.85 24.87
N TYR B 837 -0.60 -53.93 25.10
CA TYR B 837 -1.59 -54.14 26.14
C TYR B 837 -2.53 -55.28 25.76
N LYS B 838 -2.92 -55.35 24.49
CA LYS B 838 -3.87 -56.38 24.07
C LYS B 838 -3.22 -57.75 24.07
N SER B 839 -1.99 -57.85 23.58
CA SER B 839 -1.31 -59.14 23.57
C SER B 839 -1.15 -59.68 24.98
N ARG B 840 -1.08 -58.80 25.97
CA ARG B 840 -0.97 -59.22 27.36
C ARG B 840 -2.27 -59.85 27.82
N ASN C 414 18.72 29.86 -59.26
CA ASN C 414 18.03 28.58 -59.17
C ASN C 414 19.00 27.48 -58.76
N ARG C 415 19.51 27.58 -57.54
CA ARG C 415 20.55 26.69 -57.05
C ARG C 415 20.00 25.78 -55.96
N THR C 416 20.52 24.55 -55.94
CA THR C 416 20.19 23.65 -54.85
C THR C 416 20.70 24.21 -53.53
N TYR C 417 19.90 24.05 -52.50
CA TYR C 417 20.22 24.60 -51.19
C TYR C 417 20.90 23.56 -50.32
N ILE C 418 21.96 23.96 -49.66
CA ILE C 418 22.77 23.03 -48.88
C ILE C 418 21.99 22.70 -47.61
N VAL C 419 22.00 21.43 -47.24
CA VAL C 419 21.19 20.93 -46.13
C VAL C 419 22.08 20.10 -45.23
N THR C 420 22.62 20.71 -44.19
CA THR C 420 23.42 19.97 -43.24
C THR C 420 22.50 19.23 -42.28
N THR C 421 22.98 18.10 -41.78
CA THR C 421 22.24 17.34 -40.79
C THR C 421 23.16 16.28 -40.22
N ILE C 422 22.59 15.41 -39.39
CA ILE C 422 23.35 14.49 -38.57
C ILE C 422 22.71 13.12 -38.64
N LEU C 423 23.51 12.10 -38.35
CA LEU C 423 23.08 10.71 -38.45
C LEU C 423 22.63 10.26 -37.08
N GLU C 424 21.33 10.31 -36.85
CA GLU C 424 20.74 9.82 -35.60
C GLU C 424 19.43 9.17 -35.95
N ASP C 425 19.38 7.86 -35.84
CA ASP C 425 18.16 7.15 -36.17
C ASP C 425 17.04 7.65 -35.27
N PRO C 426 15.83 7.84 -35.81
CA PRO C 426 15.32 7.71 -37.17
C PRO C 426 15.21 9.02 -37.93
N TYR C 427 15.72 10.08 -37.33
CA TYR C 427 15.62 11.40 -37.96
C TYR C 427 16.33 11.39 -39.31
N VAL C 428 17.53 10.83 -39.35
CA VAL C 428 18.23 10.58 -40.60
C VAL C 428 19.02 9.30 -40.43
N MET C 429 19.05 8.48 -41.47
CA MET C 429 19.78 7.22 -41.44
C MET C 429 20.23 6.91 -42.86
N LEU C 430 21.22 6.04 -42.95
CA LEU C 430 21.72 5.58 -44.24
C LEU C 430 20.87 4.41 -44.71
N LYS C 431 20.35 4.52 -45.92
CA LYS C 431 19.49 3.48 -46.45
C LYS C 431 20.24 2.17 -46.51
N LYS C 432 19.51 1.07 -46.30
CA LYS C 432 20.06 -0.23 -46.65
C LYS C 432 20.39 -0.21 -48.14
N ASN C 433 21.60 -0.65 -48.46
CA ASN C 433 22.13 -0.62 -49.82
C ASN C 433 22.53 0.77 -50.25
N ALA C 434 22.79 1.68 -49.31
CA ALA C 434 23.14 3.05 -49.67
C ALA C 434 24.35 3.09 -50.58
N ASN C 435 25.26 2.11 -50.46
CA ASN C 435 26.37 2.03 -51.39
C ASN C 435 25.88 1.91 -52.83
N GLN C 436 24.69 1.34 -53.01
CA GLN C 436 24.05 1.25 -54.31
C GLN C 436 23.28 2.52 -54.67
N PHE C 437 23.26 3.50 -53.78
CA PHE C 437 22.50 4.73 -53.95
C PHE C 437 23.44 5.92 -53.90
N GLU C 438 23.04 7.01 -54.55
CA GLU C 438 23.82 8.23 -54.57
C GLU C 438 22.92 9.44 -54.37
N GLY C 439 23.51 10.52 -53.87
CA GLY C 439 22.80 11.76 -53.75
C GLY C 439 21.83 11.76 -52.58
N ASN C 440 20.78 12.57 -52.71
CA ASN C 440 19.83 12.72 -51.61
C ASN C 440 19.07 11.43 -51.32
N ASP C 441 19.13 10.45 -52.20
CA ASP C 441 18.52 9.16 -51.97
C ASP C 441 19.45 8.20 -51.22
N ARG C 442 20.54 8.71 -50.67
CA ARG C 442 21.41 7.87 -49.86
C ARG C 442 20.85 7.64 -48.46
N TYR C 443 20.10 8.60 -47.93
CA TYR C 443 19.64 8.58 -46.55
C TYR C 443 18.13 8.46 -46.48
N GLU C 444 17.65 7.90 -45.38
CA GLU C 444 16.24 7.84 -45.07
C GLU C 444 16.05 8.26 -43.63
N GLY C 445 14.94 8.92 -43.35
CA GLY C 445 14.60 9.26 -41.99
C GLY C 445 13.54 10.32 -41.95
N TYR C 446 12.98 10.49 -40.76
CA TYR C 446 11.94 11.47 -40.54
C TYR C 446 12.30 12.80 -41.20
N CYS C 447 13.42 13.38 -40.77
CA CYS C 447 13.81 14.68 -41.29
C CYS C 447 14.07 14.63 -42.79
N VAL C 448 14.37 13.46 -43.34
CA VAL C 448 14.51 13.35 -44.79
C VAL C 448 13.20 13.72 -45.47
N GLU C 449 12.13 12.99 -45.14
CA GLU C 449 10.84 13.34 -45.72
C GLU C 449 10.49 14.77 -45.39
N LEU C 450 10.79 15.21 -44.18
CA LEU C 450 10.39 16.54 -43.76
C LEU C 450 10.99 17.60 -44.67
N ALA C 451 12.29 17.52 -44.88
CA ALA C 451 12.94 18.45 -45.79
C ALA C 451 12.38 18.31 -47.19
N ALA C 452 12.01 17.09 -47.57
CA ALA C 452 11.36 16.91 -48.87
C ALA C 452 10.13 17.80 -48.98
N GLU C 453 9.22 17.71 -48.00
CA GLU C 453 8.01 18.51 -48.12
C GLU C 453 8.32 19.99 -48.01
N ILE C 454 9.29 20.37 -47.18
CA ILE C 454 9.58 21.78 -47.01
C ILE C 454 10.07 22.38 -48.31
N ALA C 455 11.02 21.72 -48.96
CA ALA C 455 11.52 22.24 -50.22
C ALA C 455 10.45 22.17 -51.30
N LYS C 456 9.55 21.19 -51.21
CA LYS C 456 8.41 21.17 -52.12
C LYS C 456 7.57 22.43 -51.95
N HIS C 457 7.33 22.82 -50.69
CA HIS C 457 6.50 23.98 -50.42
C HIS C 457 7.17 25.26 -50.89
N VAL C 458 8.43 25.44 -50.50
CA VAL C 458 9.13 26.67 -50.85
C VAL C 458 9.62 26.65 -52.30
N GLY C 459 9.50 25.51 -52.98
CA GLY C 459 9.81 25.44 -54.39
C GLY C 459 11.27 25.63 -54.71
N TYR C 460 12.14 24.97 -53.95
CA TYR C 460 13.56 24.98 -54.23
C TYR C 460 14.08 23.55 -54.21
N SER C 461 15.32 23.39 -54.65
CA SER C 461 15.99 22.09 -54.67
C SER C 461 16.98 22.04 -53.52
N TYR C 462 17.08 20.86 -52.90
CA TYR C 462 17.86 20.68 -51.69
C TYR C 462 18.86 19.55 -51.87
N ARG C 463 20.08 19.78 -51.38
CA ARG C 463 21.15 18.80 -51.42
C ARG C 463 21.51 18.40 -50.00
N LEU C 464 21.40 17.11 -49.72
CA LEU C 464 21.67 16.59 -48.39
C LEU C 464 23.17 16.49 -48.12
N GLU C 465 23.55 16.73 -46.87
CA GLU C 465 24.93 16.61 -46.43
C GLU C 465 24.94 16.29 -44.94
N ILE C 466 25.80 15.36 -44.55
CA ILE C 466 26.00 15.09 -43.14
C ILE C 466 27.00 16.09 -42.57
N VAL C 467 26.91 16.30 -41.27
CA VAL C 467 27.86 17.15 -40.58
C VAL C 467 29.13 16.34 -40.36
N SER C 468 30.29 16.96 -40.63
CA SER C 468 31.55 16.23 -40.55
C SER C 468 31.74 15.57 -39.20
N ASP C 469 31.59 16.34 -38.12
CA ASP C 469 31.96 15.87 -36.80
C ASP C 469 30.98 14.83 -36.25
N GLY C 470 29.80 14.71 -36.85
CA GLY C 470 28.76 13.90 -36.23
C GLY C 470 28.32 14.42 -34.88
N LYS C 471 28.58 15.68 -34.60
CA LYS C 471 28.19 16.32 -33.36
C LYS C 471 27.31 17.52 -33.70
N TYR C 472 26.25 17.70 -32.91
CA TYR C 472 25.20 18.64 -33.26
C TYR C 472 25.72 20.06 -33.37
N GLY C 473 26.16 20.61 -32.25
CA GLY C 473 26.52 22.00 -32.18
C GLY C 473 26.79 22.44 -30.76
N ALA C 474 27.79 23.30 -30.60
CA ALA C 474 28.12 23.90 -29.32
C ALA C 474 29.25 24.88 -29.57
N ARG C 475 29.63 25.60 -28.52
CA ARG C 475 30.58 26.69 -28.63
C ARG C 475 31.79 26.41 -27.76
N ASP C 476 32.97 26.59 -28.33
CA ASP C 476 34.19 26.53 -27.53
C ASP C 476 34.24 27.76 -26.63
N PRO C 477 34.43 27.61 -25.32
CA PRO C 477 34.42 28.79 -24.45
C PRO C 477 35.60 29.69 -24.66
N ASP C 478 36.71 29.17 -25.20
CA ASP C 478 37.91 29.96 -25.38
C ASP C 478 37.97 30.54 -26.79
N THR C 479 37.95 29.68 -27.81
CA THR C 479 37.97 30.17 -29.17
C THR C 479 36.66 30.83 -29.56
N LYS C 480 35.57 30.55 -28.84
CA LYS C 480 34.27 31.11 -29.15
C LYS C 480 33.89 30.82 -30.60
N ALA C 481 34.08 29.55 -30.99
CA ALA C 481 33.75 29.08 -32.32
C ALA C 481 32.53 28.17 -32.27
N TRP C 482 31.94 27.93 -33.44
CA TRP C 482 30.74 27.13 -33.57
C TRP C 482 31.06 25.82 -34.29
N ASN C 483 30.70 24.71 -33.69
CA ASN C 483 30.94 23.39 -34.24
C ASN C 483 29.65 22.79 -34.77
N GLY C 484 29.78 21.62 -35.38
CA GLY C 484 28.64 20.85 -35.84
C GLY C 484 27.79 21.60 -36.84
N MET C 485 26.48 21.35 -36.78
CA MET C 485 25.57 21.97 -37.73
C MET C 485 25.54 23.48 -37.57
N VAL C 486 25.60 23.97 -36.33
CA VAL C 486 25.58 25.41 -36.13
C VAL C 486 26.85 26.04 -36.68
N GLY C 487 27.99 25.37 -36.49
CA GLY C 487 29.22 25.84 -37.11
C GLY C 487 29.10 25.89 -38.62
N GLU C 488 28.49 24.87 -39.21
CA GLU C 488 28.33 24.83 -40.66
C GLU C 488 27.48 25.99 -41.13
N LEU C 489 26.40 26.28 -40.41
CA LEU C 489 25.49 27.34 -40.84
C LEU C 489 26.09 28.72 -40.64
N VAL C 490 26.54 28.99 -39.42
CA VAL C 490 26.96 30.35 -39.07
C VAL C 490 28.10 30.79 -39.98
N TYR C 491 29.07 29.91 -40.20
CA TYR C 491 30.21 30.22 -41.05
C TYR C 491 29.90 30.02 -42.53
N GLY C 492 28.72 29.52 -42.86
CA GLY C 492 28.25 29.52 -44.23
C GLY C 492 28.50 28.25 -45.00
N ARG C 493 28.99 27.19 -44.36
CA ARG C 493 29.23 25.96 -45.07
C ARG C 493 27.94 25.32 -45.53
N ALA C 494 26.87 25.47 -44.76
CA ALA C 494 25.58 24.90 -45.09
C ALA C 494 24.52 26.00 -45.09
N ASP C 495 23.50 25.79 -45.92
CA ASP C 495 22.46 26.78 -46.12
C ASP C 495 21.29 26.58 -45.18
N VAL C 496 21.09 25.36 -44.71
CA VAL C 496 19.95 25.01 -43.88
C VAL C 496 20.30 23.81 -43.04
N ALA C 497 19.70 23.74 -41.86
CA ALA C 497 19.84 22.61 -40.95
C ALA C 497 18.46 22.04 -40.70
N VAL C 498 18.29 20.77 -41.01
CA VAL C 498 17.04 20.07 -40.79
C VAL C 498 17.35 18.84 -39.98
N ALA C 499 17.37 18.99 -38.66
CA ALA C 499 17.75 17.92 -37.77
C ALA C 499 17.33 18.29 -36.37
N PRO C 500 17.38 17.37 -35.46
CA PRO C 500 17.07 17.72 -34.08
C PRO C 500 18.12 18.67 -33.57
N LEU C 501 17.74 19.92 -33.60
CA LEU C 501 18.64 21.00 -33.30
C LEU C 501 17.96 21.83 -32.22
N THR C 502 18.10 21.36 -30.98
CA THR C 502 17.28 21.88 -29.91
C THR C 502 17.45 23.37 -29.80
N ILE C 503 16.35 24.05 -29.64
CA ILE C 503 16.35 25.48 -29.48
C ILE C 503 16.73 25.84 -28.07
N THR C 504 17.55 26.86 -27.95
CA THR C 504 18.02 27.34 -26.66
C THR C 504 18.46 28.79 -26.86
N LEU C 505 18.70 29.47 -25.74
CA LEU C 505 18.98 30.89 -25.82
C LEU C 505 20.24 31.17 -26.63
N VAL C 506 21.33 30.48 -26.29
CA VAL C 506 22.62 30.80 -26.89
C VAL C 506 22.58 30.60 -28.40
N ARG C 507 22.07 29.47 -28.86
CA ARG C 507 22.04 29.20 -30.29
C ARG C 507 21.19 30.22 -31.02
N GLU C 508 20.05 30.59 -30.45
CA GLU C 508 19.12 31.48 -31.13
C GLU C 508 19.70 32.87 -31.30
N GLU C 509 20.64 33.27 -30.44
CA GLU C 509 21.25 34.59 -30.58
C GLU C 509 21.89 34.76 -31.96
N VAL C 510 22.45 33.68 -32.50
CA VAL C 510 23.37 33.78 -33.62
C VAL C 510 22.77 33.26 -34.93
N ILE C 511 21.67 32.53 -34.87
CA ILE C 511 21.01 31.99 -36.06
C ILE C 511 19.51 32.20 -35.93
N ASP C 512 18.82 31.92 -37.02
CA ASP C 512 17.36 32.06 -37.09
C ASP C 512 16.76 30.67 -37.03
N PHE C 513 16.12 30.37 -35.89
CA PHE C 513 15.39 29.13 -35.77
C PHE C 513 14.04 29.25 -36.47
N SER C 514 13.26 28.19 -36.36
CA SER C 514 11.90 28.17 -36.88
C SER C 514 10.98 27.50 -35.87
N LYS C 515 9.71 27.77 -36.02
CA LYS C 515 8.74 27.23 -35.09
C LYS C 515 8.91 25.73 -35.06
N PRO C 516 8.90 25.12 -33.88
CA PRO C 516 9.22 23.71 -33.78
C PRO C 516 8.36 22.84 -34.68
N PHE C 517 8.74 21.58 -34.72
CA PHE C 517 8.00 20.55 -35.40
C PHE C 517 7.96 19.28 -34.58
N MET C 518 8.47 19.32 -33.36
CA MET C 518 8.47 18.15 -32.50
C MET C 518 8.94 18.59 -31.13
N SER C 519 8.33 18.00 -30.10
CA SER C 519 8.53 18.44 -28.74
C SER C 519 9.08 17.30 -27.91
N LEU C 520 9.79 17.65 -26.86
CA LEU C 520 10.61 16.69 -26.14
C LEU C 520 11.10 17.35 -24.86
N GLY C 521 12.03 16.66 -24.21
CA GLY C 521 12.56 17.10 -22.93
C GLY C 521 13.71 16.21 -22.53
N ILE C 522 14.28 16.53 -21.39
CA ILE C 522 15.46 15.84 -20.91
C ILE C 522 15.05 14.73 -19.97
N SER C 523 15.52 13.52 -20.26
CA SER C 523 14.95 12.31 -19.70
C SER C 523 16.04 11.28 -19.47
N ILE C 524 15.69 10.30 -18.65
CA ILE C 524 16.59 9.26 -18.19
C ILE C 524 16.34 7.98 -18.96
N MET C 525 17.41 7.33 -19.40
CA MET C 525 17.37 6.04 -20.04
C MET C 525 18.17 5.03 -19.21
N ILE C 526 17.61 3.83 -19.06
CA ILE C 526 18.15 2.79 -18.20
C ILE C 526 18.16 1.48 -18.96
N LYS C 527 19.02 0.56 -18.50
CA LYS C 527 18.97 -0.83 -18.96
C LYS C 527 17.81 -1.54 -18.28
N LYS C 528 17.05 -2.30 -19.06
CA LYS C 528 15.92 -3.01 -18.49
C LYS C 528 16.40 -4.00 -17.44
N PRO C 529 15.91 -3.93 -16.21
CA PRO C 529 16.20 -4.99 -15.23
C PRO C 529 15.47 -6.29 -15.57
N GLN C 530 15.62 -7.29 -14.71
CA GLN C 530 14.99 -8.59 -14.96
C GLN C 530 13.48 -8.44 -15.06
N LYS C 531 12.91 -9.01 -16.12
CA LYS C 531 11.47 -8.96 -16.30
C LYS C 531 10.76 -9.71 -15.18
N SER C 532 11.32 -10.84 -14.74
CA SER C 532 10.70 -11.66 -13.70
C SER C 532 9.28 -12.02 -14.08
N LYS C 533 9.04 -12.18 -15.38
CA LYS C 533 7.69 -12.37 -15.86
C LYS C 533 7.07 -13.60 -15.22
N PRO C 534 5.80 -13.54 -14.83
CA PRO C 534 5.12 -14.74 -14.31
C PRO C 534 4.85 -15.72 -15.44
N GLY C 535 5.38 -16.93 -15.29
CA GLY C 535 5.24 -17.93 -16.31
C GLY C 535 3.87 -18.58 -16.33
N VAL C 536 3.83 -19.87 -16.62
CA VAL C 536 2.57 -20.62 -16.66
C VAL C 536 2.44 -21.48 -15.42
N PHE C 537 3.57 -21.89 -14.85
CA PHE C 537 3.58 -22.48 -13.51
C PHE C 537 3.92 -21.44 -12.47
N SER C 538 3.14 -20.38 -12.45
CA SER C 538 3.27 -19.33 -11.46
C SER C 538 2.43 -19.58 -10.23
N PHE C 539 1.60 -20.61 -10.25
CA PHE C 539 0.79 -20.96 -9.11
C PHE C 539 1.54 -21.78 -8.07
N LEU C 540 2.80 -22.10 -8.33
CA LEU C 540 3.64 -22.76 -7.35
C LEU C 540 4.57 -21.80 -6.62
N ASP C 541 4.75 -20.61 -7.15
CA ASP C 541 5.73 -19.66 -6.65
C ASP C 541 5.52 -19.36 -5.18
N PRO C 542 4.27 -19.27 -4.72
CA PRO C 542 4.04 -18.94 -3.30
C PRO C 542 4.64 -19.94 -2.36
N LEU C 543 4.94 -21.13 -2.83
CA LEU C 543 5.58 -22.14 -2.03
C LEU C 543 6.77 -22.71 -2.78
N ALA C 544 7.94 -22.58 -2.17
CA ALA C 544 9.17 -22.99 -2.77
C ALA C 544 9.13 -24.45 -3.20
N TYR C 545 10.02 -24.78 -4.12
CA TYR C 545 10.20 -26.13 -4.59
C TYR C 545 10.41 -27.10 -3.44
N GLU C 546 11.12 -26.65 -2.42
CA GLU C 546 11.42 -27.52 -1.28
C GLU C 546 10.16 -27.88 -0.54
N ILE C 547 9.26 -26.90 -0.38
CA ILE C 547 8.04 -27.16 0.36
C ILE C 547 7.16 -28.14 -0.37
N TRP C 548 7.06 -27.99 -1.68
CA TRP C 548 6.26 -28.94 -2.44
C TRP C 548 6.84 -30.33 -2.31
N MET C 549 8.16 -30.45 -2.41
CA MET C 549 8.78 -31.74 -2.24
C MET C 549 8.44 -32.33 -0.89
N CYS C 550 8.61 -31.56 0.17
CA CYS C 550 8.47 -32.10 1.50
C CYS C 550 7.01 -32.31 1.86
N ILE C 551 6.12 -31.62 1.16
CA ILE C 551 4.69 -31.92 1.25
C ILE C 551 4.40 -33.29 0.66
N VAL C 552 5.02 -33.59 -0.48
CA VAL C 552 4.81 -34.92 -1.04
C VAL C 552 5.34 -35.97 -0.09
N PHE C 553 6.51 -35.71 0.46
CA PHE C 553 7.10 -36.62 1.42
C PHE C 553 6.19 -36.83 2.61
N ALA C 554 5.63 -35.77 3.14
CA ALA C 554 4.73 -35.89 4.26
C ALA C 554 3.44 -36.60 3.90
N TYR C 555 2.93 -36.39 2.70
CA TYR C 555 1.78 -37.16 2.25
C TYR C 555 2.06 -38.63 2.26
N ILE C 556 3.21 -39.03 1.73
CA ILE C 556 3.57 -40.45 1.73
C ILE C 556 3.75 -40.95 3.15
N GLY C 557 4.40 -40.14 3.99
CA GLY C 557 4.57 -40.51 5.40
C GLY C 557 3.24 -40.71 6.09
N VAL C 558 2.39 -39.67 6.11
CA VAL C 558 1.06 -39.74 6.79
C VAL C 558 0.31 -40.98 6.28
N SER C 559 0.21 -41.16 4.96
CA SER C 559 -0.58 -42.28 4.41
C SER C 559 -0.04 -43.63 4.90
N VAL C 560 1.28 -43.84 4.79
CA VAL C 560 1.88 -45.15 5.20
C VAL C 560 1.64 -45.35 6.69
N VAL C 561 1.82 -44.31 7.51
CA VAL C 561 1.64 -44.47 8.94
C VAL C 561 0.21 -44.81 9.27
N LEU C 562 -0.72 -44.24 8.54
CA LEU C 562 -2.11 -44.41 8.85
C LEU C 562 -2.56 -45.81 8.47
N PHE C 563 -2.08 -46.28 7.33
CA PHE C 563 -2.25 -47.68 6.96
C PHE C 563 -1.78 -48.59 8.06
N LEU C 564 -0.58 -48.33 8.55
CA LEU C 564 0.05 -49.15 9.55
C LEU C 564 -0.77 -49.19 10.84
N VAL C 565 -0.92 -48.04 11.49
CA VAL C 565 -1.60 -48.01 12.77
C VAL C 565 -3.02 -48.51 12.65
N SER C 566 -3.61 -48.38 11.46
CA SER C 566 -4.97 -48.84 11.29
C SER C 566 -5.03 -50.34 11.11
N ARG C 567 -4.01 -50.93 10.51
CA ARG C 567 -4.13 -52.32 10.10
C ARG C 567 -3.46 -53.32 11.02
N PHE C 568 -2.77 -52.89 12.07
CA PHE C 568 -2.38 -53.84 13.10
C PHE C 568 -2.93 -53.45 14.46
N ASN C 591 -11.66 -51.63 9.75
CA ASN C 591 -10.99 -50.50 9.09
C ASN C 591 -10.86 -50.73 7.59
N GLU C 592 -11.08 -49.67 6.84
CA GLU C 592 -10.97 -49.65 5.40
C GLU C 592 -9.73 -48.88 4.99
N PHE C 593 -8.78 -48.77 5.90
CA PHE C 593 -7.61 -47.92 5.70
C PHE C 593 -6.41 -48.72 5.18
N GLY C 594 -6.62 -49.37 4.06
CA GLY C 594 -5.48 -49.84 3.31
C GLY C 594 -4.62 -48.67 2.91
N ILE C 595 -3.57 -49.00 2.18
CA ILE C 595 -2.70 -47.96 1.65
C ILE C 595 -3.43 -47.19 0.57
N PHE C 596 -4.19 -47.90 -0.26
CA PHE C 596 -4.82 -47.27 -1.41
C PHE C 596 -5.87 -46.29 -0.99
N ASN C 597 -6.59 -46.57 0.08
CA ASN C 597 -7.55 -45.63 0.64
C ASN C 597 -6.91 -44.62 1.59
N SER C 598 -5.76 -44.94 2.16
CA SER C 598 -5.07 -43.99 3.03
C SER C 598 -4.48 -42.84 2.24
N LEU C 599 -3.88 -43.15 1.11
CA LEU C 599 -3.36 -42.11 0.26
C LEU C 599 -4.48 -41.21 -0.24
N TRP C 600 -5.63 -41.81 -0.50
CA TRP C 600 -6.82 -41.04 -0.82
C TRP C 600 -7.21 -40.12 0.33
N PHE C 601 -7.51 -40.70 1.49
CA PHE C 601 -7.93 -39.89 2.63
C PHE C 601 -6.99 -38.75 2.88
N SER C 602 -5.70 -38.99 2.79
CA SER C 602 -4.71 -37.96 2.99
C SER C 602 -4.49 -37.10 1.77
N LEU C 603 -5.21 -37.38 0.70
CA LEU C 603 -5.22 -36.46 -0.44
C LEU C 603 -6.46 -35.60 -0.43
N GLY C 604 -7.57 -36.15 0.03
CA GLY C 604 -8.75 -35.32 0.19
C GLY C 604 -8.54 -34.26 1.24
N ALA C 605 -8.02 -34.67 2.38
CA ALA C 605 -7.81 -33.76 3.50
C ALA C 605 -6.94 -32.57 3.09
N PHE C 606 -5.97 -32.79 2.23
CA PHE C 606 -5.10 -31.69 1.85
C PHE C 606 -5.82 -30.70 0.97
N MET C 607 -6.69 -31.20 0.10
CA MET C 607 -7.42 -30.36 -0.82
C MET C 607 -8.72 -29.85 -0.23
N GLN C 608 -9.12 -30.38 0.91
CA GLN C 608 -10.31 -29.95 1.63
C GLN C 608 -11.57 -30.34 0.88
N GLN C 609 -11.50 -31.45 0.16
CA GLN C 609 -12.60 -31.89 -0.68
C GLN C 609 -13.25 -33.13 -0.13
N GLY C 610 -13.02 -33.43 1.12
CA GLY C 610 -13.87 -34.34 1.84
C GLY C 610 -13.14 -35.57 2.28
N CYS C 611 -13.92 -36.55 2.74
CA CYS C 611 -13.35 -37.79 3.23
C CYS C 611 -14.45 -38.84 3.17
N ASP C 612 -14.29 -39.78 2.24
CA ASP C 612 -15.20 -40.91 2.18
C ASP C 612 -15.17 -41.70 3.47
N ILE C 613 -14.11 -41.54 4.26
CA ILE C 613 -13.90 -42.32 5.46
C ILE C 613 -13.25 -41.45 6.52
N SER C 614 -13.56 -41.74 7.77
CA SER C 614 -12.93 -41.06 8.87
C SER C 614 -12.44 -42.08 9.88
N PRO C 615 -11.25 -41.90 10.42
CA PRO C 615 -10.69 -42.90 11.33
C PRO C 615 -11.51 -43.04 12.60
N ARG C 616 -11.58 -44.28 13.08
CA ARG C 616 -12.27 -44.56 14.33
C ARG C 616 -11.33 -44.91 15.45
N SER C 617 -10.07 -45.16 15.15
CA SER C 617 -9.07 -45.48 16.13
C SER C 617 -8.43 -44.23 16.71
N LEU C 618 -7.83 -44.39 17.88
CA LEU C 618 -7.09 -43.29 18.49
C LEU C 618 -5.88 -42.92 17.65
N SER C 619 -5.17 -43.91 17.13
CA SER C 619 -3.98 -43.65 16.34
C SER C 619 -4.35 -43.01 15.01
N GLY C 620 -5.29 -43.61 14.30
CA GLY C 620 -5.74 -43.02 13.06
C GLY C 620 -6.25 -41.61 13.27
N ARG C 621 -6.95 -41.38 14.37
CA ARG C 621 -7.45 -40.05 14.65
C ARG C 621 -6.36 -39.07 14.98
N ILE C 622 -5.34 -39.48 15.72
CA ILE C 622 -4.21 -38.60 15.95
C ILE C 622 -3.55 -38.20 14.66
N VAL C 623 -3.34 -39.14 13.75
CA VAL C 623 -2.71 -38.81 12.50
C VAL C 623 -3.58 -37.95 11.62
N GLY C 624 -4.86 -38.21 11.57
CA GLY C 624 -5.75 -37.41 10.80
C GLY C 624 -5.77 -36.00 11.34
N GLY C 625 -5.73 -35.87 12.65
CA GLY C 625 -5.80 -34.58 13.29
C GLY C 625 -4.56 -33.79 13.21
N VAL C 626 -3.50 -34.44 12.76
CA VAL C 626 -2.25 -33.76 12.52
C VAL C 626 -2.11 -33.39 11.07
N TRP C 627 -2.50 -34.30 10.17
CA TRP C 627 -2.49 -33.94 8.73
C TRP C 627 -3.43 -32.75 8.55
N TRP C 628 -4.61 -32.76 9.19
CA TRP C 628 -5.55 -31.67 9.03
C TRP C 628 -4.94 -30.34 9.42
N PHE C 629 -4.23 -30.31 10.53
CA PHE C 629 -3.59 -29.09 10.99
C PHE C 629 -2.50 -28.64 10.04
N PHE C 630 -1.60 -29.56 9.72
CA PHE C 630 -0.58 -29.30 8.71
C PHE C 630 -1.21 -28.71 7.47
N THR C 631 -2.24 -29.38 6.96
CA THR C 631 -2.99 -28.89 5.83
C THR C 631 -3.45 -27.47 6.01
N LEU C 632 -4.08 -27.17 7.13
CA LEU C 632 -4.67 -25.86 7.31
C LEU C 632 -3.60 -24.80 7.23
N ILE C 633 -2.50 -25.04 7.91
CA ILE C 633 -1.43 -24.05 7.91
C ILE C 633 -0.88 -23.86 6.52
N ILE C 634 -0.59 -24.95 5.84
CA ILE C 634 0.02 -24.88 4.53
C ILE C 634 -0.90 -24.20 3.54
N ILE C 635 -2.16 -24.58 3.54
CA ILE C 635 -3.10 -24.04 2.58
C ILE C 635 -3.38 -22.58 2.85
N SER C 636 -3.63 -22.22 4.10
CA SER C 636 -3.80 -20.82 4.43
C SER C 636 -2.60 -20.00 4.00
N SER C 637 -1.40 -20.52 4.25
CA SER C 637 -0.18 -19.87 3.83
C SER C 637 -0.16 -19.67 2.34
N TYR C 638 -0.43 -20.73 1.60
CA TYR C 638 -0.36 -20.67 0.16
C TYR C 638 -1.34 -19.67 -0.39
N THR C 639 -2.56 -19.67 0.12
CA THR C 639 -3.58 -18.77 -0.40
C THR C 639 -3.28 -17.33 -0.05
N ALA C 640 -2.92 -17.06 1.20
CA ALA C 640 -2.57 -15.70 1.59
C ALA C 640 -1.41 -15.17 0.77
N ASN C 641 -0.36 -15.96 0.63
CA ASN C 641 0.75 -15.48 -0.16
C ASN C 641 0.38 -15.38 -1.63
N LEU C 642 -0.55 -16.21 -2.10
CA LEU C 642 -1.02 -16.07 -3.46
C LEU C 642 -1.69 -14.72 -3.66
N ALA C 643 -2.59 -14.37 -2.76
CA ALA C 643 -3.17 -13.04 -2.77
C ALA C 643 -2.09 -11.97 -2.73
N ALA C 644 -1.02 -12.25 -1.98
CA ALA C 644 0.07 -11.31 -1.88
C ALA C 644 0.76 -11.13 -3.22
N PHE C 645 0.86 -12.21 -4.00
CA PHE C 645 1.47 -12.09 -5.32
C PHE C 645 0.56 -11.37 -6.29
N LEU C 646 -0.65 -11.87 -6.42
CA LEU C 646 -1.55 -11.39 -7.45
C LEU C 646 -1.88 -9.91 -7.28
N THR C 647 -2.07 -9.47 -6.04
CA THR C 647 -2.33 -8.06 -5.78
C THR C 647 -1.05 -7.24 -5.71
N VAL C 648 0.11 -7.85 -5.96
CA VAL C 648 1.39 -7.16 -5.94
C VAL C 648 2.24 -7.66 -7.08
N GLU C 649 2.30 -6.91 -8.17
CA GLU C 649 3.21 -7.18 -9.26
C GLU C 649 4.28 -6.09 -9.33
N ARG C 650 5.28 -6.32 -10.16
CA ARG C 650 6.43 -5.43 -10.25
C ARG C 650 6.02 -3.96 -10.37
N MET C 651 6.32 -3.18 -9.35
CA MET C 651 5.99 -1.75 -9.32
C MET C 651 7.13 -0.96 -8.71
N VAL C 652 8.37 -1.31 -9.06
CA VAL C 652 9.55 -0.76 -8.40
C VAL C 652 10.58 -0.37 -9.44
N SER C 653 11.25 0.75 -9.21
CA SER C 653 12.43 1.16 -9.95
C SER C 653 13.19 2.11 -9.03
N PRO C 654 14.50 1.96 -8.89
CA PRO C 654 15.24 2.73 -7.89
C PRO C 654 15.30 4.24 -8.14
N ILE C 655 15.82 4.65 -9.30
CA ILE C 655 16.03 6.07 -9.57
C ILE C 655 14.69 6.78 -9.73
N GLU C 656 13.95 6.41 -10.76
CA GLU C 656 12.55 6.77 -10.94
C GLU C 656 12.30 8.27 -10.80
N SER C 657 13.32 9.09 -10.84
CA SER C 657 13.19 10.54 -10.69
C SER C 657 14.54 11.18 -11.02
N ALA C 658 14.67 12.47 -10.70
CA ALA C 658 15.90 13.23 -10.88
C ALA C 658 16.66 13.42 -9.58
N GLU C 659 15.97 13.70 -8.49
CA GLU C 659 16.62 13.83 -7.19
C GLU C 659 17.39 12.56 -6.85
N ASP C 660 16.74 11.41 -6.96
CA ASP C 660 17.42 10.16 -6.69
C ASP C 660 18.68 10.04 -7.56
N LEU C 661 18.54 10.22 -8.87
CA LEU C 661 19.69 10.10 -9.76
C LEU C 661 20.84 10.96 -9.27
N ALA C 662 20.55 12.21 -8.91
CA ALA C 662 21.60 13.08 -8.38
C ALA C 662 22.11 12.61 -7.03
N LYS C 663 21.36 11.74 -6.34
CA LYS C 663 21.79 11.22 -5.06
C LYS C 663 22.62 9.94 -5.18
N GLN C 664 22.40 9.17 -6.24
CA GLN C 664 23.09 7.90 -6.37
C GLN C 664 24.54 8.10 -6.72
N THR C 665 25.35 7.10 -6.39
CA THR C 665 26.78 7.13 -6.63
C THR C 665 27.34 5.84 -7.21
N GLU C 666 26.65 4.72 -7.05
CA GLU C 666 27.06 3.49 -7.71
C GLU C 666 26.77 3.52 -9.21
N ILE C 667 26.06 4.54 -9.67
CA ILE C 667 25.64 4.63 -11.06
C ILE C 667 26.42 5.75 -11.73
N ALA C 668 26.56 5.63 -13.04
CA ALA C 668 27.13 6.66 -13.88
C ALA C 668 26.02 7.30 -14.70
N TYR C 669 26.12 8.62 -14.91
CA TYR C 669 25.17 9.30 -15.76
C TYR C 669 25.78 10.59 -16.27
N GLY C 670 25.53 10.86 -17.54
CA GLY C 670 26.06 12.05 -18.20
C GLY C 670 25.25 12.42 -19.41
N THR C 671 25.91 13.08 -20.36
CA THR C 671 25.22 13.72 -21.46
C THR C 671 25.96 13.38 -22.76
N LEU C 672 25.63 14.13 -23.81
CA LEU C 672 26.34 14.06 -25.08
C LEU C 672 27.11 15.35 -25.26
N GLU C 673 28.38 15.23 -25.64
CA GLU C 673 29.17 16.40 -25.97
C GLU C 673 28.66 17.03 -27.26
N ALA C 674 28.77 18.35 -27.33
CA ALA C 674 28.40 19.11 -28.53
C ALA C 674 26.89 19.13 -28.72
N GLY C 675 26.16 19.34 -27.63
CA GLY C 675 24.71 19.39 -27.69
C GLY C 675 24.17 20.25 -26.57
N SER C 676 22.86 20.48 -26.61
CA SER C 676 22.23 21.37 -25.65
C SER C 676 21.86 20.70 -24.34
N THR C 677 21.91 19.37 -24.27
CA THR C 677 21.71 18.72 -22.98
C THR C 677 22.85 19.05 -22.02
N LYS C 678 24.08 18.91 -22.48
CA LYS C 678 25.22 19.30 -21.67
C LYS C 678 25.14 20.77 -21.30
N GLU C 679 24.77 21.60 -22.27
CA GLU C 679 24.63 23.03 -22.00
C GLU C 679 23.62 23.28 -20.91
N PHE C 680 22.47 22.60 -20.98
CA PHE C 680 21.43 22.80 -19.99
C PHE C 680 21.91 22.41 -18.61
N PHE C 681 22.54 21.23 -18.50
CA PHE C 681 23.03 20.80 -17.20
C PHE C 681 24.08 21.76 -16.67
N ARG C 682 24.96 22.23 -17.55
CA ARG C 682 26.07 23.08 -17.13
C ARG C 682 25.57 24.44 -16.68
N ARG C 683 24.58 24.98 -17.36
CA ARG C 683 24.09 26.33 -17.11
C ARG C 683 22.94 26.35 -16.12
N SER C 684 22.51 25.19 -15.65
CA SER C 684 21.35 25.13 -14.78
C SER C 684 21.62 25.87 -13.48
N LYS C 685 20.62 26.61 -13.03
CA LYS C 685 20.65 27.29 -11.74
C LYS C 685 19.81 26.55 -10.70
N ILE C 686 19.51 25.28 -10.94
CA ILE C 686 18.69 24.49 -10.04
C ILE C 686 19.58 23.65 -9.15
N ALA C 687 19.00 23.17 -8.06
CA ALA C 687 19.77 22.38 -7.09
C ALA C 687 20.16 21.02 -7.67
N VAL C 688 19.17 20.21 -8.02
CA VAL C 688 19.46 18.87 -8.51
C VAL C 688 20.31 18.94 -9.77
N PHE C 689 19.95 19.84 -10.68
CA PHE C 689 20.69 19.97 -11.92
C PHE C 689 22.12 20.44 -11.66
N GLU C 690 22.28 21.38 -10.72
CA GLU C 690 23.62 21.85 -10.39
C GLU C 690 24.47 20.70 -9.85
N LYS C 691 23.90 19.90 -8.94
CA LYS C 691 24.65 18.77 -8.39
C LYS C 691 24.99 17.75 -9.45
N MET C 692 24.05 17.49 -10.36
CA MET C 692 24.31 16.53 -11.43
C MET C 692 25.39 17.05 -12.36
N TRP C 693 25.43 18.37 -12.56
CA TRP C 693 26.51 18.95 -13.36
C TRP C 693 27.84 18.78 -12.64
N THR C 694 27.86 19.01 -11.33
CA THR C 694 29.06 18.78 -10.56
C THR C 694 29.55 17.35 -10.75
N TYR C 695 28.65 16.38 -10.59
CA TYR C 695 29.01 14.98 -10.76
C TYR C 695 29.55 14.73 -12.16
N MET C 696 28.83 15.17 -13.17
CA MET C 696 29.21 14.88 -14.56
C MET C 696 30.56 15.51 -14.89
N LYS C 697 30.84 16.69 -14.34
CA LYS C 697 32.04 17.43 -14.69
C LYS C 697 33.30 16.87 -14.05
N SER C 698 33.16 15.85 -13.19
CA SER C 698 34.28 15.36 -12.42
C SER C 698 34.37 13.85 -12.33
N ALA C 699 33.45 13.11 -12.94
CA ALA C 699 33.47 11.65 -12.84
C ALA C 699 34.49 11.08 -13.80
N GLU C 700 35.29 10.15 -13.29
CA GLU C 700 36.33 9.48 -14.08
C GLU C 700 35.99 7.99 -14.14
N PRO C 701 35.86 7.40 -15.33
CA PRO C 701 36.11 8.01 -16.64
C PRO C 701 35.01 9.01 -17.04
N SER C 702 35.23 9.72 -18.14
CA SER C 702 34.28 10.70 -18.61
C SER C 702 32.91 10.07 -18.85
N VAL C 703 31.93 10.44 -18.02
CA VAL C 703 30.57 9.92 -18.20
C VAL C 703 30.01 10.36 -19.54
N PHE C 704 30.48 11.47 -20.07
CA PHE C 704 30.04 11.93 -21.38
C PHE C 704 30.36 10.89 -22.44
N VAL C 705 29.81 11.09 -23.63
CA VAL C 705 30.23 10.34 -24.80
C VAL C 705 30.31 11.30 -25.97
N ARG C 706 30.54 10.77 -27.16
CA ARG C 706 30.56 11.57 -28.38
C ARG C 706 29.34 11.36 -29.24
N THR C 707 28.71 10.20 -29.16
CA THR C 707 27.52 9.89 -29.92
C THR C 707 26.46 9.27 -29.02
N THR C 708 25.21 9.64 -29.28
CA THR C 708 24.11 9.01 -28.55
C THR C 708 24.21 7.51 -28.64
N GLU C 709 24.67 7.00 -29.77
CA GLU C 709 24.85 5.56 -29.92
C GLU C 709 25.87 5.06 -28.92
N GLU C 710 26.92 5.84 -28.67
CA GLU C 710 27.94 5.42 -27.72
C GLU C 710 27.34 5.27 -26.32
N GLY C 711 26.56 6.26 -25.89
CA GLY C 711 25.93 6.15 -24.59
C GLY C 711 24.92 5.02 -24.54
N MET C 712 24.21 4.79 -25.65
CA MET C 712 23.29 3.68 -25.73
C MET C 712 24.01 2.36 -25.49
N ILE C 713 25.09 2.14 -26.23
CA ILE C 713 25.82 0.88 -26.12
C ILE C 713 26.46 0.79 -24.75
N ARG C 714 26.83 1.92 -24.16
CA ARG C 714 27.36 1.92 -22.81
C ARG C 714 26.34 1.41 -21.81
N VAL C 715 25.14 1.99 -21.82
CA VAL C 715 24.12 1.56 -20.88
C VAL C 715 23.73 0.11 -21.13
N ARG C 716 23.59 -0.27 -22.39
CA ARG C 716 23.32 -1.66 -22.71
C ARG C 716 24.41 -2.57 -22.14
N LYS C 717 25.66 -2.11 -22.19
CA LYS C 717 26.81 -2.83 -21.65
C LYS C 717 27.33 -2.16 -20.38
N SER C 718 26.44 -1.57 -19.59
CA SER C 718 26.81 -0.98 -18.32
C SER C 718 26.39 -1.83 -17.12
N LYS C 719 25.58 -2.86 -17.33
CA LYS C 719 25.14 -3.72 -16.24
C LYS C 719 24.46 -2.91 -15.14
N GLY C 720 23.59 -1.99 -15.56
CA GLY C 720 22.91 -1.13 -14.62
C GLY C 720 23.79 -0.06 -14.01
N LYS C 721 24.99 0.13 -14.54
CA LYS C 721 25.95 1.06 -13.97
C LYS C 721 26.06 2.36 -14.76
N TYR C 722 25.29 2.50 -15.84
CA TYR C 722 25.23 3.77 -16.56
C TYR C 722 23.77 4.12 -16.82
N ALA C 723 23.43 5.37 -16.57
CA ALA C 723 22.09 5.89 -16.81
C ALA C 723 22.20 7.15 -17.63
N TYR C 724 21.70 7.12 -18.86
CA TYR C 724 21.99 8.16 -19.83
C TYR C 724 20.92 9.24 -19.78
N LEU C 725 21.35 10.50 -19.77
CA LEU C 725 20.44 11.63 -19.80
C LEU C 725 20.46 12.23 -21.19
N LEU C 726 19.33 12.17 -21.87
CA LEU C 726 19.25 12.62 -23.23
C LEU C 726 17.86 13.14 -23.48
N GLU C 727 17.46 13.18 -24.74
CA GLU C 727 16.12 13.60 -25.07
C GLU C 727 15.12 12.48 -24.81
N SER C 728 13.86 12.74 -25.13
CA SER C 728 12.82 11.75 -24.90
C SER C 728 12.42 11.04 -26.17
N THR C 729 12.49 11.73 -27.31
CA THR C 729 12.18 11.08 -28.57
C THR C 729 13.06 9.87 -28.80
N MET C 730 14.36 10.06 -28.67
CA MET C 730 15.30 8.97 -28.90
C MET C 730 15.15 7.91 -27.85
N ASN C 731 14.91 8.30 -26.60
CA ASN C 731 14.65 7.31 -25.57
C ASN C 731 13.53 6.39 -25.99
N GLU C 732 12.42 6.96 -26.43
CA GLU C 732 11.27 6.15 -26.83
C GLU C 732 11.62 5.27 -28.04
N TYR C 733 12.22 5.88 -29.06
CA TYR C 733 12.56 5.10 -30.26
C TYR C 733 13.46 3.94 -29.94
N ILE C 734 14.56 4.20 -29.21
CA ILE C 734 15.44 3.13 -28.79
C ILE C 734 14.68 2.06 -28.02
N GLU C 735 13.80 2.46 -27.10
CA GLU C 735 13.04 1.45 -26.37
C GLU C 735 12.22 0.59 -27.32
N GLN C 736 11.70 1.19 -28.39
CA GLN C 736 10.84 0.45 -29.31
C GLN C 736 11.63 -0.57 -30.13
N ARG C 737 12.76 -0.17 -30.67
CA ARG C 737 13.50 -1.04 -31.57
C ARG C 737 14.23 -2.13 -30.79
N LYS C 738 14.42 -3.27 -31.44
CA LYS C 738 15.22 -4.33 -30.86
C LYS C 738 16.65 -3.85 -30.72
N PRO C 739 17.38 -4.26 -29.67
CA PRO C 739 17.10 -5.23 -28.62
C PRO C 739 15.87 -4.94 -27.79
N CYS C 740 15.48 -3.68 -27.74
CA CYS C 740 14.37 -3.24 -26.89
C CYS C 740 14.71 -3.49 -25.43
N ASP C 741 15.99 -3.35 -25.10
CA ASP C 741 16.52 -3.70 -23.78
C ASP C 741 16.70 -2.48 -22.88
N THR C 742 16.13 -1.35 -23.27
CA THR C 742 16.22 -0.11 -22.52
C THR C 742 14.84 0.32 -22.07
N MET C 743 14.80 1.35 -21.23
CA MET C 743 13.53 1.99 -20.91
C MET C 743 13.76 3.42 -20.50
N LYS C 744 12.85 4.30 -20.91
CA LYS C 744 12.75 5.61 -20.30
C LYS C 744 12.29 5.47 -18.86
N VAL C 745 12.73 6.40 -18.03
CA VAL C 745 12.28 6.44 -16.65
C VAL C 745 12.12 7.89 -16.23
N GLY C 746 11.25 8.11 -15.25
CA GLY C 746 11.04 9.43 -14.70
C GLY C 746 10.37 10.38 -15.67
N GLY C 747 9.74 11.41 -15.13
CA GLY C 747 9.21 12.45 -15.98
C GLY C 747 10.31 13.35 -16.52
N ASN C 748 10.02 13.97 -17.65
CA ASN C 748 11.01 14.79 -18.31
C ASN C 748 11.38 15.97 -17.42
N LEU C 749 12.69 16.24 -17.36
CA LEU C 749 13.18 17.31 -16.50
C LEU C 749 12.69 18.66 -16.97
N ASP C 750 12.64 18.87 -18.28
CA ASP C 750 12.25 20.15 -18.85
C ASP C 750 11.34 19.87 -20.03
N SER C 751 11.18 20.87 -20.90
CA SER C 751 10.33 20.71 -22.07
C SER C 751 10.73 21.76 -23.10
N LYS C 752 11.16 21.30 -24.26
CA LYS C 752 11.57 22.17 -25.34
C LYS C 752 11.26 21.44 -26.65
N GLY C 753 11.86 21.89 -27.74
CA GLY C 753 11.48 21.40 -29.04
C GLY C 753 12.61 21.50 -30.04
N TYR C 754 12.51 20.65 -31.05
CA TYR C 754 13.43 20.73 -32.17
C TYR C 754 13.12 21.96 -33.00
N GLY C 755 13.72 22.00 -34.17
CA GLY C 755 13.54 23.14 -35.03
C GLY C 755 14.55 23.25 -36.14
N ILE C 756 14.03 23.59 -37.32
CA ILE C 756 14.88 24.00 -38.40
C ILE C 756 15.65 25.24 -38.03
N ALA C 757 16.78 25.44 -38.71
CA ALA C 757 17.67 26.55 -38.44
C ALA C 757 18.19 27.10 -39.76
N THR C 758 18.57 28.37 -39.72
CA THR C 758 19.11 29.06 -40.89
C THR C 758 20.10 30.11 -40.41
N PRO C 759 20.96 30.61 -41.29
CA PRO C 759 21.88 31.66 -40.89
C PRO C 759 21.14 32.94 -40.53
N LYS C 760 21.69 33.66 -39.56
CA LYS C 760 21.06 34.88 -39.09
C LYS C 760 20.84 35.85 -40.25
N GLY C 761 19.63 36.40 -40.32
CA GLY C 761 19.32 37.39 -41.33
C GLY C 761 18.95 36.82 -42.69
N SER C 762 19.00 35.51 -42.87
CA SER C 762 18.67 34.93 -44.15
C SER C 762 17.25 35.33 -44.56
N ALA C 763 16.95 35.13 -45.84
CA ALA C 763 15.64 35.43 -46.40
C ALA C 763 14.77 34.19 -46.54
N LEU C 764 15.22 33.04 -46.06
CA LEU C 764 14.48 31.80 -46.23
C LEU C 764 13.60 31.47 -45.03
N ARG C 765 13.82 32.10 -43.89
CA ARG C 765 13.17 31.67 -42.67
C ARG C 765 11.64 31.74 -42.76
N GLY C 766 11.09 32.79 -43.35
CA GLY C 766 9.68 33.00 -43.38
C GLY C 766 8.92 31.84 -44.01
N PRO C 767 9.26 31.51 -45.26
CA PRO C 767 8.61 30.37 -45.90
C PRO C 767 8.76 29.10 -45.12
N VAL C 768 9.90 28.90 -44.47
CA VAL C 768 10.11 27.66 -43.73
C VAL C 768 9.17 27.58 -42.55
N ASN C 769 9.03 28.68 -41.80
CA ASN C 769 8.10 28.69 -40.69
C ASN C 769 6.68 28.43 -41.16
N LEU C 770 6.29 29.08 -42.24
CA LEU C 770 4.92 28.89 -42.73
C LEU C 770 4.72 27.44 -43.16
N ALA C 771 5.73 26.86 -43.81
CA ALA C 771 5.64 25.47 -44.21
C ALA C 771 5.47 24.58 -43.00
N VAL C 772 6.25 24.83 -41.96
CA VAL C 772 6.17 24.03 -40.75
C VAL C 772 4.77 24.05 -40.19
N LEU C 773 4.19 25.23 -40.09
CA LEU C 773 2.85 25.36 -39.53
C LEU C 773 1.83 24.65 -40.41
N LYS C 774 1.96 24.80 -41.73
CA LYS C 774 1.10 24.07 -42.64
C LYS C 774 1.17 22.58 -42.37
N LEU C 775 2.39 22.04 -42.28
CA LEU C 775 2.57 20.63 -42.01
C LEU C 775 1.86 20.24 -40.72
N SER C 776 1.99 21.06 -39.69
CA SER C 776 1.37 20.74 -38.41
C SER C 776 -0.13 20.66 -38.54
N GLU C 777 -0.75 21.71 -39.08
CA GLU C 777 -2.20 21.76 -39.15
C GLU C 777 -2.76 20.63 -40.00
N GLN C 778 -1.97 20.13 -40.95
CA GLN C 778 -2.44 19.16 -41.92
C GLN C 778 -2.35 17.73 -41.45
N GLY C 779 -1.79 17.49 -40.27
CA GLY C 779 -1.65 16.13 -39.78
C GLY C 779 -0.44 15.40 -40.29
N VAL C 780 0.54 16.11 -40.84
CA VAL C 780 1.71 15.46 -41.41
C VAL C 780 2.64 14.97 -40.32
N LEU C 781 3.17 15.91 -39.54
CA LEU C 781 4.19 15.58 -38.55
C LEU C 781 3.75 14.44 -37.67
N ASP C 782 2.47 14.43 -37.31
CA ASP C 782 1.93 13.27 -36.62
C ASP C 782 2.11 12.01 -37.46
N LYS C 783 1.83 12.11 -38.75
CA LYS C 783 1.92 10.94 -39.61
C LYS C 783 3.34 10.39 -39.61
N LEU C 784 4.31 11.27 -39.85
CA LEU C 784 5.69 10.83 -39.93
C LEU C 784 6.16 10.26 -38.60
N LYS C 785 5.75 10.89 -37.50
CA LYS C 785 6.17 10.39 -36.20
C LYS C 785 5.64 8.99 -35.97
N SER C 786 4.38 8.76 -36.33
CA SER C 786 3.81 7.43 -36.19
C SER C 786 4.54 6.44 -37.08
N LYS C 787 4.89 6.87 -38.29
CA LYS C 787 5.57 5.99 -39.23
C LYS C 787 6.92 5.57 -38.69
N TRP C 788 7.66 6.52 -38.14
CA TRP C 788 9.06 6.29 -37.80
C TRP C 788 9.26 5.73 -36.40
N TRP C 789 8.31 5.91 -35.49
CA TRP C 789 8.46 5.43 -34.13
C TRP C 789 7.65 4.17 -33.84
N TYR C 790 6.35 4.19 -34.12
CA TYR C 790 5.46 3.13 -33.67
C TYR C 790 5.09 2.16 -34.77
N ASP C 791 5.10 2.62 -36.03
CA ASP C 791 4.75 1.72 -37.13
C ASP C 791 5.68 0.52 -37.17
N LYS C 792 6.98 0.75 -36.97
CA LYS C 792 7.93 -0.35 -36.96
C LYS C 792 7.61 -1.33 -35.84
N GLY C 793 7.78 -0.88 -34.59
CA GLY C 793 7.38 -1.69 -33.46
C GLY C 793 8.17 -2.97 -33.32
N GLU C 794 9.50 -2.88 -33.33
CA GLU C 794 10.33 -4.08 -33.22
C GLU C 794 9.89 -4.92 -32.04
N CYS C 795 9.68 -4.28 -30.90
CA CYS C 795 9.00 -4.90 -29.76
C CYS C 795 7.68 -4.15 -29.58
N GLY C 796 6.57 -4.86 -29.77
CA GLY C 796 5.27 -4.23 -29.59
C GLY C 796 5.07 -3.69 -28.19
N LYS C 805 -6.57 -0.70 -10.42
CA LYS C 805 -5.44 -1.51 -9.99
C LYS C 805 -5.55 -2.93 -10.52
N THR C 806 -6.51 -3.67 -9.97
CA THR C 806 -6.65 -5.08 -10.27
C THR C 806 -6.99 -5.30 -11.74
N SER C 807 -6.49 -6.41 -12.27
CA SER C 807 -6.80 -6.81 -13.64
C SER C 807 -7.09 -8.29 -13.64
N ALA C 808 -8.07 -8.70 -14.43
CA ALA C 808 -8.48 -10.09 -14.48
C ALA C 808 -7.31 -10.97 -14.91
N LEU C 809 -7.27 -12.16 -14.37
CA LEU C 809 -6.20 -13.08 -14.71
C LEU C 809 -6.25 -13.45 -16.17
N SER C 810 -5.08 -13.50 -16.78
CA SER C 810 -4.88 -14.06 -18.10
C SER C 810 -4.77 -15.57 -17.99
N LEU C 811 -5.31 -16.26 -18.99
CA LEU C 811 -5.22 -17.71 -18.98
C LEU C 811 -3.77 -18.18 -18.92
N SER C 812 -2.85 -17.36 -19.39
CA SER C 812 -1.45 -17.74 -19.34
C SER C 812 -0.97 -17.90 -17.91
N ASN C 813 -1.38 -16.99 -17.04
CA ASN C 813 -0.93 -17.03 -15.65
C ASN C 813 -1.16 -18.39 -15.02
N VAL C 814 -2.25 -19.04 -15.40
CA VAL C 814 -2.71 -20.22 -14.69
C VAL C 814 -2.97 -21.36 -15.68
N ALA C 815 -2.20 -21.43 -16.75
CA ALA C 815 -2.47 -22.46 -17.73
C ALA C 815 -1.77 -23.75 -17.37
N GLY C 816 -0.69 -23.66 -16.62
CA GLY C 816 0.00 -24.86 -16.21
C GLY C 816 -0.92 -25.83 -15.52
N VAL C 817 -1.95 -25.29 -14.87
CA VAL C 817 -2.95 -26.13 -14.25
C VAL C 817 -3.62 -27.00 -15.30
N PHE C 818 -3.95 -26.40 -16.44
CA PHE C 818 -4.68 -27.14 -17.46
C PHE C 818 -3.77 -28.16 -18.11
N TYR C 819 -2.49 -27.82 -18.26
CA TYR C 819 -1.55 -28.82 -18.73
C TYR C 819 -1.52 -30.00 -17.79
N ILE C 820 -1.42 -29.72 -16.49
CA ILE C 820 -1.43 -30.78 -15.48
C ILE C 820 -2.70 -31.61 -15.57
N LEU C 821 -3.83 -30.93 -15.66
CA LEU C 821 -5.11 -31.63 -15.66
C LEU C 821 -5.20 -32.56 -16.85
N ILE C 822 -4.80 -32.08 -18.03
CA ILE C 822 -4.82 -32.89 -19.23
C ILE C 822 -3.91 -34.08 -19.06
N GLY C 823 -2.72 -33.85 -18.52
CA GLY C 823 -1.81 -34.95 -18.31
C GLY C 823 -2.40 -36.01 -17.42
N GLY C 824 -3.05 -35.59 -16.35
CA GLY C 824 -3.68 -36.54 -15.46
C GLY C 824 -4.82 -37.28 -16.11
N LEU C 825 -5.57 -36.59 -16.97
CA LEU C 825 -6.64 -37.25 -17.70
C LEU C 825 -6.10 -38.36 -18.58
N GLY C 826 -5.12 -38.04 -19.41
CA GLY C 826 -4.53 -39.05 -20.27
C GLY C 826 -3.94 -40.19 -19.48
N LEU C 827 -3.26 -39.87 -18.38
CA LEU C 827 -2.69 -40.90 -17.54
C LEU C 827 -3.77 -41.80 -16.97
N ALA C 828 -4.90 -41.22 -16.60
CA ALA C 828 -5.97 -42.03 -16.02
C ALA C 828 -6.57 -42.97 -17.06
N MET C 829 -6.76 -42.48 -18.28
CA MET C 829 -7.25 -43.36 -19.33
C MET C 829 -6.25 -44.48 -19.59
N LEU C 830 -4.96 -44.14 -19.59
CA LEU C 830 -3.93 -45.15 -19.76
C LEU C 830 -4.00 -46.20 -18.67
N VAL C 831 -4.11 -45.75 -17.42
CA VAL C 831 -4.13 -46.67 -16.29
C VAL C 831 -5.38 -47.52 -16.32
N ALA C 832 -6.48 -46.97 -16.82
CA ALA C 832 -7.68 -47.77 -16.91
C ALA C 832 -7.53 -48.82 -17.99
N LEU C 833 -6.83 -48.49 -19.07
CA LEU C 833 -6.51 -49.49 -20.08
C LEU C 833 -5.69 -50.62 -19.48
N ILE C 834 -4.68 -50.25 -18.70
CA ILE C 834 -3.87 -51.23 -17.99
C ILE C 834 -4.74 -52.13 -17.14
N GLU C 835 -5.64 -51.52 -16.37
CA GLU C 835 -6.46 -52.30 -15.46
C GLU C 835 -7.43 -53.20 -16.22
N PHE C 836 -7.95 -52.72 -17.35
CA PHE C 836 -8.84 -53.53 -18.16
C PHE C 836 -8.10 -54.76 -18.67
N CYS C 837 -6.88 -54.58 -19.15
CA CYS C 837 -6.09 -55.73 -19.58
C CYS C 837 -5.84 -56.69 -18.43
N TYR C 838 -5.36 -56.16 -17.31
CA TYR C 838 -5.02 -57.00 -16.17
C TYR C 838 -6.23 -57.80 -15.68
N LYS C 839 -7.42 -57.19 -15.73
CA LYS C 839 -8.61 -57.89 -15.28
C LYS C 839 -9.10 -58.90 -16.30
N SER C 840 -9.06 -58.56 -17.59
CA SER C 840 -9.60 -59.45 -18.60
C SER C 840 -8.84 -60.78 -18.64
N ARG C 841 -7.52 -60.73 -18.51
CA ARG C 841 -6.70 -61.93 -18.53
C ARG C 841 -6.96 -62.77 -17.28
N LYS D 414 6.47 55.31 -24.16
CA LYS D 414 7.43 54.47 -23.44
C LYS D 414 6.70 53.27 -22.87
N THR D 415 5.51 53.50 -22.35
CA THR D 415 4.67 52.40 -21.90
C THR D 415 4.14 51.64 -23.10
N VAL D 416 3.83 50.37 -22.87
CA VAL D 416 3.47 49.44 -23.94
C VAL D 416 2.04 48.96 -23.69
N VAL D 417 1.19 49.13 -24.68
CA VAL D 417 -0.22 48.78 -24.57
C VAL D 417 -0.33 47.27 -24.68
N VAL D 418 -0.44 46.58 -23.56
CA VAL D 418 -0.58 45.13 -23.56
C VAL D 418 -2.03 44.77 -23.79
N THR D 419 -2.26 43.88 -24.74
CA THR D 419 -3.56 43.22 -24.89
C THR D 419 -3.54 41.87 -24.22
N THR D 420 -4.70 41.43 -23.79
CA THR D 420 -4.88 40.10 -23.23
C THR D 420 -6.37 39.85 -23.13
N ILE D 421 -6.75 38.79 -22.42
CA ILE D 421 -8.15 38.39 -22.30
C ILE D 421 -8.38 37.94 -20.87
N LEU D 422 -9.65 37.91 -20.48
CA LEU D 422 -10.06 37.41 -19.17
C LEU D 422 -10.47 35.96 -19.31
N GLU D 423 -9.48 35.08 -19.28
CA GLU D 423 -9.72 33.65 -19.35
C GLU D 423 -8.89 32.95 -18.27
N SER D 424 -9.57 32.47 -17.27
CA SER D 424 -8.91 31.77 -16.19
C SER D 424 -8.33 30.45 -16.70
N PRO D 425 -7.21 29.99 -16.14
CA PRO D 425 -6.38 30.65 -15.12
C PRO D 425 -5.31 31.50 -15.72
N TYR D 426 -5.53 31.96 -16.95
CA TYR D 426 -4.50 32.74 -17.62
C TYR D 426 -4.59 34.21 -17.25
N VAL D 427 -5.80 34.70 -17.00
CA VAL D 427 -6.00 36.06 -16.53
C VAL D 427 -7.22 36.09 -15.62
N MET D 428 -7.05 36.62 -14.42
CA MET D 428 -8.17 36.71 -13.48
C MET D 428 -8.02 37.96 -12.64
N MET D 429 -9.10 38.72 -12.49
CA MET D 429 -9.11 39.85 -11.57
C MET D 429 -9.03 39.36 -10.14
N LYS D 430 -8.26 40.07 -9.32
CA LYS D 430 -8.09 39.68 -7.93
C LYS D 430 -9.39 39.87 -7.15
N LYS D 431 -9.55 39.08 -6.10
CA LYS D 431 -10.64 39.31 -5.16
C LYS D 431 -10.52 40.71 -4.58
N ASN D 432 -11.65 41.42 -4.56
CA ASN D 432 -11.67 42.84 -4.19
C ASN D 432 -10.82 43.66 -5.16
N HIS D 433 -11.10 43.48 -6.45
CA HIS D 433 -10.43 44.28 -7.46
C HIS D 433 -10.99 45.70 -7.53
N GLU D 434 -12.27 45.87 -7.22
CA GLU D 434 -12.84 47.21 -7.18
C GLU D 434 -12.04 48.12 -6.26
N MET D 435 -11.45 47.55 -5.22
CA MET D 435 -10.57 48.26 -4.30
C MET D 435 -9.17 48.43 -4.87
N LEU D 436 -8.98 48.22 -6.17
CA LEU D 436 -7.67 48.27 -6.80
C LEU D 436 -7.80 48.92 -8.16
N GLU D 437 -6.72 49.58 -8.58
CA GLU D 437 -6.66 50.23 -9.88
C GLU D 437 -5.25 50.07 -10.44
N GLY D 438 -5.17 49.78 -11.73
CA GLY D 438 -3.92 49.53 -12.39
C GLY D 438 -3.71 48.07 -12.72
N ASN D 439 -2.48 47.73 -13.09
CA ASN D 439 -2.18 46.37 -13.48
C ASN D 439 -2.39 45.38 -12.33
N GLU D 440 -2.51 45.88 -11.11
CA GLU D 440 -2.78 45.00 -9.97
C GLU D 440 -4.20 44.44 -9.98
N ARG D 441 -5.10 45.03 -10.76
CA ARG D 441 -6.46 44.49 -10.82
C ARG D 441 -6.46 43.04 -11.26
N TYR D 442 -5.72 42.74 -12.32
CA TYR D 442 -5.66 41.40 -12.86
C TYR D 442 -4.52 40.63 -12.22
N GLU D 443 -4.78 39.37 -11.88
CA GLU D 443 -3.73 38.44 -11.51
C GLU D 443 -3.86 37.23 -12.42
N GLY D 444 -2.73 36.64 -12.79
CA GLY D 444 -2.80 35.38 -13.49
C GLY D 444 -1.45 34.97 -13.99
N TYR D 445 -1.39 33.72 -14.44
CA TYR D 445 -0.19 33.21 -15.11
C TYR D 445 0.35 34.23 -16.09
N CYS D 446 -0.45 34.59 -17.10
CA CYS D 446 0.04 35.48 -18.13
C CYS D 446 0.41 36.84 -17.57
N VAL D 447 -0.20 37.25 -16.45
CA VAL D 447 0.19 38.50 -15.82
C VAL D 447 1.62 38.41 -15.31
N ASP D 448 1.92 37.34 -14.58
CA ASP D 448 3.28 37.10 -14.14
C ASP D 448 4.24 37.10 -15.31
N LEU D 449 3.87 36.38 -16.37
CA LEU D 449 4.75 36.32 -17.52
C LEU D 449 5.02 37.71 -18.06
N ALA D 450 3.97 38.50 -18.28
CA ALA D 450 4.14 39.80 -18.91
C ALA D 450 4.96 40.72 -18.03
N ALA D 451 4.76 40.65 -16.71
CA ALA D 451 5.60 41.41 -15.81
C ALA D 451 7.06 41.06 -16.02
N GLU D 452 7.36 39.76 -16.06
CA GLU D 452 8.74 39.36 -16.29
C GLU D 452 9.25 39.86 -17.64
N ILE D 453 8.40 39.79 -18.65
CA ILE D 453 8.84 40.13 -20.00
C ILE D 453 9.22 41.60 -20.07
N ALA D 454 8.40 42.46 -19.48
CA ALA D 454 8.76 43.87 -19.46
C ALA D 454 9.98 44.10 -18.59
N LYS D 455 10.18 43.27 -17.57
CA LYS D 455 11.42 43.35 -16.79
C LYS D 455 12.63 43.10 -17.67
N HIS D 456 12.60 42.01 -18.42
CA HIS D 456 13.73 41.64 -19.26
C HIS D 456 13.93 42.62 -20.40
N CYS D 457 12.88 42.89 -21.17
CA CYS D 457 13.00 43.75 -22.34
C CYS D 457 13.36 45.18 -21.94
N GLY D 458 12.76 45.68 -20.88
CA GLY D 458 13.11 47.00 -20.38
C GLY D 458 12.20 48.10 -20.89
N PHE D 459 10.90 47.94 -20.70
CA PHE D 459 9.94 48.99 -20.98
C PHE D 459 8.83 48.91 -19.94
N LYS D 460 7.73 49.60 -20.21
CA LYS D 460 6.61 49.66 -19.28
C LYS D 460 5.35 49.23 -20.01
N TYR D 461 4.44 48.57 -19.27
CA TYR D 461 3.25 47.99 -19.86
C TYR D 461 2.00 48.42 -19.11
N LYS D 462 0.93 48.64 -19.87
CA LYS D 462 -0.41 48.88 -19.34
C LYS D 462 -1.29 47.75 -19.84
N LEU D 463 -1.75 46.92 -18.90
CA LEU D 463 -2.58 45.79 -19.25
C LEU D 463 -3.94 46.24 -19.73
N THR D 464 -4.50 45.52 -20.70
CA THR D 464 -5.80 45.84 -21.27
C THR D 464 -6.48 44.56 -21.71
N ILE D 465 -7.71 44.38 -21.27
CA ILE D 465 -8.52 43.28 -21.76
C ILE D 465 -9.12 43.70 -23.09
N VAL D 466 -8.96 42.85 -24.10
CA VAL D 466 -9.52 43.15 -25.41
C VAL D 466 -11.00 43.44 -25.25
N GLY D 467 -11.45 44.52 -25.87
CA GLY D 467 -12.82 44.96 -25.67
C GLY D 467 -13.83 43.98 -26.23
N ASP D 468 -13.50 43.35 -27.35
CA ASP D 468 -14.42 42.41 -27.96
C ASP D 468 -14.54 41.11 -27.17
N GLY D 469 -13.71 40.91 -26.16
CA GLY D 469 -13.71 39.65 -25.43
C GLY D 469 -13.45 38.48 -26.34
N LYS D 470 -12.44 38.59 -27.19
CA LYS D 470 -12.19 37.61 -28.23
C LYS D 470 -10.70 37.35 -28.36
N TYR D 471 -10.38 36.20 -28.96
CA TYR D 471 -9.00 35.81 -29.18
C TYR D 471 -8.47 36.34 -30.50
N GLY D 472 -9.13 35.99 -31.59
CA GLY D 472 -8.73 36.45 -32.89
C GLY D 472 -9.27 35.61 -34.02
N ALA D 473 -9.71 36.26 -35.09
CA ALA D 473 -10.25 35.56 -36.25
C ALA D 473 -10.58 36.56 -37.34
N ARG D 474 -10.57 36.12 -38.59
CA ARG D 474 -10.70 37.00 -39.73
C ARG D 474 -12.06 36.78 -40.39
N ASP D 475 -12.77 37.87 -40.64
CA ASP D 475 -14.05 37.78 -41.31
C ASP D 475 -13.86 37.19 -42.70
N ALA D 476 -14.69 36.20 -43.04
CA ALA D 476 -14.59 35.56 -44.35
C ALA D 476 -15.10 36.47 -45.46
N ASP D 477 -15.88 37.49 -45.12
CA ASP D 477 -16.38 38.45 -46.10
C ASP D 477 -15.65 39.80 -46.00
N THR D 478 -15.64 40.39 -44.81
CA THR D 478 -15.04 41.71 -44.62
C THR D 478 -13.53 41.66 -44.44
N LYS D 479 -12.96 40.49 -44.18
CA LYS D 479 -11.52 40.33 -44.05
C LYS D 479 -10.95 41.28 -42.99
N ILE D 480 -11.66 41.41 -41.89
CA ILE D 480 -11.21 42.20 -40.75
C ILE D 480 -10.78 41.25 -39.65
N TRP D 481 -9.83 41.69 -38.83
CA TRP D 481 -9.30 40.88 -37.74
C TRP D 481 -9.93 41.36 -36.43
N ASN D 482 -10.60 40.45 -35.75
CA ASN D 482 -11.27 40.76 -34.50
C ASN D 482 -10.36 40.48 -33.31
N GLY D 483 -10.73 41.06 -32.18
CA GLY D 483 -10.06 40.73 -30.95
C GLY D 483 -8.62 41.20 -30.90
N MET D 484 -7.80 40.42 -30.20
CA MET D 484 -6.44 40.83 -29.90
C MET D 484 -5.61 40.91 -31.17
N VAL D 485 -5.79 39.96 -32.08
CA VAL D 485 -5.11 40.02 -33.36
C VAL D 485 -5.50 41.28 -34.10
N GLY D 486 -6.78 41.65 -34.04
CA GLY D 486 -7.22 42.89 -34.66
C GLY D 486 -6.55 44.09 -34.03
N GLU D 487 -6.47 44.11 -32.70
CA GLU D 487 -5.85 45.23 -32.01
C GLU D 487 -4.39 45.38 -32.42
N LEU D 488 -3.67 44.27 -32.54
CA LEU D 488 -2.26 44.34 -32.88
C LEU D 488 -2.08 44.77 -34.32
N VAL D 489 -2.83 44.17 -35.25
CA VAL D 489 -2.72 44.56 -36.64
C VAL D 489 -3.24 45.97 -36.84
N TYR D 490 -4.27 46.35 -36.08
CA TYR D 490 -4.88 47.67 -36.21
C TYR D 490 -4.38 48.65 -35.15
N GLY D 491 -3.15 48.48 -34.71
CA GLY D 491 -2.47 49.51 -33.94
C GLY D 491 -3.04 49.78 -32.57
N LYS D 492 -4.25 49.28 -32.31
CA LYS D 492 -4.86 49.48 -31.00
C LYS D 492 -3.96 48.96 -29.89
N ALA D 493 -3.20 47.92 -30.16
CA ALA D 493 -2.42 47.22 -29.15
C ALA D 493 -0.96 47.18 -29.55
N ASP D 494 -0.10 47.27 -28.56
CA ASP D 494 1.33 47.11 -28.78
C ASP D 494 1.76 45.66 -28.81
N ILE D 495 1.15 44.81 -27.98
CA ILE D 495 1.60 43.44 -27.81
C ILE D 495 0.46 42.64 -27.24
N ALA D 496 0.56 41.31 -27.33
CA ALA D 496 -0.40 40.40 -26.72
C ALA D 496 0.35 39.33 -25.95
N ILE D 497 -0.11 39.08 -24.73
CA ILE D 497 0.48 38.08 -23.85
C ILE D 497 -0.71 37.33 -23.25
N ALA D 498 -1.08 36.22 -23.88
CA ALA D 498 -2.37 35.60 -23.63
C ALA D 498 -2.25 34.11 -23.88
N PRO D 499 -3.32 33.38 -23.66
CA PRO D 499 -3.41 32.01 -24.18
C PRO D 499 -3.64 32.01 -25.68
N LEU D 500 -2.84 32.78 -26.40
CA LEU D 500 -3.03 32.96 -27.81
C LEU D 500 -2.33 31.83 -28.56
N THR D 501 -3.07 31.19 -29.44
CA THR D 501 -2.56 30.03 -30.14
C THR D 501 -1.89 30.45 -31.45
N ILE D 502 -0.95 29.63 -31.87
CA ILE D 502 -0.14 29.90 -33.04
C ILE D 502 -0.73 29.16 -34.22
N THR D 503 -0.88 29.85 -35.33
CA THR D 503 -1.38 29.26 -36.54
C THR D 503 -0.87 30.04 -37.74
N LEU D 504 -1.00 29.42 -38.90
CA LEU D 504 -0.50 30.03 -40.12
C LEU D 504 -1.12 31.39 -40.35
N VAL D 505 -2.44 31.46 -40.27
CA VAL D 505 -3.14 32.68 -40.64
C VAL D 505 -2.64 33.85 -39.81
N ARG D 506 -2.40 33.63 -38.53
CA ARG D 506 -1.94 34.70 -37.67
C ARG D 506 -0.46 34.98 -37.86
N GLU D 507 0.29 34.05 -38.45
CA GLU D 507 1.65 34.37 -38.88
C GLU D 507 1.64 35.40 -40.00
N GLU D 508 0.73 35.26 -40.94
CA GLU D 508 0.75 36.05 -42.16
C GLU D 508 0.49 37.53 -41.91
N VAL D 509 0.16 37.91 -40.68
CA VAL D 509 -0.17 39.29 -40.38
C VAL D 509 0.57 39.84 -39.17
N ILE D 510 1.14 38.98 -38.33
CA ILE D 510 1.84 39.40 -37.12
C ILE D 510 2.93 38.38 -36.82
N ASP D 511 3.77 38.70 -35.84
CA ASP D 511 4.92 37.87 -35.52
C ASP D 511 4.74 37.28 -34.13
N PHE D 512 4.74 35.96 -34.06
CA PHE D 512 4.61 35.26 -32.80
C PHE D 512 5.99 34.94 -32.24
N SER D 513 6.00 34.46 -31.01
CA SER D 513 7.22 34.08 -30.33
C SER D 513 7.24 32.57 -30.12
N LYS D 514 8.39 32.09 -29.68
CA LYS D 514 8.51 30.66 -29.44
C LYS D 514 7.51 30.25 -28.37
N PRO D 515 6.78 29.15 -28.57
CA PRO D 515 5.73 28.79 -27.63
C PRO D 515 6.21 28.69 -26.20
N PHE D 516 5.53 29.41 -25.33
CA PHE D 516 5.88 29.41 -23.92
C PHE D 516 5.17 28.29 -23.18
N MET D 517 4.24 27.62 -23.85
CA MET D 517 3.73 26.36 -23.34
C MET D 517 2.94 25.66 -24.43
N SER D 518 2.67 24.39 -24.19
CA SER D 518 2.12 23.54 -25.23
C SER D 518 0.71 23.13 -24.87
N LEU D 519 0.05 22.47 -25.81
CA LEU D 519 -1.36 22.22 -25.69
C LEU D 519 -1.84 21.27 -26.76
N GLY D 520 -3.13 20.99 -26.67
CA GLY D 520 -3.85 20.33 -27.74
C GLY D 520 -5.30 20.71 -27.71
N ILE D 521 -5.97 20.39 -28.82
CA ILE D 521 -7.41 20.49 -28.91
C ILE D 521 -7.98 19.21 -28.33
N SER D 522 -8.83 19.34 -27.32
CA SER D 522 -9.29 18.23 -26.52
C SER D 522 -10.77 18.36 -26.18
N ILE D 523 -11.30 17.23 -25.72
CA ILE D 523 -12.71 17.05 -25.49
C ILE D 523 -12.99 17.10 -24.00
N MET D 524 -13.94 17.95 -23.62
CA MET D 524 -14.40 18.08 -22.26
C MET D 524 -15.81 17.51 -22.17
N ILE D 525 -16.05 16.75 -21.11
CA ILE D 525 -17.30 16.05 -20.89
C ILE D 525 -17.74 16.24 -19.45
N LYS D 526 -19.04 16.10 -19.24
CA LYS D 526 -19.57 16.02 -17.88
C LYS D 526 -19.21 14.69 -17.26
N LYS D 527 -18.61 14.74 -16.08
CA LYS D 527 -18.13 13.54 -15.44
C LYS D 527 -19.26 12.54 -15.30
N PRO D 528 -19.22 11.44 -16.03
CA PRO D 528 -20.21 10.38 -15.81
C PRO D 528 -20.04 9.78 -14.44
N GLN D 529 -21.14 9.27 -13.91
CA GLN D 529 -21.10 8.78 -12.54
C GLN D 529 -20.29 7.49 -12.47
N LYS D 530 -19.83 7.19 -11.28
CA LYS D 530 -19.04 5.98 -11.04
C LYS D 530 -19.96 4.79 -11.21
N SER D 531 -19.89 4.17 -12.38
CA SER D 531 -20.80 3.07 -12.69
C SER D 531 -20.53 1.93 -11.73
N LYS D 532 -21.42 1.75 -10.76
CA LYS D 532 -21.32 0.66 -9.79
C LYS D 532 -20.98 -0.62 -10.51
N PRO D 533 -20.20 -1.51 -9.88
CA PRO D 533 -19.85 -2.76 -10.54
C PRO D 533 -21.11 -3.50 -10.95
N GLY D 534 -21.10 -4.01 -12.16
CA GLY D 534 -22.30 -4.55 -12.72
C GLY D 534 -22.70 -5.86 -12.08
N VAL D 535 -23.96 -6.20 -12.30
CA VAL D 535 -24.40 -7.56 -12.05
C VAL D 535 -23.54 -8.50 -12.87
N PHE D 536 -23.28 -9.68 -12.32
CA PHE D 536 -22.37 -10.66 -12.89
C PHE D 536 -20.93 -10.17 -12.83
N SER D 537 -20.66 -9.27 -11.90
CA SER D 537 -19.31 -8.84 -11.61
C SER D 537 -18.43 -9.96 -11.10
N PHE D 538 -19.02 -11.00 -10.51
CA PHE D 538 -18.22 -12.04 -9.90
C PHE D 538 -17.48 -12.89 -10.92
N LEU D 539 -17.54 -12.53 -12.19
CA LEU D 539 -16.72 -13.15 -13.20
C LEU D 539 -15.48 -12.33 -13.51
N ASP D 540 -15.49 -11.07 -13.09
CA ASP D 540 -14.38 -10.19 -13.41
C ASP D 540 -13.03 -10.72 -12.97
N PRO D 541 -12.87 -11.27 -11.79
CA PRO D 541 -11.55 -11.71 -11.34
C PRO D 541 -10.91 -12.75 -12.23
N LEU D 542 -11.67 -13.32 -13.13
CA LEU D 542 -11.13 -14.21 -14.14
C LEU D 542 -11.58 -13.78 -15.53
N ALA D 543 -10.68 -13.94 -16.49
CA ALA D 543 -11.00 -13.61 -17.85
C ALA D 543 -12.02 -14.59 -18.41
N TYR D 544 -12.60 -14.19 -19.54
CA TYR D 544 -13.71 -14.93 -20.10
C TYR D 544 -13.23 -16.16 -20.86
N GLU D 545 -11.97 -16.17 -21.28
CA GLU D 545 -11.44 -17.38 -21.90
C GLU D 545 -11.17 -18.43 -20.85
N ILE D 546 -10.89 -18.01 -19.61
CA ILE D 546 -10.67 -18.97 -18.54
C ILE D 546 -11.95 -19.67 -18.13
N TRP D 547 -13.05 -18.96 -17.97
CA TRP D 547 -14.31 -19.60 -17.67
C TRP D 547 -14.73 -20.56 -18.77
N MET D 548 -14.55 -20.17 -20.02
CA MET D 548 -14.85 -21.09 -21.12
C MET D 548 -13.97 -22.32 -21.03
N CYS D 549 -12.68 -22.13 -20.77
CA CYS D 549 -11.79 -23.26 -20.62
C CYS D 549 -12.13 -24.06 -19.38
N ILE D 550 -12.50 -23.37 -18.30
CA ILE D 550 -12.93 -24.06 -17.09
C ILE D 550 -14.08 -25.00 -17.40
N VAL D 551 -15.03 -24.51 -18.19
CA VAL D 551 -16.23 -25.29 -18.44
C VAL D 551 -15.92 -26.48 -19.34
N PHE D 552 -15.16 -26.23 -20.42
CA PHE D 552 -14.72 -27.34 -21.24
C PHE D 552 -14.03 -28.38 -20.39
N ALA D 553 -13.26 -27.91 -19.40
CA ALA D 553 -12.50 -28.83 -18.57
C ALA D 553 -13.39 -29.60 -17.62
N TYR D 554 -14.39 -28.94 -17.05
CA TYR D 554 -15.31 -29.63 -16.15
C TYR D 554 -16.05 -30.72 -16.91
N ILE D 555 -16.52 -30.38 -18.11
CA ILE D 555 -17.14 -31.38 -18.96
C ILE D 555 -16.18 -32.51 -19.24
N GLY D 556 -14.95 -32.19 -19.59
CA GLY D 556 -13.99 -33.18 -19.97
C GLY D 556 -13.73 -34.15 -18.84
N VAL D 557 -13.62 -33.61 -17.63
CA VAL D 557 -13.36 -34.44 -16.47
C VAL D 557 -14.52 -35.39 -16.24
N SER D 558 -15.73 -34.86 -16.26
CA SER D 558 -16.88 -35.71 -16.00
C SER D 558 -16.97 -36.80 -17.04
N VAL D 559 -16.74 -36.44 -18.29
CA VAL D 559 -16.70 -37.42 -19.37
C VAL D 559 -15.69 -38.50 -19.08
N VAL D 560 -14.46 -38.10 -18.75
CA VAL D 560 -13.37 -39.05 -18.59
C VAL D 560 -13.57 -39.95 -17.41
N LEU D 561 -14.14 -39.45 -16.33
CA LEU D 561 -14.48 -40.27 -15.20
C LEU D 561 -15.60 -41.24 -15.53
N PHE D 562 -16.55 -40.83 -16.36
CA PHE D 562 -17.59 -41.73 -16.81
C PHE D 562 -17.04 -42.87 -17.66
N LEU D 563 -16.22 -42.53 -18.65
CA LEU D 563 -15.62 -43.55 -19.50
C LEU D 563 -14.81 -44.53 -18.69
N VAL D 564 -14.02 -44.01 -17.76
CA VAL D 564 -13.17 -44.85 -16.93
C VAL D 564 -13.98 -45.76 -16.05
N SER D 565 -15.06 -45.25 -15.45
CA SER D 565 -15.85 -46.09 -14.55
C SER D 565 -16.63 -47.13 -15.33
N ARG D 566 -16.91 -46.87 -16.60
CA ARG D 566 -17.56 -47.88 -17.43
C ARG D 566 -16.56 -48.95 -17.86
N PHE D 567 -15.53 -48.54 -18.58
CA PHE D 567 -14.59 -49.49 -19.17
C PHE D 567 -13.84 -50.27 -18.10
N SER D 568 -13.41 -49.61 -17.04
CA SER D 568 -12.59 -50.23 -16.00
C SER D 568 -13.20 -49.97 -14.63
N PRO D 569 -14.20 -50.75 -14.24
CA PRO D 569 -14.82 -50.57 -12.92
C PRO D 569 -14.18 -51.40 -11.83
N TYR D 570 -14.66 -51.23 -10.61
CA TYR D 570 -14.20 -52.03 -9.47
C TYR D 570 -14.66 -53.48 -9.61
N GLU D 591 -22.22 -45.83 -8.41
CA GLU D 591 -21.85 -45.96 -9.81
C GLU D 591 -21.87 -44.59 -10.43
N PHE D 592 -20.93 -44.33 -11.32
CA PHE D 592 -20.74 -43.01 -11.88
C PHE D 592 -21.34 -42.94 -13.26
N GLY D 593 -22.67 -42.84 -13.33
CA GLY D 593 -23.29 -42.44 -14.55
C GLY D 593 -22.74 -41.09 -14.96
N ILE D 594 -23.20 -40.57 -16.09
CA ILE D 594 -22.70 -39.27 -16.52
C ILE D 594 -23.20 -38.18 -15.61
N PHE D 595 -24.45 -38.25 -15.18
CA PHE D 595 -24.98 -37.16 -14.37
C PHE D 595 -24.33 -37.16 -13.00
N ASN D 596 -24.11 -38.33 -12.43
CA ASN D 596 -23.44 -38.42 -11.14
C ASN D 596 -22.00 -37.97 -11.22
N SER D 597 -21.32 -38.27 -12.31
CA SER D 597 -19.98 -37.76 -12.53
C SER D 597 -19.97 -36.25 -12.59
N LEU D 598 -20.92 -35.68 -13.32
CA LEU D 598 -21.05 -34.24 -13.39
C LEU D 598 -21.27 -33.66 -12.00
N TRP D 599 -22.06 -34.36 -11.20
CA TRP D 599 -22.34 -33.91 -9.85
C TRP D 599 -21.10 -33.92 -8.99
N PHE D 600 -20.38 -35.02 -9.00
CA PHE D 600 -19.16 -35.12 -8.21
C PHE D 600 -18.19 -34.03 -8.58
N SER D 601 -17.92 -33.87 -9.87
CA SER D 601 -17.05 -32.80 -10.33
C SER D 601 -17.52 -31.45 -9.83
N LEU D 602 -18.81 -31.16 -9.99
CA LEU D 602 -19.32 -29.87 -9.57
C LEU D 602 -19.14 -29.68 -8.09
N GLY D 603 -19.41 -30.71 -7.31
CA GLY D 603 -19.27 -30.61 -5.88
C GLY D 603 -17.83 -30.34 -5.49
N ALA D 604 -16.90 -30.92 -6.24
CA ALA D 604 -15.49 -30.75 -5.94
C ALA D 604 -15.01 -29.38 -6.35
N PHE D 605 -15.66 -28.75 -7.31
CA PHE D 605 -15.26 -27.40 -7.66
C PHE D 605 -15.65 -26.44 -6.56
N MET D 606 -16.80 -26.64 -5.94
CA MET D 606 -17.31 -25.75 -4.93
C MET D 606 -16.86 -26.12 -3.54
N ARG D 607 -15.99 -27.11 -3.42
CA ARG D 607 -15.32 -27.56 -2.22
C ARG D 607 -16.23 -28.38 -1.35
N GLN D 608 -17.46 -28.64 -1.77
CA GLN D 608 -18.39 -29.43 -0.98
C GLN D 608 -18.28 -30.87 -1.43
N GLY D 609 -17.90 -31.73 -0.50
CA GLY D 609 -17.68 -33.11 -0.82
C GLY D 609 -18.96 -33.85 -1.11
N CYS D 610 -19.13 -34.24 -2.37
CA CYS D 610 -20.26 -35.09 -2.72
C CYS D 610 -20.11 -36.44 -2.03
N ASP D 611 -21.25 -37.08 -1.79
CA ASP D 611 -21.26 -38.25 -0.93
C ASP D 611 -20.58 -39.43 -1.60
N ILE D 612 -20.69 -39.51 -2.91
CA ILE D 612 -20.07 -40.59 -3.65
C ILE D 612 -18.64 -40.20 -3.99
N SER D 613 -17.73 -41.15 -3.85
CA SER D 613 -16.34 -40.95 -4.19
C SER D 613 -15.86 -42.09 -5.08
N PRO D 614 -14.82 -41.86 -5.88
CA PRO D 614 -14.32 -42.94 -6.71
C PRO D 614 -13.68 -44.03 -5.87
N ARG D 615 -13.56 -45.21 -6.46
CA ARG D 615 -13.02 -46.37 -5.78
C ARG D 615 -11.90 -47.03 -6.56
N SER D 616 -11.72 -46.66 -7.81
CA SER D 616 -10.67 -47.24 -8.62
C SER D 616 -9.44 -46.34 -8.60
N LEU D 617 -8.43 -46.77 -9.34
CA LEU D 617 -7.16 -46.07 -9.31
C LEU D 617 -7.07 -45.00 -10.39
N SER D 618 -7.90 -45.11 -11.42
CA SER D 618 -7.92 -44.12 -12.47
C SER D 618 -8.90 -43.01 -12.17
N GLY D 619 -10.08 -43.37 -11.70
CA GLY D 619 -11.00 -42.35 -11.24
C GLY D 619 -10.43 -41.57 -10.09
N ARG D 620 -9.69 -42.23 -9.22
CA ARG D 620 -9.07 -41.53 -8.11
C ARG D 620 -8.04 -40.54 -8.59
N ILE D 621 -7.29 -40.89 -9.62
CA ILE D 621 -6.35 -39.97 -10.22
C ILE D 621 -7.08 -38.76 -10.78
N VAL D 622 -8.13 -39.03 -11.54
CA VAL D 622 -8.85 -37.94 -12.17
C VAL D 622 -9.41 -37.01 -11.12
N GLY D 623 -9.91 -37.58 -10.04
CA GLY D 623 -10.41 -36.78 -8.95
C GLY D 623 -9.31 -35.97 -8.30
N GLY D 624 -8.14 -36.56 -8.13
CA GLY D 624 -7.04 -35.84 -7.52
C GLY D 624 -6.63 -34.62 -8.31
N VAL D 625 -6.53 -34.78 -9.62
CA VAL D 625 -6.11 -33.67 -10.46
C VAL D 625 -7.20 -32.62 -10.53
N TRP D 626 -8.45 -33.06 -10.60
CA TRP D 626 -9.56 -32.13 -10.54
C TRP D 626 -9.51 -31.33 -9.25
N TRP D 627 -9.21 -31.99 -8.13
CA TRP D 627 -9.14 -31.32 -6.85
C TRP D 627 -8.04 -30.29 -6.84
N PHE D 628 -6.86 -30.64 -7.34
CA PHE D 628 -5.79 -29.67 -7.43
C PHE D 628 -6.21 -28.49 -8.30
N PHE D 629 -6.84 -28.79 -9.41
CA PHE D 629 -7.37 -27.76 -10.28
C PHE D 629 -8.22 -26.77 -9.52
N THR D 630 -9.19 -27.28 -8.75
CA THR D 630 -10.07 -26.40 -8.02
C THR D 630 -9.31 -25.59 -7.00
N LEU D 631 -8.42 -26.25 -6.27
CA LEU D 631 -7.69 -25.55 -5.23
C LEU D 631 -7.02 -24.33 -5.80
N ILE D 632 -6.33 -24.50 -6.93
CA ILE D 632 -5.63 -23.36 -7.52
C ILE D 632 -6.60 -22.30 -7.98
N ILE D 633 -7.59 -22.72 -8.76
CA ILE D 633 -8.49 -21.78 -9.39
C ILE D 633 -9.19 -20.94 -8.35
N ILE D 634 -9.77 -21.61 -7.37
CA ILE D 634 -10.52 -20.93 -6.34
C ILE D 634 -9.61 -20.06 -5.50
N SER D 635 -8.43 -20.54 -5.17
CA SER D 635 -7.51 -19.72 -4.40
C SER D 635 -7.26 -18.40 -5.09
N SER D 636 -6.99 -18.45 -6.39
CA SER D 636 -6.74 -17.23 -7.14
C SER D 636 -7.96 -16.32 -7.17
N TYR D 637 -9.08 -16.87 -7.57
CA TYR D 637 -10.30 -16.10 -7.70
C TYR D 637 -10.66 -15.42 -6.39
N THR D 638 -10.67 -16.16 -5.29
CA THR D 638 -10.97 -15.57 -4.00
C THR D 638 -9.88 -14.62 -3.55
N ALA D 639 -8.67 -14.80 -4.05
CA ALA D 639 -7.60 -13.87 -3.70
C ALA D 639 -7.92 -12.49 -4.20
N ASN D 640 -8.41 -12.40 -5.43
CA ASN D 640 -8.67 -11.07 -5.99
C ASN D 640 -10.15 -10.68 -6.01
N LEU D 641 -11.03 -11.45 -5.37
CA LEU D 641 -12.46 -11.16 -5.46
C LEU D 641 -12.88 -9.92 -4.69
N ALA D 642 -12.04 -9.40 -3.82
CA ALA D 642 -12.51 -8.33 -2.95
C ALA D 642 -12.79 -7.06 -3.73
N ALA D 643 -11.80 -6.61 -4.49
CA ALA D 643 -11.91 -5.34 -5.18
C ALA D 643 -12.94 -5.40 -6.28
N PHE D 644 -12.95 -6.49 -7.03
CA PHE D 644 -13.71 -6.55 -8.26
C PHE D 644 -15.20 -6.34 -8.03
N LEU D 645 -15.71 -6.82 -6.90
CA LEU D 645 -17.13 -6.66 -6.64
C LEU D 645 -17.46 -5.27 -6.13
N THR D 646 -16.47 -4.49 -5.73
CA THR D 646 -16.66 -3.10 -5.31
C THR D 646 -16.01 -2.10 -6.23
N VAL D 647 -15.22 -2.55 -7.21
CA VAL D 647 -14.53 -1.63 -8.08
C VAL D 647 -15.54 -0.76 -8.81
N GLU D 648 -15.24 0.53 -8.89
CA GLU D 648 -16.11 1.52 -9.49
C GLU D 648 -15.33 2.23 -10.61
N ARG D 649 -15.87 2.16 -11.81
CA ARG D 649 -15.14 2.54 -13.02
C ARG D 649 -15.95 3.53 -13.84
N MET D 650 -15.30 4.62 -14.25
CA MET D 650 -15.92 5.62 -15.11
C MET D 650 -15.69 5.23 -16.57
N VAL D 651 -16.76 4.93 -17.27
CA VAL D 651 -16.72 4.64 -18.69
C VAL D 651 -17.51 5.72 -19.40
N SER D 652 -16.93 6.30 -20.37
CA SER D 652 -17.54 7.45 -20.99
C SER D 652 -18.15 7.08 -22.33
N PRO D 653 -19.25 7.74 -22.71
CA PRO D 653 -19.86 7.45 -24.01
C PRO D 653 -19.03 7.92 -25.18
N ILE D 654 -17.97 8.67 -24.91
CA ILE D 654 -17.04 9.11 -25.94
C ILE D 654 -15.63 8.78 -25.48
N GLU D 655 -14.81 8.31 -26.41
CA GLU D 655 -13.42 8.03 -26.13
C GLU D 655 -12.48 8.62 -27.17
N SER D 656 -13.00 9.35 -28.15
CA SER D 656 -12.17 9.94 -29.18
C SER D 656 -13.06 10.80 -30.07
N ALA D 657 -12.44 11.45 -31.05
CA ALA D 657 -13.19 12.16 -32.06
C ALA D 657 -14.09 11.23 -32.85
N GLU D 658 -13.66 9.98 -33.03
CA GLU D 658 -14.45 9.02 -33.79
C GLU D 658 -15.81 8.82 -33.14
N ASP D 659 -15.83 8.56 -31.85
CA ASP D 659 -17.09 8.35 -31.15
C ASP D 659 -17.92 9.63 -31.10
N LEU D 660 -17.34 10.76 -31.46
CA LEU D 660 -18.12 11.98 -31.59
C LEU D 660 -18.75 12.09 -32.96
N SER D 661 -17.95 11.88 -34.00
CA SER D 661 -18.43 11.98 -35.37
C SER D 661 -19.38 10.84 -35.72
N LYS D 662 -19.41 9.79 -34.91
CA LYS D 662 -20.28 8.64 -35.14
C LYS D 662 -21.61 8.76 -34.43
N GLN D 663 -21.91 9.92 -33.86
CA GLN D 663 -23.16 10.09 -33.15
C GLN D 663 -23.59 11.54 -33.17
N THR D 664 -24.87 11.75 -32.94
CA THR D 664 -25.43 13.09 -32.83
C THR D 664 -26.35 13.22 -31.62
N GLU D 665 -26.55 12.15 -30.85
CA GLU D 665 -27.20 12.29 -29.56
C GLU D 665 -26.51 13.35 -28.73
N ILE D 666 -25.18 13.29 -28.67
CA ILE D 666 -24.36 14.22 -27.92
C ILE D 666 -23.72 15.18 -28.90
N ALA D 667 -23.81 16.46 -28.61
CA ALA D 667 -23.29 17.46 -29.52
C ALA D 667 -21.80 17.64 -29.31
N TYR D 668 -21.21 18.50 -30.11
CA TYR D 668 -19.86 18.96 -29.85
C TYR D 668 -19.63 20.31 -30.50
N GLY D 669 -19.28 21.28 -29.69
CA GLY D 669 -19.05 22.62 -30.17
C GLY D 669 -17.73 23.19 -29.75
N THR D 670 -17.60 24.50 -29.93
CA THR D 670 -16.32 25.16 -29.75
C THR D 670 -16.55 26.59 -29.29
N LEU D 671 -15.46 27.25 -28.95
CA LEU D 671 -15.48 28.69 -28.85
C LEU D 671 -15.59 29.30 -30.23
N ASP D 672 -15.98 30.57 -30.27
CA ASP D 672 -16.13 31.31 -31.52
C ASP D 672 -14.96 32.26 -31.70
N SER D 673 -14.57 32.44 -32.95
CA SER D 673 -13.40 33.23 -33.29
C SER D 673 -12.15 32.67 -32.63
N GLY D 674 -12.13 31.36 -32.44
CA GLY D 674 -11.00 30.68 -31.85
C GLY D 674 -10.32 29.79 -32.86
N SER D 675 -9.01 29.60 -32.68
CA SER D 675 -8.25 28.80 -33.62
C SER D 675 -8.82 27.40 -33.76
N THR D 676 -9.48 26.90 -32.73
CA THR D 676 -10.10 25.58 -32.84
C THR D 676 -11.10 25.57 -33.99
N LYS D 677 -11.92 26.61 -34.07
CA LYS D 677 -12.90 26.71 -35.15
C LYS D 677 -12.20 26.70 -36.49
N GLU D 678 -11.19 27.54 -36.66
CA GLU D 678 -10.52 27.65 -37.95
C GLU D 678 -9.83 26.35 -38.32
N PHE D 679 -9.24 25.68 -37.34
CA PHE D 679 -8.56 24.42 -37.61
C PHE D 679 -9.55 23.37 -38.08
N PHE D 680 -10.70 23.30 -37.44
CA PHE D 680 -11.72 22.38 -37.93
C PHE D 680 -12.18 22.76 -39.32
N ARG D 681 -12.38 24.05 -39.55
CA ARG D 681 -12.90 24.49 -40.85
C ARG D 681 -11.94 24.13 -41.97
N ARG D 682 -10.65 24.38 -41.76
CA ARG D 682 -9.65 24.15 -42.78
C ARG D 682 -9.20 22.70 -42.86
N SER D 683 -9.71 21.84 -41.98
CA SER D 683 -9.20 20.47 -41.92
C SER D 683 -9.56 19.72 -43.18
N LYS D 684 -8.60 18.96 -43.71
CA LYS D 684 -8.79 18.10 -44.85
C LYS D 684 -8.88 16.63 -44.46
N ILE D 685 -9.06 16.33 -43.19
CA ILE D 685 -9.16 14.96 -42.73
C ILE D 685 -10.63 14.58 -42.64
N ALA D 686 -10.89 13.28 -42.72
CA ALA D 686 -12.27 12.80 -42.76
C ALA D 686 -13.00 13.16 -41.47
N VAL D 687 -12.44 12.80 -40.33
CA VAL D 687 -13.15 12.96 -39.07
C VAL D 687 -13.43 14.43 -38.81
N PHE D 688 -12.40 15.27 -38.95
CA PHE D 688 -12.56 16.67 -38.59
C PHE D 688 -13.47 17.37 -39.58
N ASP D 689 -13.40 17.02 -40.85
CA ASP D 689 -14.31 17.60 -41.83
C ASP D 689 -15.74 17.20 -41.54
N LYS D 690 -15.97 15.93 -41.18
CA LYS D 690 -17.33 15.50 -40.87
C LYS D 690 -17.88 16.25 -39.67
N MET D 691 -17.05 16.42 -38.64
CA MET D 691 -17.52 17.12 -37.46
C MET D 691 -17.73 18.60 -37.74
N TRP D 692 -16.91 19.16 -38.62
CA TRP D 692 -17.11 20.54 -39.05
C TRP D 692 -18.44 20.71 -39.76
N THR D 693 -18.75 19.78 -40.67
CA THR D 693 -20.05 19.81 -41.32
C THR D 693 -21.16 19.72 -40.30
N TYR D 694 -21.06 18.76 -39.38
CA TYR D 694 -22.08 18.63 -38.34
C TYR D 694 -22.31 19.96 -37.64
N MET D 695 -21.23 20.60 -37.20
CA MET D 695 -21.35 21.75 -36.34
C MET D 695 -21.63 23.04 -37.09
N ARG D 696 -21.47 23.07 -38.40
CA ARG D 696 -21.79 24.30 -39.13
C ARG D 696 -23.27 24.44 -39.41
N SER D 697 -24.07 23.43 -39.07
CA SER D 697 -25.49 23.45 -39.37
C SER D 697 -26.36 22.99 -38.22
N ALA D 698 -25.79 22.43 -37.15
CA ALA D 698 -26.60 21.91 -36.07
C ALA D 698 -27.41 23.01 -35.42
N GLU D 699 -28.59 22.64 -34.91
CA GLU D 699 -29.50 23.58 -34.31
C GLU D 699 -30.04 22.97 -33.01
N PRO D 700 -29.98 23.69 -31.88
CA PRO D 700 -29.43 25.05 -31.76
C PRO D 700 -27.93 25.07 -31.93
N SER D 701 -27.36 26.27 -32.05
CA SER D 701 -25.95 26.39 -32.38
C SER D 701 -25.10 25.75 -31.29
N VAL D 702 -24.18 24.90 -31.71
CA VAL D 702 -23.23 24.30 -30.79
C VAL D 702 -22.25 25.34 -30.30
N PHE D 703 -21.82 26.24 -31.16
CA PHE D 703 -20.78 27.19 -30.82
C PHE D 703 -21.21 28.02 -29.62
N VAL D 704 -20.27 28.81 -29.11
CA VAL D 704 -20.52 29.69 -27.99
C VAL D 704 -19.76 30.99 -28.23
N ARG D 705 -19.84 31.87 -27.24
CA ARG D 705 -19.20 33.17 -27.28
C ARG D 705 -18.03 33.29 -26.32
N THR D 706 -17.95 32.41 -25.34
CA THR D 706 -16.89 32.45 -24.35
C THR D 706 -16.74 31.08 -23.72
N THR D 707 -15.55 30.82 -23.19
CA THR D 707 -15.26 29.52 -22.63
C THR D 707 -16.22 29.18 -21.50
N ALA D 708 -16.26 30.02 -20.47
CA ALA D 708 -17.07 29.70 -19.29
C ALA D 708 -18.49 29.37 -19.68
N GLU D 709 -18.99 29.99 -20.74
CA GLU D 709 -20.32 29.65 -21.22
C GLU D 709 -20.38 28.20 -21.67
N GLY D 710 -19.34 27.75 -22.38
CA GLY D 710 -19.32 26.36 -22.80
C GLY D 710 -19.14 25.42 -21.63
N VAL D 711 -18.33 25.81 -20.65
CA VAL D 711 -18.20 25.06 -19.43
C VAL D 711 -19.55 24.85 -18.78
N ALA D 712 -20.32 25.92 -18.66
CA ALA D 712 -21.65 25.82 -18.10
C ALA D 712 -22.53 24.91 -18.95
N ARG D 713 -22.45 25.05 -20.26
CA ARG D 713 -23.29 24.24 -21.14
C ARG D 713 -23.03 22.77 -20.92
N VAL D 714 -21.76 22.39 -20.78
CA VAL D 714 -21.45 21.00 -20.45
C VAL D 714 -21.98 20.67 -19.06
N ARG D 715 -21.70 21.52 -18.09
CA ARG D 715 -22.05 21.24 -16.71
C ARG D 715 -23.54 21.21 -16.47
N LYS D 716 -24.34 21.56 -17.47
CA LYS D 716 -25.79 21.49 -17.36
C LYS D 716 -26.43 20.60 -18.42
N SER D 717 -25.82 20.45 -19.59
CA SER D 717 -26.42 19.69 -20.67
C SER D 717 -26.54 18.22 -20.36
N LYS D 718 -26.12 17.77 -19.18
CA LYS D 718 -26.31 16.39 -18.76
C LYS D 718 -25.70 15.42 -19.76
N GLY D 719 -24.50 15.75 -20.23
CA GLY D 719 -23.75 14.86 -21.10
C GLY D 719 -24.22 14.83 -22.54
N LYS D 720 -25.20 15.64 -22.90
CA LYS D 720 -25.62 15.77 -24.28
C LYS D 720 -24.76 16.74 -25.07
N TYR D 721 -23.80 17.37 -24.42
CA TYR D 721 -22.89 18.31 -25.05
C TYR D 721 -21.46 17.88 -24.74
N ALA D 722 -20.52 18.41 -25.52
CA ALA D 722 -19.13 17.99 -25.44
C ALA D 722 -18.29 19.10 -26.03
N TYR D 723 -17.44 19.71 -25.21
CA TYR D 723 -16.79 20.93 -25.62
C TYR D 723 -15.41 20.63 -26.17
N LEU D 724 -15.01 21.36 -27.20
CA LEU D 724 -13.71 21.18 -27.85
C LEU D 724 -12.85 22.40 -27.61
N LEU D 725 -12.00 22.31 -26.61
CA LEU D 725 -11.18 23.45 -26.22
C LEU D 725 -9.73 23.02 -26.08
N GLU D 726 -8.89 24.01 -25.83
CA GLU D 726 -7.49 23.74 -25.61
C GLU D 726 -7.29 22.98 -24.31
N SER D 727 -6.26 22.14 -24.30
CA SER D 727 -6.12 21.15 -23.25
C SER D 727 -5.98 21.78 -21.88
N THR D 728 -5.23 22.87 -21.76
CA THR D 728 -4.88 23.39 -20.45
C THR D 728 -6.12 23.81 -19.68
N MET D 729 -7.05 24.48 -20.34
CA MET D 729 -8.28 24.84 -19.68
C MET D 729 -9.00 23.63 -19.16
N ASN D 730 -9.08 22.59 -19.99
CA ASN D 730 -9.69 21.35 -19.57
C ASN D 730 -9.02 20.80 -18.33
N GLU D 731 -7.70 20.89 -18.26
CA GLU D 731 -6.99 20.35 -17.09
C GLU D 731 -7.32 21.14 -15.84
N TYR D 732 -7.20 22.46 -15.93
CA TYR D 732 -7.45 23.30 -14.76
C TYR D 732 -8.87 23.12 -14.27
N ILE D 733 -9.82 23.12 -15.21
CA ILE D 733 -11.21 22.93 -14.87
C ILE D 733 -11.44 21.56 -14.22
N GLU D 734 -10.76 20.53 -14.70
CA GLU D 734 -10.86 19.24 -14.06
C GLU D 734 -10.34 19.25 -12.64
N GLN D 735 -9.24 19.95 -12.38
CA GLN D 735 -8.69 20.04 -11.03
C GLN D 735 -9.51 20.97 -10.15
N ARG D 736 -10.02 22.05 -10.72
CA ARG D 736 -10.81 23.01 -9.95
C ARG D 736 -12.18 22.45 -9.61
N LYS D 737 -12.68 22.82 -8.44
CA LYS D 737 -14.03 22.42 -8.06
C LYS D 737 -15.04 23.12 -8.95
N PRO D 738 -16.24 22.53 -9.14
CA PRO D 738 -16.77 21.28 -8.59
C PRO D 738 -16.10 20.01 -9.06
N CYS D 739 -15.10 20.12 -9.93
CA CYS D 739 -14.46 18.94 -10.50
C CYS D 739 -15.49 18.03 -11.15
N ASP D 740 -16.48 18.63 -11.80
CA ASP D 740 -17.57 17.89 -12.42
C ASP D 740 -17.39 17.74 -13.92
N THR D 741 -16.16 17.85 -14.41
CA THR D 741 -15.87 17.69 -15.82
C THR D 741 -14.57 16.92 -15.99
N MET D 742 -14.42 16.30 -17.16
CA MET D 742 -13.30 15.43 -17.41
C MET D 742 -12.84 15.58 -18.85
N LYS D 743 -11.52 15.55 -19.04
CA LYS D 743 -10.91 15.46 -20.34
C LYS D 743 -10.97 14.03 -20.85
N VAL D 744 -11.35 13.87 -22.11
CA VAL D 744 -11.42 12.55 -22.72
C VAL D 744 -10.81 12.59 -24.10
N GLY D 745 -10.08 11.55 -24.43
CA GLY D 745 -9.48 11.44 -25.74
C GLY D 745 -8.20 12.24 -25.82
N GLY D 746 -7.19 11.65 -26.42
CA GLY D 746 -5.94 12.35 -26.58
C GLY D 746 -6.07 13.55 -27.49
N ASN D 747 -5.16 14.49 -27.29
CA ASN D 747 -5.18 15.72 -28.05
C ASN D 747 -5.18 15.46 -29.53
N LEU D 748 -6.25 15.91 -30.18
CA LEU D 748 -6.44 15.72 -31.60
C LEU D 748 -5.30 16.31 -32.39
N ASP D 749 -4.66 17.32 -31.84
CA ASP D 749 -3.52 17.96 -32.46
C ASP D 749 -2.67 18.57 -31.37
N SER D 750 -1.44 18.91 -31.70
CA SER D 750 -0.53 19.54 -30.77
C SER D 750 -0.24 20.94 -31.26
N LYS D 751 -0.29 21.90 -30.36
CA LYS D 751 -0.03 23.28 -30.71
C LYS D 751 0.68 23.98 -29.58
N GLY D 752 0.73 25.29 -29.64
CA GLY D 752 1.40 26.01 -28.60
C GLY D 752 0.93 27.43 -28.46
N TYR D 753 0.98 27.93 -27.23
CA TYR D 753 0.56 29.27 -26.96
C TYR D 753 1.73 30.20 -27.19
N GLY D 754 1.46 31.31 -27.83
CA GLY D 754 2.54 32.21 -28.14
C GLY D 754 2.23 33.68 -28.03
N ILE D 755 3.05 34.36 -27.22
CA ILE D 755 3.14 35.80 -27.24
C ILE D 755 3.23 36.30 -28.68
N ALA D 756 2.66 37.45 -28.93
CA ALA D 756 2.54 37.98 -30.28
C ALA D 756 2.98 39.44 -30.32
N THR D 757 3.15 39.93 -31.53
CA THR D 757 3.57 41.31 -31.75
C THR D 757 3.12 41.73 -33.13
N PRO D 758 2.95 43.02 -33.36
CA PRO D 758 2.66 43.49 -34.72
C PRO D 758 3.80 43.17 -35.65
N LYS D 759 3.44 42.91 -36.91
CA LYS D 759 4.44 42.57 -37.89
C LYS D 759 5.42 43.72 -38.07
N GLY D 760 6.71 43.39 -38.07
CA GLY D 760 7.74 44.40 -38.20
C GLY D 760 8.04 45.15 -36.92
N SER D 761 7.40 44.79 -35.82
CA SER D 761 7.71 45.42 -34.54
C SER D 761 9.14 45.12 -34.13
N SER D 762 9.72 46.00 -33.34
CA SER D 762 11.10 45.77 -32.81
C SER D 762 10.99 45.06 -31.46
N LEU D 763 9.78 44.65 -31.07
CA LEU D 763 9.57 43.99 -29.76
C LEU D 763 9.61 42.47 -29.95
N GLY D 764 9.60 42.01 -31.20
CA GLY D 764 9.61 40.56 -31.49
C GLY D 764 10.89 39.91 -31.00
N THR D 765 12.05 40.44 -31.43
CA THR D 765 13.36 39.82 -31.07
C THR D 765 13.54 39.72 -29.54
N PRO D 766 13.39 40.79 -28.70
CA PRO D 766 13.53 40.61 -27.26
C PRO D 766 12.52 39.67 -26.59
N VAL D 767 11.22 39.78 -26.91
CA VAL D 767 10.21 38.92 -26.22
C VAL D 767 10.61 37.46 -26.44
N ASN D 768 11.10 37.13 -27.63
CA ASN D 768 11.57 35.80 -27.96
C ASN D 768 12.62 35.35 -26.96
N LEU D 769 13.68 36.13 -26.83
CA LEU D 769 14.77 35.75 -25.94
C LEU D 769 14.30 35.65 -24.51
N ALA D 770 13.31 36.46 -24.12
CA ALA D 770 12.77 36.35 -22.77
C ALA D 770 12.15 34.99 -22.56
N VAL D 771 11.34 34.56 -23.53
CA VAL D 771 10.71 33.26 -23.43
C VAL D 771 11.76 32.18 -23.29
N LEU D 772 12.79 32.26 -24.12
CA LEU D 772 13.81 31.22 -24.10
C LEU D 772 14.54 31.19 -22.77
N LYS D 773 14.94 32.36 -22.28
CA LYS D 773 15.66 32.42 -21.02
C LYS D 773 14.81 31.84 -19.90
N LEU D 774 13.54 32.19 -19.87
CA LEU D 774 12.66 31.72 -18.81
C LEU D 774 12.49 30.22 -18.86
N SER D 775 12.22 29.68 -20.06
CA SER D 775 12.04 28.25 -20.17
C SER D 775 13.29 27.51 -19.77
N GLU D 776 14.46 28.07 -20.11
CA GLU D 776 15.71 27.44 -19.73
C GLU D 776 15.90 27.46 -18.23
N GLN D 777 15.60 28.59 -17.58
CA GLN D 777 15.76 28.69 -16.13
C GLN D 777 14.76 27.82 -15.39
N GLY D 778 13.52 27.73 -15.86
CA GLY D 778 12.52 26.91 -15.24
C GLY D 778 11.35 27.66 -14.65
N VAL D 779 11.21 28.94 -14.95
CA VAL D 779 10.09 29.71 -14.40
C VAL D 779 8.75 29.18 -14.90
N LEU D 780 8.67 28.87 -16.20
CA LEU D 780 7.39 28.53 -16.80
C LEU D 780 6.82 27.25 -16.22
N ASP D 781 7.69 26.26 -15.97
CA ASP D 781 7.23 25.04 -15.32
C ASP D 781 6.69 25.34 -13.93
N LYS D 782 7.38 26.21 -13.18
CA LYS D 782 6.94 26.53 -11.83
C LYS D 782 5.58 27.20 -11.85
N LEU D 783 5.39 28.15 -12.77
CA LEU D 783 4.10 28.80 -12.90
C LEU D 783 3.02 27.80 -13.28
N LYS D 784 3.33 26.93 -14.24
CA LYS D 784 2.37 25.93 -14.66
C LYS D 784 1.97 25.05 -13.51
N ASN D 785 2.90 24.77 -12.61
CA ASN D 785 2.57 23.92 -11.46
C ASN D 785 1.75 24.69 -10.44
N LYS D 786 2.12 25.94 -10.19
CA LYS D 786 1.45 26.68 -9.12
C LYS D 786 0.03 27.04 -9.51
N TRP D 787 -0.17 27.50 -10.74
CA TRP D 787 -1.48 27.95 -11.14
C TRP D 787 -2.44 26.79 -11.36
N TRP D 788 -1.92 25.59 -11.59
CA TRP D 788 -2.73 24.42 -11.87
C TRP D 788 -2.76 23.45 -10.70
N TYR D 789 -1.60 22.94 -10.30
CA TYR D 789 -1.55 21.91 -9.28
C TYR D 789 -1.82 22.49 -7.90
N ASP D 790 -1.26 23.66 -7.62
CA ASP D 790 -1.53 24.32 -6.35
C ASP D 790 -2.97 24.75 -6.24
N LYS D 791 -3.71 24.75 -7.34
CA LYS D 791 -5.14 24.98 -7.30
C LYS D 791 -5.94 23.71 -7.04
N GLY D 792 -5.26 22.56 -6.90
CA GLY D 792 -5.93 21.29 -6.74
C GLY D 792 -6.90 21.28 -5.58
N GLU D 793 -8.14 20.91 -5.86
CA GLU D 793 -9.18 20.79 -4.85
C GLU D 793 -9.85 19.44 -4.90
N CYS D 794 -9.19 18.46 -5.53
CA CYS D 794 -9.80 17.15 -5.77
C CYS D 794 -8.74 16.07 -5.91
N LYS D 804 -10.56 3.23 -0.17
CA LYS D 804 -10.62 2.66 1.17
C LYS D 804 -11.22 1.27 1.11
N THR D 805 -11.06 0.52 2.18
CA THR D 805 -11.75 -0.75 2.34
C THR D 805 -13.12 -0.51 2.92
N SER D 806 -14.15 -0.84 2.16
CA SER D 806 -15.51 -0.51 2.52
C SER D 806 -16.36 -1.76 2.50
N ALA D 807 -17.21 -1.90 3.51
CA ALA D 807 -18.09 -3.04 3.61
C ALA D 807 -18.87 -3.23 2.32
N LEU D 808 -19.21 -4.47 2.03
CA LEU D 808 -19.97 -4.76 0.83
C LEU D 808 -21.39 -4.27 0.98
N SER D 809 -21.92 -3.70 -0.09
CA SER D 809 -23.31 -3.36 -0.14
C SER D 809 -24.03 -4.40 -0.95
N LEU D 810 -25.27 -4.66 -0.58
CA LEU D 810 -26.06 -5.63 -1.29
C LEU D 810 -26.08 -5.36 -2.78
N SER D 811 -26.08 -4.10 -3.16
CA SER D 811 -26.04 -3.76 -4.57
C SER D 811 -24.87 -4.46 -5.25
N ASN D 812 -23.80 -4.68 -4.50
CA ASN D 812 -22.62 -5.32 -5.07
C ASN D 812 -22.89 -6.77 -5.39
N VAL D 813 -23.45 -7.49 -4.43
CA VAL D 813 -23.55 -8.94 -4.53
C VAL D 813 -25.00 -9.31 -4.77
N ALA D 814 -25.78 -8.38 -5.29
CA ALA D 814 -27.18 -8.69 -5.53
C ALA D 814 -27.35 -9.74 -6.59
N GLY D 815 -26.50 -9.69 -7.62
CA GLY D 815 -26.74 -10.52 -8.78
C GLY D 815 -26.85 -11.98 -8.43
N VAL D 816 -25.94 -12.44 -7.58
CA VAL D 816 -25.91 -13.85 -7.22
C VAL D 816 -27.22 -14.25 -6.58
N PHE D 817 -27.77 -13.39 -5.72
CA PHE D 817 -29.07 -13.68 -5.15
C PHE D 817 -30.07 -14.00 -6.23
N TYR D 818 -30.16 -13.15 -7.24
CA TYR D 818 -31.08 -13.41 -8.32
C TYR D 818 -30.87 -14.78 -8.89
N ILE D 819 -29.62 -15.07 -9.25
CA ILE D 819 -29.30 -16.40 -9.74
C ILE D 819 -29.86 -17.45 -8.83
N LEU D 820 -29.54 -17.36 -7.55
CA LEU D 820 -30.09 -18.29 -6.59
C LEU D 820 -31.56 -18.50 -6.85
N VAL D 821 -32.34 -17.43 -6.72
CA VAL D 821 -33.77 -17.56 -6.83
C VAL D 821 -34.13 -18.15 -8.17
N GLY D 822 -33.48 -17.65 -9.22
CA GLY D 822 -33.71 -18.22 -10.53
C GLY D 822 -33.63 -19.73 -10.51
N GLY D 823 -32.49 -20.27 -10.09
CA GLY D 823 -32.33 -21.70 -10.07
C GLY D 823 -33.43 -22.36 -9.27
N LEU D 824 -33.77 -21.77 -8.14
CA LEU D 824 -34.85 -22.32 -7.35
C LEU D 824 -36.12 -22.41 -8.16
N GLY D 825 -36.55 -21.28 -8.71
CA GLY D 825 -37.68 -21.32 -9.60
C GLY D 825 -37.55 -22.46 -10.59
N LEU D 826 -36.46 -22.45 -11.35
CA LEU D 826 -36.22 -23.51 -12.30
C LEU D 826 -36.47 -24.86 -11.69
N ALA D 827 -35.79 -25.15 -10.59
CA ALA D 827 -35.97 -26.44 -9.93
C ALA D 827 -37.43 -26.72 -9.70
N MET D 828 -38.12 -25.85 -8.99
CA MET D 828 -39.54 -26.04 -8.79
C MET D 828 -40.18 -26.48 -10.10
N LEU D 829 -40.09 -25.62 -11.11
CA LEU D 829 -40.65 -25.92 -12.41
C LEU D 829 -40.27 -27.32 -12.85
N VAL D 830 -38.98 -27.60 -12.90
CA VAL D 830 -38.52 -28.92 -13.31
C VAL D 830 -39.31 -30.01 -12.62
N ALA D 831 -39.34 -29.99 -11.29
CA ALA D 831 -40.06 -31.03 -10.57
C ALA D 831 -41.47 -31.16 -11.09
N LEU D 832 -42.18 -30.05 -11.19
CA LEU D 832 -43.53 -30.10 -11.70
C LEU D 832 -43.57 -30.83 -13.02
N ILE D 833 -42.71 -30.43 -13.95
CA ILE D 833 -42.61 -31.17 -15.21
C ILE D 833 -42.50 -32.65 -14.93
N GLU D 834 -41.46 -33.07 -14.22
CA GLU D 834 -41.30 -34.49 -13.95
C GLU D 834 -42.61 -35.05 -13.41
N PHE D 835 -43.17 -34.37 -12.43
CA PHE D 835 -44.40 -34.88 -11.83
C PHE D 835 -45.51 -34.96 -12.85
N CYS D 836 -45.72 -33.88 -13.60
CA CYS D 836 -46.73 -33.89 -14.65
C CYS D 836 -46.46 -35.02 -15.64
N TYR D 837 -45.19 -35.26 -15.94
CA TYR D 837 -44.87 -36.36 -16.84
C TYR D 837 -45.21 -37.70 -16.20
N LYS D 838 -44.93 -37.85 -14.91
CA LYS D 838 -45.15 -39.13 -14.26
C LYS D 838 -46.64 -39.40 -14.09
N SER D 839 -47.40 -38.39 -13.69
CA SER D 839 -48.84 -38.57 -13.52
C SER D 839 -49.49 -38.98 -14.84
N ARG D 840 -48.91 -38.57 -15.96
CA ARG D 840 -49.42 -38.95 -17.27
C ARG D 840 -49.20 -40.44 -17.51
N CYS E 15 3.59 -60.64 -6.99
CA CYS E 15 2.52 -61.63 -7.02
C CYS E 15 2.26 -62.15 -5.61
N GLU E 16 3.22 -61.91 -4.72
CA GLU E 16 3.01 -62.10 -3.29
C GLU E 16 2.90 -63.58 -2.91
N LYS E 17 3.83 -64.38 -3.41
CA LYS E 17 4.00 -65.77 -2.98
C LYS E 17 5.43 -66.03 -2.53
N GLY E 18 5.97 -65.15 -1.68
CA GLY E 18 7.34 -65.22 -1.23
C GLY E 18 8.29 -64.29 -1.94
N VAL E 19 7.99 -63.91 -3.18
CA VAL E 19 8.75 -62.88 -3.85
C VAL E 19 8.72 -61.57 -3.08
N GLN E 20 7.62 -61.30 -2.40
CA GLN E 20 7.50 -60.09 -1.60
C GLN E 20 8.66 -59.95 -0.63
N VAL E 21 9.10 -61.04 -0.03
CA VAL E 21 10.17 -60.93 0.95
C VAL E 21 11.49 -60.59 0.29
N LEU E 22 11.80 -61.22 -0.84
CA LEU E 22 13.06 -60.93 -1.50
C LEU E 22 13.09 -59.49 -2.00
N LEU E 23 11.97 -59.04 -2.55
CA LEU E 23 11.83 -57.65 -2.93
C LEU E 23 12.02 -56.73 -1.74
N THR E 24 11.40 -57.07 -0.62
CA THR E 24 11.57 -56.32 0.61
C THR E 24 13.03 -56.17 0.97
N THR E 25 13.75 -57.28 1.03
CA THR E 25 15.11 -57.22 1.55
C THR E 25 16.04 -56.50 0.59
N ILE E 26 15.87 -56.71 -0.72
CA ILE E 26 16.74 -56.02 -1.65
C ILE E 26 16.44 -54.53 -1.63
N GLY E 27 15.17 -54.17 -1.51
CA GLY E 27 14.84 -52.77 -1.37
C GLY E 27 15.42 -52.17 -0.11
N ALA E 28 15.37 -52.92 0.99
CA ALA E 28 15.90 -52.43 2.25
C ALA E 28 17.39 -52.17 2.15
N PHE E 29 18.12 -53.11 1.57
CA PHE E 29 19.56 -52.96 1.52
C PHE E 29 19.97 -51.93 0.47
N ALA E 30 19.19 -51.80 -0.60
CA ALA E 30 19.42 -50.75 -1.56
C ALA E 30 19.21 -49.39 -0.93
N ALA E 31 18.14 -49.24 -0.15
CA ALA E 31 17.87 -48.00 0.54
C ALA E 31 18.97 -47.68 1.54
N PHE E 32 19.40 -48.68 2.30
CA PHE E 32 20.49 -48.46 3.23
C PHE E 32 21.74 -48.03 2.48
N GLY E 33 21.96 -48.60 1.30
CA GLY E 33 23.12 -48.21 0.52
C GLY E 33 23.04 -46.78 0.06
N LEU E 34 21.88 -46.38 -0.46
CA LEU E 34 21.69 -45.02 -0.91
C LEU E 34 21.87 -44.04 0.22
N MET E 35 21.37 -44.40 1.40
CA MET E 35 21.43 -43.47 2.50
C MET E 35 22.86 -43.37 3.04
N THR E 36 23.57 -44.49 3.07
CA THR E 36 24.97 -44.47 3.45
C THR E 36 25.81 -43.65 2.47
N ILE E 37 25.53 -43.80 1.18
CA ILE E 37 26.21 -42.99 0.18
C ILE E 37 25.95 -41.52 0.43
N ALA E 38 24.68 -41.17 0.63
CA ALA E 38 24.30 -39.79 0.78
C ALA E 38 24.98 -39.17 1.97
N ILE E 39 25.01 -39.90 3.09
CA ILE E 39 25.74 -39.43 4.26
C ILE E 39 27.21 -39.29 3.93
N SER E 40 27.76 -40.28 3.23
CA SER E 40 29.18 -40.39 2.95
C SER E 40 29.56 -39.76 1.63
N THR E 41 28.90 -38.68 1.26
CA THR E 41 29.13 -38.04 -0.01
C THR E 41 28.97 -36.54 0.16
N ASP E 42 29.50 -35.79 -0.80
CA ASP E 42 29.61 -34.35 -0.67
C ASP E 42 29.01 -33.59 -1.84
N TYR E 43 28.16 -34.21 -2.64
CA TYR E 43 27.53 -33.52 -3.76
C TYR E 43 26.05 -33.28 -3.49
N TRP E 44 25.71 -32.90 -2.26
CA TRP E 44 24.35 -32.54 -1.90
C TRP E 44 23.92 -31.19 -2.44
N LEU E 45 24.86 -30.34 -2.79
CA LEU E 45 24.57 -28.96 -3.13
C LEU E 45 25.50 -28.50 -4.24
N TYR E 46 25.12 -27.42 -4.91
CA TYR E 46 25.91 -26.83 -5.97
C TYR E 46 25.83 -25.31 -5.88
N THR E 47 26.04 -24.78 -4.69
CA THR E 47 25.92 -23.36 -4.42
C THR E 47 27.20 -22.63 -4.80
N ARG E 48 27.27 -21.33 -4.51
CA ARG E 48 28.52 -20.56 -4.73
C ARG E 48 28.96 -20.04 -3.37
N ALA E 49 30.23 -20.22 -2.99
CA ALA E 49 30.64 -19.85 -1.66
C ALA E 49 31.93 -19.05 -1.67
N LEU E 50 32.20 -18.43 -0.53
CA LEU E 50 33.40 -17.63 -0.31
C LEU E 50 34.51 -18.49 0.29
N ILE E 51 34.84 -19.55 -0.44
CA ILE E 51 35.95 -20.43 -0.09
C ILE E 51 36.91 -20.43 -1.26
N CYS E 52 36.42 -20.89 -2.41
CA CYS E 52 37.18 -20.80 -3.65
C CYS E 52 37.61 -19.36 -3.87
N ASN E 53 38.90 -19.15 -4.15
CA ASN E 53 39.42 -17.80 -4.33
C ASN E 53 39.27 -17.36 -5.78
N GLY E 79 31.62 -16.59 -3.79
CA GLY E 79 32.67 -16.15 -4.70
C GLY E 79 32.90 -17.13 -5.83
N GLY E 80 33.02 -18.40 -5.50
CA GLY E 80 33.32 -19.42 -6.48
C GLY E 80 32.44 -20.64 -6.31
N LEU E 81 32.28 -21.38 -7.40
CA LEU E 81 31.41 -22.53 -7.42
C LEU E 81 31.82 -23.55 -6.37
N THR E 82 30.82 -24.17 -5.76
CA THR E 82 31.07 -25.16 -4.72
C THR E 82 29.98 -26.20 -4.76
N HIS E 83 30.36 -27.45 -4.93
CA HIS E 83 29.48 -28.56 -4.61
C HIS E 83 29.75 -28.89 -3.15
N SER E 84 28.68 -29.02 -2.39
CA SER E 84 28.76 -29.13 -0.96
C SER E 84 28.02 -30.37 -0.50
N GLY E 85 28.17 -30.67 0.77
CA GLY E 85 27.66 -31.90 1.30
C GLY E 85 27.22 -31.82 2.73
N LEU E 86 26.90 -32.98 3.28
CA LEU E 86 26.41 -33.06 4.65
C LEU E 86 27.55 -32.85 5.64
N TRP E 87 28.74 -33.28 5.27
CA TRP E 87 29.90 -33.27 6.13
C TRP E 87 30.92 -32.24 5.72
N ARG E 88 31.34 -32.28 4.46
CA ARG E 88 32.46 -31.50 3.98
C ARG E 88 32.09 -30.78 2.69
N ILE E 89 32.42 -29.50 2.63
CA ILE E 89 32.47 -28.82 1.34
C ILE E 89 33.65 -29.35 0.55
N CYS E 90 33.61 -29.14 -0.76
CA CYS E 90 34.77 -29.44 -1.59
C CYS E 90 34.61 -28.63 -2.86
N CYS E 91 35.45 -27.62 -3.03
CA CYS E 91 35.29 -26.66 -4.09
C CYS E 91 35.42 -27.30 -5.46
N LEU E 92 35.17 -26.50 -6.49
CA LEU E 92 35.37 -26.92 -7.87
C LEU E 92 35.33 -25.65 -8.71
N GLU E 93 35.71 -25.80 -9.98
CA GLU E 93 35.74 -24.68 -10.91
C GLU E 93 36.31 -23.45 -10.23
N GLY E 94 37.29 -23.66 -9.34
CA GLY E 94 37.93 -22.58 -8.62
C GLY E 94 39.43 -22.72 -8.65
N LEU E 95 40.09 -21.83 -7.92
CA LEU E 95 41.54 -21.91 -7.80
C LEU E 95 41.96 -23.22 -7.13
N LYS E 96 41.38 -23.51 -5.97
CA LYS E 96 41.72 -24.73 -5.26
C LYS E 96 41.36 -25.98 -6.07
N ARG E 97 40.14 -26.01 -6.60
CA ARG E 97 39.68 -27.06 -7.51
C ARG E 97 40.05 -28.45 -7.02
N GLY E 98 39.50 -28.82 -5.88
CA GLY E 98 39.59 -30.18 -5.41
C GLY E 98 39.87 -30.29 -3.94
N VAL E 99 39.99 -29.14 -3.28
CA VAL E 99 40.34 -29.09 -1.86
C VAL E 99 39.07 -29.33 -1.06
N CYS E 100 38.92 -30.54 -0.54
CA CYS E 100 37.70 -30.95 0.14
C CYS E 100 37.83 -30.59 1.62
N VAL E 101 37.25 -29.48 1.98
CA VAL E 101 37.35 -28.91 3.32
C VAL E 101 36.22 -29.41 4.19
N LYS E 102 36.50 -29.54 5.48
CA LYS E 102 35.46 -29.83 6.46
C LYS E 102 34.79 -28.53 6.85
N ILE E 103 33.47 -28.60 7.03
CA ILE E 103 32.69 -27.39 7.22
C ILE E 103 32.64 -27.05 8.70
N ASN E 104 32.32 -25.79 8.97
CA ASN E 104 32.03 -25.31 10.30
C ASN E 104 30.52 -25.13 10.40
N HIS E 105 29.87 -25.95 11.22
CA HIS E 105 28.43 -25.88 11.36
C HIS E 105 28.03 -24.94 12.48
N PHE E 106 28.46 -25.22 13.70
CA PHE E 106 28.16 -24.32 14.79
C PHE E 106 29.13 -23.14 14.80
N PRO E 107 30.42 -23.31 14.46
CA PRO E 107 31.39 -22.21 14.59
C PRO E 107 31.48 -21.33 13.35
N GLU E 108 30.33 -20.94 12.81
CA GLU E 108 30.30 -20.06 11.66
C GLU E 108 30.15 -18.60 12.07
N ASP E 109 31.12 -18.12 12.86
CA ASP E 109 31.08 -16.78 13.43
C ASP E 109 29.77 -16.57 14.19
N THR E 110 29.61 -17.37 15.25
CA THR E 110 28.33 -17.47 15.95
C THR E 110 27.71 -16.10 16.19
N ASP E 111 28.47 -15.20 16.81
CA ASP E 111 28.25 -13.76 16.93
C ASP E 111 26.94 -13.41 17.64
N TYR E 112 26.11 -14.41 17.94
CA TYR E 112 24.87 -14.20 18.68
C TYR E 112 24.17 -15.55 18.77
N ASP E 113 23.07 -15.55 19.52
CA ASP E 113 22.05 -16.59 19.45
C ASP E 113 22.52 -17.94 20.00
N HIS E 114 23.48 -17.95 20.92
CA HIS E 114 23.75 -19.19 21.63
C HIS E 114 22.57 -19.51 22.54
N ASP E 115 22.13 -20.76 22.52
CA ASP E 115 20.94 -21.17 23.28
C ASP E 115 19.72 -20.35 22.87
N SER E 116 19.57 -20.10 21.56
CA SER E 116 18.47 -19.35 21.01
C SER E 116 17.50 -20.20 20.20
N ALA E 117 17.60 -21.52 20.30
CA ALA E 117 16.89 -22.51 19.51
C ALA E 117 17.45 -22.62 18.10
N GLU E 118 18.34 -21.72 17.69
CA GLU E 118 19.15 -21.92 16.49
C GLU E 118 20.31 -22.84 16.75
N TYR E 119 20.83 -22.81 17.97
CA TYR E 119 21.93 -23.68 18.33
C TYR E 119 21.53 -25.13 18.25
N LEU E 120 20.31 -25.44 18.68
CA LEU E 120 19.83 -26.81 18.63
C LEU E 120 19.74 -27.31 17.20
N LEU E 121 19.23 -26.47 16.31
CA LEU E 121 19.22 -26.84 14.90
C LEU E 121 20.63 -27.05 14.38
N ARG E 122 21.55 -26.16 14.76
CA ARG E 122 22.87 -26.27 14.14
C ARG E 122 23.57 -27.53 14.64
N VAL E 123 23.34 -27.86 15.90
CA VAL E 123 23.81 -29.11 16.48
C VAL E 123 23.30 -30.27 15.67
N VAL E 124 22.00 -30.29 15.38
CA VAL E 124 21.42 -31.47 14.74
C VAL E 124 21.92 -31.59 13.31
N ARG E 125 22.01 -30.48 12.61
CA ARG E 125 22.54 -30.51 11.26
C ARG E 125 23.96 -31.04 11.25
N ALA E 126 24.80 -30.51 12.15
CA ALA E 126 26.19 -30.90 12.16
C ALA E 126 26.36 -32.36 12.52
N SER E 127 25.76 -32.76 13.63
CA SER E 127 25.77 -34.16 14.03
C SER E 127 25.22 -35.03 12.91
N SER E 128 24.19 -34.55 12.22
CA SER E 128 23.50 -35.36 11.24
C SER E 128 23.02 -36.65 11.86
N ILE E 129 22.41 -36.55 13.03
CA ILE E 129 21.95 -37.73 13.73
C ILE E 129 20.73 -38.34 13.09
N PHE E 130 19.98 -37.58 12.33
CA PHE E 130 18.72 -38.07 11.81
C PHE E 130 18.95 -38.93 10.57
N PRO E 131 19.74 -38.45 9.62
CA PRO E 131 20.11 -39.33 8.51
C PRO E 131 20.78 -40.61 8.93
N ILE E 132 21.75 -40.54 9.85
CA ILE E 132 22.39 -41.76 10.30
C ILE E 132 21.40 -42.63 11.06
N LEU E 133 20.45 -42.02 11.77
CA LEU E 133 19.40 -42.81 12.40
C LEU E 133 18.58 -43.55 11.36
N SER E 134 18.31 -42.89 10.24
CA SER E 134 17.58 -43.54 9.16
C SER E 134 18.37 -44.72 8.64
N ALA E 135 19.67 -44.55 8.47
CA ALA E 135 20.50 -45.63 7.98
C ALA E 135 20.50 -46.79 8.96
N ILE E 136 20.66 -46.49 10.24
CA ILE E 136 20.64 -47.50 11.28
C ILE E 136 19.35 -48.28 11.23
N LEU E 137 18.23 -47.57 11.11
CA LEU E 137 16.94 -48.22 11.16
C LEU E 137 16.71 -49.07 9.94
N LEU E 138 17.16 -48.61 8.78
CA LEU E 138 17.07 -49.43 7.59
C LEU E 138 17.87 -50.70 7.76
N LEU E 139 19.07 -50.59 8.30
CA LEU E 139 19.89 -51.76 8.56
C LEU E 139 19.17 -52.73 9.48
N LEU E 140 18.68 -52.24 10.62
CA LEU E 140 17.99 -53.10 11.57
C LEU E 140 16.74 -53.70 10.97
N GLY E 141 16.09 -52.99 10.05
CA GLY E 141 14.95 -53.54 9.36
C GLY E 141 15.33 -54.71 8.48
N GLY E 142 16.43 -54.57 7.75
CA GLY E 142 16.91 -55.69 6.96
C GLY E 142 17.28 -56.86 7.84
N VAL E 143 17.89 -56.57 8.99
CA VAL E 143 18.23 -57.62 9.94
C VAL E 143 16.97 -58.37 10.37
N CYS E 144 15.94 -57.64 10.78
CA CYS E 144 14.72 -58.28 11.22
C CYS E 144 14.04 -59.03 10.10
N VAL E 145 14.16 -58.52 8.87
CA VAL E 145 13.61 -59.22 7.71
C VAL E 145 14.29 -60.57 7.56
N ALA E 146 15.61 -60.57 7.56
CA ALA E 146 16.35 -61.81 7.36
C ALA E 146 16.06 -62.78 8.49
N ALA E 147 16.11 -62.31 9.74
CA ALA E 147 15.79 -63.17 10.87
C ALA E 147 14.36 -63.69 10.76
N SER E 148 13.48 -62.94 10.09
CA SER E 148 12.14 -63.44 9.85
C SER E 148 12.17 -64.66 8.94
N ARG E 149 13.07 -64.65 7.95
CA ARG E 149 13.25 -65.82 7.10
C ARG E 149 13.76 -67.03 7.88
N VAL E 150 14.26 -66.81 9.09
CA VAL E 150 14.85 -67.86 9.91
C VAL E 150 13.88 -68.34 10.96
N TYR E 151 13.55 -67.46 11.92
CA TYR E 151 12.68 -67.83 13.03
C TYR E 151 11.22 -67.55 12.67
N LYS E 152 10.79 -68.18 11.58
CA LYS E 152 9.46 -67.97 11.04
C LYS E 152 8.35 -68.23 12.06
N SER E 153 8.68 -68.79 13.22
CA SER E 153 7.65 -69.03 14.23
C SER E 153 7.09 -67.71 14.75
N LYS E 154 7.93 -66.70 14.89
CA LYS E 154 7.49 -65.41 15.39
C LYS E 154 7.11 -64.50 14.23
N ARG E 155 5.95 -63.84 14.36
CA ARG E 155 5.45 -62.95 13.31
C ARG E 155 5.74 -61.49 13.61
N ASN E 156 5.83 -61.11 14.88
CA ASN E 156 6.03 -59.72 15.24
C ASN E 156 7.34 -59.17 14.71
N ILE E 157 8.26 -60.03 14.30
CA ILE E 157 9.56 -59.58 13.83
C ILE E 157 9.40 -58.72 12.59
N ILE E 158 8.63 -59.20 11.63
CA ILE E 158 8.46 -58.48 10.38
C ILE E 158 7.77 -57.15 10.63
N LEU E 159 6.81 -57.16 11.55
CA LEU E 159 6.12 -55.94 11.94
C LEU E 159 7.10 -54.93 12.52
N GLY E 160 8.00 -55.39 13.39
CA GLY E 160 9.04 -54.50 13.89
C GLY E 160 9.88 -53.96 12.77
N ALA E 161 10.14 -54.78 11.76
CA ALA E 161 10.90 -54.32 10.61
C ALA E 161 10.18 -53.19 9.90
N GLY E 162 8.87 -53.34 9.73
CA GLY E 162 8.10 -52.32 9.07
C GLY E 162 8.15 -51.01 9.84
N ILE E 163 7.97 -51.10 11.15
CA ILE E 163 8.05 -49.91 11.98
C ILE E 163 9.42 -49.25 11.85
N LEU E 164 10.47 -50.06 11.77
CA LEU E 164 11.81 -49.52 11.62
C LEU E 164 11.92 -48.73 10.33
N PHE E 165 11.46 -49.31 9.24
CA PHE E 165 11.54 -48.61 7.97
C PHE E 165 10.75 -47.31 7.99
N VAL E 166 9.56 -47.35 8.58
CA VAL E 166 8.73 -46.16 8.62
C VAL E 166 9.41 -45.06 9.41
N ALA E 167 9.87 -45.38 10.61
CA ALA E 167 10.59 -44.39 11.40
C ALA E 167 11.81 -43.90 10.68
N ALA E 168 12.44 -44.77 9.90
CA ALA E 168 13.56 -44.35 9.08
C ALA E 168 13.15 -43.26 8.12
N GLY E 169 12.02 -43.45 7.46
CA GLY E 169 11.55 -42.44 6.54
C GLY E 169 11.28 -41.13 7.23
N LEU E 170 10.58 -41.18 8.36
CA LEU E 170 10.28 -39.95 9.06
C LEU E 170 11.56 -39.22 9.44
N SER E 171 12.52 -39.97 9.97
CA SER E 171 13.78 -39.37 10.35
C SER E 171 14.50 -38.76 9.17
N ASN E 172 14.44 -39.42 8.01
CA ASN E 172 15.11 -38.86 6.86
C ASN E 172 14.46 -37.57 6.40
N ILE E 173 13.13 -37.48 6.44
CA ILE E 173 12.54 -36.22 6.02
C ILE E 173 12.92 -35.13 7.02
N ILE E 174 13.01 -35.47 8.30
CA ILE E 174 13.50 -34.47 9.25
C ILE E 174 14.92 -34.09 8.91
N GLY E 175 15.72 -35.05 8.46
CA GLY E 175 17.08 -34.73 8.10
C GLY E 175 17.12 -33.73 6.97
N VAL E 176 16.27 -33.93 5.98
CA VAL E 176 16.18 -32.99 4.88
C VAL E 176 15.77 -31.63 5.39
N ILE E 177 14.78 -31.61 6.27
CA ILE E 177 14.23 -30.35 6.75
C ILE E 177 15.28 -29.55 7.50
N VAL E 178 15.99 -30.19 8.42
CA VAL E 178 17.04 -29.51 9.14
C VAL E 178 18.13 -29.05 8.19
N TYR E 179 18.49 -29.89 7.23
CA TYR E 179 19.52 -29.50 6.29
C TYR E 179 19.14 -28.22 5.59
N ILE E 180 17.91 -28.15 5.12
CA ILE E 180 17.50 -26.97 4.37
C ILE E 180 17.34 -25.77 5.28
N SER E 181 16.73 -25.97 6.45
CA SER E 181 16.47 -24.86 7.34
C SER E 181 17.73 -24.36 8.02
N ALA E 182 18.84 -25.06 7.89
CA ALA E 182 20.14 -24.54 8.27
C ALA E 182 20.86 -23.90 7.09
N ASN E 183 20.98 -24.64 5.98
CA ASN E 183 21.55 -24.11 4.76
C ASN E 183 20.97 -22.75 4.44
N ALA E 184 19.75 -22.48 4.89
CA ALA E 184 19.19 -21.15 4.73
C ALA E 184 20.08 -20.09 5.35
N GLY E 185 20.87 -20.47 6.34
CA GLY E 185 21.79 -19.56 7.00
C GLY E 185 23.19 -20.12 7.13
N LYS E 196 20.77 -13.64 -2.06
CA LYS E 196 20.06 -14.92 -2.17
C LYS E 196 20.43 -15.59 -3.49
N ASN E 197 21.55 -16.30 -3.47
CA ASN E 197 22.14 -16.84 -4.68
C ASN E 197 21.41 -18.10 -5.14
N HIS E 198 21.70 -18.52 -6.37
CA HIS E 198 21.23 -19.78 -6.88
C HIS E 198 21.78 -20.93 -6.05
N TYR E 199 21.05 -22.03 -6.03
CA TYR E 199 21.51 -23.26 -5.42
C TYR E 199 20.76 -24.42 -6.05
N SER E 200 21.20 -25.63 -5.74
CA SER E 200 20.68 -26.80 -6.42
C SER E 200 21.05 -28.02 -5.61
N TYR E 201 20.38 -29.12 -5.89
CA TYR E 201 20.53 -30.34 -5.12
C TYR E 201 21.10 -31.43 -6.01
N GLY E 202 22.15 -32.08 -5.53
CA GLY E 202 22.83 -33.08 -6.31
C GLY E 202 22.37 -34.49 -6.01
N TRP E 203 22.84 -35.41 -6.85
CA TRP E 203 22.35 -36.76 -6.85
C TRP E 203 22.29 -37.38 -5.46
N SER E 204 23.09 -36.88 -4.53
CA SER E 204 23.05 -37.44 -3.18
C SER E 204 21.75 -37.09 -2.47
N PHE E 205 21.25 -35.88 -2.69
CA PHE E 205 19.99 -35.49 -2.10
C PHE E 205 18.88 -36.39 -2.60
N TYR E 206 18.80 -36.57 -3.91
CA TYR E 206 17.76 -37.42 -4.47
C TYR E 206 18.01 -38.88 -4.15
N PHE E 207 19.23 -39.22 -3.74
CA PHE E 207 19.45 -40.56 -3.23
C PHE E 207 18.81 -40.71 -1.86
N GLY E 208 18.95 -39.70 -1.01
CA GLY E 208 18.21 -39.71 0.23
C GLY E 208 16.72 -39.74 -0.01
N GLY E 209 16.26 -39.01 -1.01
CA GLY E 209 14.84 -39.01 -1.33
C GLY E 209 14.35 -40.37 -1.75
N LEU E 210 15.07 -41.02 -2.65
CA LEU E 210 14.72 -42.36 -3.07
C LEU E 210 14.85 -43.35 -1.93
N SER E 211 15.75 -43.08 -0.99
CA SER E 211 15.84 -43.91 0.19
C SER E 211 14.58 -43.83 1.01
N PHE E 212 14.08 -42.62 1.21
CA PHE E 212 12.84 -42.46 1.96
C PHE E 212 11.70 -43.16 1.24
N ILE E 213 11.62 -42.97 -0.08
CA ILE E 213 10.58 -43.62 -0.87
C ILE E 213 10.61 -45.11 -0.64
N LEU E 214 11.80 -45.70 -0.77
CA LEU E 214 11.93 -47.14 -0.64
C LEU E 214 11.61 -47.58 0.77
N ALA E 215 12.01 -46.79 1.76
CA ALA E 215 11.74 -47.16 3.12
C ALA E 215 10.25 -47.24 3.39
N GLU E 216 9.50 -46.26 2.89
CA GLU E 216 8.05 -46.30 3.06
C GLU E 216 7.46 -47.48 2.31
N VAL E 217 7.90 -47.71 1.08
CA VAL E 217 7.44 -48.86 0.31
C VAL E 217 7.64 -50.15 1.09
N ILE E 218 8.81 -50.28 1.70
CA ILE E 218 9.15 -51.49 2.43
C ILE E 218 8.31 -51.61 3.68
N GLY E 219 8.02 -50.50 4.33
CA GLY E 219 7.11 -50.56 5.45
C GLY E 219 5.79 -51.14 5.03
N VAL E 220 5.28 -50.68 3.89
CA VAL E 220 4.05 -51.21 3.34
C VAL E 220 4.15 -52.72 3.14
N LEU E 221 5.19 -53.16 2.43
CA LEU E 221 5.29 -54.56 2.05
C LEU E 221 5.45 -55.45 3.26
N ALA E 222 6.26 -55.01 4.22
CA ALA E 222 6.45 -55.79 5.43
C ALA E 222 5.16 -55.91 6.21
N VAL E 223 4.41 -54.83 6.32
CA VAL E 223 3.13 -54.90 7.01
C VAL E 223 2.19 -55.86 6.29
N ASN E 224 2.19 -55.82 4.97
CA ASN E 224 1.36 -56.74 4.20
C ASN E 224 1.76 -58.18 4.49
N ILE E 225 3.06 -58.43 4.57
CA ILE E 225 3.54 -59.76 4.94
C ILE E 225 3.01 -60.16 6.31
N TYR E 226 3.12 -59.26 7.28
CA TYR E 226 2.67 -59.59 8.62
C TYR E 226 1.19 -59.91 8.62
N ILE E 227 0.43 -59.20 7.83
CA ILE E 227 -1.01 -59.44 7.75
C ILE E 227 -1.30 -60.80 7.12
N GLU E 228 -0.61 -61.14 6.04
CA GLU E 228 -0.79 -62.47 5.48
C GLU E 228 -0.39 -63.53 6.48
N ARG E 229 0.70 -63.30 7.21
CA ARG E 229 1.15 -64.26 8.20
C ARG E 229 0.10 -64.46 9.28
N SER E 230 -0.52 -63.37 9.72
CA SER E 230 -1.56 -63.48 10.73
C SER E 230 -2.77 -64.22 10.19
N ARG E 231 -3.16 -63.94 8.95
CA ARG E 231 -4.29 -64.63 8.37
C ARG E 231 -4.01 -66.13 8.29
N GLU E 232 -2.78 -66.49 7.90
CA GLU E 232 -2.39 -67.89 7.91
C GLU E 232 -2.50 -68.47 9.31
N ALA E 233 -2.02 -67.73 10.31
CA ALA E 233 -2.24 -68.15 11.69
C ALA E 233 -3.73 -68.18 12.00
N HIS E 234 -4.46 -67.18 11.55
CA HIS E 234 -5.92 -67.11 11.71
C HIS E 234 -6.36 -67.54 13.09
N CYS F 15 -50.37 -30.53 16.46
CA CYS F 15 -50.53 -31.96 16.73
C CYS F 15 -50.92 -32.70 15.46
N GLU F 16 -51.36 -31.93 14.46
CA GLU F 16 -51.51 -32.44 13.09
C GLU F 16 -52.66 -33.44 12.98
N LYS F 17 -53.82 -33.06 13.52
CA LYS F 17 -55.07 -33.78 13.30
C LYS F 17 -56.15 -32.85 12.78
N GLY F 18 -55.84 -32.06 11.76
CA GLY F 18 -56.73 -31.07 11.21
C GLY F 18 -56.48 -29.66 11.67
N VAL F 19 -55.89 -29.48 12.85
CA VAL F 19 -55.46 -28.15 13.29
C VAL F 19 -54.45 -27.58 12.32
N GLN F 20 -53.64 -28.42 11.70
CA GLN F 20 -52.66 -27.96 10.74
C GLN F 20 -53.30 -27.10 9.66
N VAL F 21 -54.50 -27.47 9.20
CA VAL F 21 -55.11 -26.70 8.13
C VAL F 21 -55.56 -25.33 8.60
N LEU F 22 -56.15 -25.26 9.79
CA LEU F 22 -56.61 -23.97 10.29
C LEU F 22 -55.43 -23.05 10.54
N LEU F 23 -54.35 -23.61 11.11
CA LEU F 23 -53.12 -22.85 11.28
C LEU F 23 -52.60 -22.37 9.94
N THR F 24 -52.60 -23.25 8.94
CA THR F 24 -52.19 -22.89 7.60
C THR F 24 -52.95 -21.68 7.10
N THR F 25 -54.27 -21.74 7.16
CA THR F 25 -55.06 -20.70 6.52
C THR F 25 -54.95 -19.40 7.27
N ILE F 26 -54.92 -19.43 8.60
CA ILE F 26 -54.80 -18.18 9.33
C ILE F 26 -53.43 -17.58 9.10
N GLY F 27 -52.40 -18.42 9.03
CA GLY F 27 -51.08 -17.91 8.70
C GLY F 27 -51.04 -17.30 7.32
N ALA F 28 -51.71 -17.95 6.36
CA ALA F 28 -51.72 -17.45 5.00
C ALA F 28 -52.38 -16.09 4.92
N PHE F 29 -53.52 -15.95 5.58
CA PHE F 29 -54.24 -14.69 5.48
C PHE F 29 -53.56 -13.61 6.31
N ALA F 30 -52.92 -13.98 7.41
CA ALA F 30 -52.13 -13.03 8.16
C ALA F 30 -50.95 -12.54 7.34
N ALA F 31 -50.27 -13.44 6.65
CA ALA F 31 -49.17 -13.07 5.79
C ALA F 31 -49.63 -12.16 4.66
N PHE F 32 -50.75 -12.51 4.03
CA PHE F 32 -51.30 -11.65 3.00
C PHE F 32 -51.62 -10.28 3.56
N GLY F 33 -52.12 -10.24 4.78
CA GLY F 33 -52.41 -8.95 5.39
C GLY F 33 -51.18 -8.13 5.62
N LEU F 34 -50.14 -8.76 6.16
CA LEU F 34 -48.89 -8.06 6.41
C LEU F 34 -48.31 -7.54 5.11
N MET F 35 -48.39 -8.33 4.06
CA MET F 35 -47.77 -7.93 2.82
C MET F 35 -48.55 -6.82 2.17
N THR F 36 -49.88 -6.88 2.25
CA THR F 36 -50.72 -5.80 1.75
C THR F 36 -50.48 -4.52 2.51
N ILE F 37 -50.33 -4.60 3.83
CA ILE F 37 -49.99 -3.43 4.62
C ILE F 37 -48.67 -2.85 4.16
N ALA F 38 -47.67 -3.71 4.02
CA ALA F 38 -46.34 -3.25 3.68
C ALA F 38 -46.34 -2.54 2.33
N ILE F 39 -47.03 -3.11 1.37
CA ILE F 39 -47.18 -2.44 0.08
C ILE F 39 -47.90 -1.13 0.25
N SER F 40 -48.96 -1.14 1.05
CA SER F 40 -49.86 -0.01 1.22
C SER F 40 -49.47 0.87 2.38
N THR F 41 -48.18 1.01 2.64
CA THR F 41 -47.69 1.76 3.76
C THR F 41 -46.42 2.47 3.36
N ASP F 42 -46.05 3.48 4.15
CA ASP F 42 -44.96 4.36 3.77
C ASP F 42 -43.90 4.51 4.85
N TYR F 43 -43.83 3.60 5.82
CA TYR F 43 -42.82 3.67 6.85
C TYR F 43 -41.78 2.56 6.68
N TRP F 44 -41.37 2.32 5.44
CA TRP F 44 -40.31 1.36 5.14
C TRP F 44 -38.93 1.87 5.49
N LEU F 45 -38.77 3.18 5.62
CA LEU F 45 -37.46 3.78 5.75
C LEU F 45 -37.54 4.97 6.69
N TYR F 46 -36.39 5.38 7.20
CA TYR F 46 -36.30 6.53 8.09
C TYR F 46 -35.03 7.32 7.77
N THR F 47 -34.82 7.60 6.49
CA THR F 47 -33.63 8.27 6.00
C THR F 47 -33.76 9.77 6.15
N ARG F 48 -32.78 10.53 5.64
CA ARG F 48 -32.88 12.01 5.64
C ARG F 48 -32.82 12.44 4.17
N ALA F 49 -33.74 13.29 3.73
CA ALA F 49 -33.80 13.62 2.32
C ALA F 49 -33.90 15.12 2.09
N LEU F 50 -33.66 15.49 0.84
CA LEU F 50 -33.74 16.89 0.39
C LEU F 50 -35.13 17.19 -0.15
N ILE F 51 -36.11 16.98 0.71
CA ILE F 51 -37.50 17.30 0.42
C ILE F 51 -37.97 18.27 1.48
N CYS F 52 -37.97 17.80 2.73
CA CYS F 52 -38.24 18.67 3.86
C CYS F 52 -37.30 19.87 3.81
N ASN F 53 -37.87 21.07 3.96
CA ASN F 53 -37.07 22.29 3.86
C ASN F 53 -36.50 22.66 5.23
N GLY F 79 -31.57 16.61 3.81
CA GLY F 79 -31.76 17.85 4.54
C GLY F 79 -32.59 17.66 5.79
N GLY F 80 -33.72 16.99 5.65
CA GLY F 80 -34.62 16.80 6.75
C GLY F 80 -35.11 15.37 6.86
N LEU F 81 -35.52 15.01 8.07
CA LEU F 81 -35.94 13.65 8.35
C LEU F 81 -37.09 13.23 7.45
N THR F 82 -37.06 11.97 7.03
CA THR F 82 -38.08 11.43 6.15
C THR F 82 -38.27 9.97 6.45
N HIS F 83 -39.50 9.60 6.78
CA HIS F 83 -39.89 8.21 6.72
C HIS F 83 -40.44 7.99 5.32
N SER F 84 -39.98 6.93 4.69
CA SER F 84 -40.23 6.70 3.29
C SER F 84 -40.83 5.32 3.11
N GLY F 85 -41.27 5.06 1.89
CA GLY F 85 -42.00 3.86 1.61
C GLY F 85 -41.79 3.32 0.22
N LEU F 86 -42.59 2.31 -0.11
CA LEU F 86 -42.47 1.66 -1.40
C LEU F 86 -43.05 2.52 -2.50
N TRP F 87 -44.06 3.30 -2.16
CA TRP F 87 -44.81 4.09 -3.12
C TRP F 87 -44.54 5.57 -2.96
N ARG F 88 -44.72 6.09 -1.75
CA ARG F 88 -44.70 7.52 -1.50
C ARG F 88 -43.81 7.84 -0.32
N ILE F 89 -42.96 8.85 -0.49
CA ILE F 89 -42.34 9.48 0.66
C ILE F 89 -43.39 10.27 1.41
N CYS F 90 -43.10 10.57 2.68
CA CYS F 90 -43.95 11.46 3.44
C CYS F 90 -43.09 12.01 4.58
N CYS F 91 -42.77 13.29 4.50
CA CYS F 91 -41.81 13.88 5.42
C CYS F 91 -42.30 13.84 6.85
N LEU F 92 -41.42 14.26 7.75
CA LEU F 92 -41.75 14.42 9.15
C LEU F 92 -40.65 15.25 9.78
N GLU F 93 -40.89 15.67 11.02
CA GLU F 93 -39.93 16.48 11.75
C GLU F 93 -39.32 17.53 10.83
N GLY F 94 -40.14 18.06 9.91
CA GLY F 94 -39.70 19.07 8.98
C GLY F 94 -40.70 20.21 8.90
N LEU F 95 -40.43 21.13 7.98
CA LEU F 95 -41.36 22.23 7.75
C LEU F 95 -42.70 21.71 7.27
N LYS F 96 -42.70 20.88 6.23
CA LYS F 96 -43.94 20.34 5.70
C LYS F 96 -44.65 19.48 6.73
N ARG F 97 -43.93 18.57 7.35
CA ARG F 97 -44.42 17.75 8.46
C ARG F 97 -45.81 17.18 8.18
N GLY F 98 -45.87 16.33 7.15
CA GLY F 98 -47.07 15.55 6.91
C GLY F 98 -47.43 15.48 5.45
N VAL F 99 -46.63 16.13 4.60
CA VAL F 99 -46.92 16.21 3.18
C VAL F 99 -46.43 14.91 2.53
N CYS F 100 -47.36 14.01 2.23
CA CYS F 100 -47.03 12.68 1.73
C CYS F 100 -46.93 12.75 0.22
N VAL F 101 -45.73 12.85 -0.28
CA VAL F 101 -45.44 13.05 -1.69
C VAL F 101 -45.24 11.71 -2.37
N LYS F 102 -45.62 11.64 -3.64
CA LYS F 102 -45.32 10.49 -4.47
C LYS F 102 -43.91 10.61 -5.00
N ILE F 103 -43.21 9.49 -5.06
CA ILE F 103 -41.80 9.51 -5.38
C ILE F 103 -41.61 9.43 -6.88
N ASN F 104 -40.43 9.84 -7.31
CA ASN F 104 -39.99 9.66 -8.68
C ASN F 104 -38.96 8.53 -8.67
N HIS F 105 -39.31 7.42 -9.29
CA HIS F 105 -38.41 6.27 -9.31
C HIS F 105 -37.50 6.30 -10.54
N PHE F 106 -38.09 6.28 -11.73
CA PHE F 106 -37.27 6.37 -12.92
C PHE F 106 -36.89 7.83 -13.21
N PRO F 107 -37.77 8.83 -12.95
CA PRO F 107 -37.45 10.21 -13.35
C PRO F 107 -36.69 10.98 -12.27
N GLU F 108 -35.66 10.38 -11.71
CA GLU F 108 -34.83 11.04 -10.70
C GLU F 108 -33.61 11.69 -11.34
N ASP F 109 -33.85 12.61 -12.27
CA ASP F 109 -32.79 13.25 -13.05
C ASP F 109 -31.92 12.19 -13.72
N THR F 110 -32.56 11.43 -14.62
CA THR F 110 -31.95 10.23 -15.18
C THR F 110 -30.49 10.48 -15.58
N ASP F 111 -30.27 11.50 -16.41
CA ASP F 111 -28.99 12.12 -16.74
C ASP F 111 -28.00 11.14 -17.37
N TYR F 112 -28.34 9.87 -17.44
CA TYR F 112 -27.51 8.87 -18.09
C TYR F 112 -28.19 7.51 -17.91
N ASP F 113 -27.60 6.50 -18.55
CA ASP F 113 -27.84 5.10 -18.22
C ASP F 113 -29.24 4.62 -18.59
N HIS F 114 -29.89 5.23 -19.57
CA HIS F 114 -31.11 4.63 -20.10
C HIS F 114 -30.75 3.35 -20.84
N ASP F 115 -31.50 2.28 -20.59
CA ASP F 115 -31.19 0.97 -21.15
C ASP F 115 -29.78 0.51 -20.77
N SER F 116 -29.39 0.76 -19.52
CA SER F 116 -28.08 0.39 -19.00
C SER F 116 -28.14 -0.74 -17.99
N ALA F 117 -29.27 -1.43 -17.89
CA ALA F 117 -29.60 -2.44 -16.89
C ALA F 117 -29.89 -1.82 -15.53
N GLU F 118 -29.66 -0.52 -15.35
CA GLU F 118 -30.19 0.21 -14.21
C GLU F 118 -31.64 0.58 -14.41
N TYR F 119 -32.01 0.82 -15.67
CA TYR F 119 -33.39 1.16 -15.97
C TYR F 119 -34.32 0.01 -15.62
N LEU F 120 -33.89 -1.22 -15.89
CA LEU F 120 -34.71 -2.37 -15.57
C LEU F 120 -34.94 -2.51 -14.08
N LEU F 121 -33.90 -2.28 -13.30
CA LEU F 121 -34.07 -2.27 -11.86
C LEU F 121 -35.02 -1.18 -11.44
N ARG F 122 -34.89 0.01 -12.02
CA ARG F 122 -35.69 1.11 -11.51
C ARG F 122 -37.15 0.88 -11.86
N VAL F 123 -37.39 0.30 -13.03
CA VAL F 123 -38.72 -0.13 -13.43
C VAL F 123 -39.30 -1.07 -12.40
N VAL F 124 -38.52 -2.08 -12.00
CA VAL F 124 -39.09 -3.10 -11.15
C VAL F 124 -39.35 -2.55 -9.76
N ARG F 125 -38.44 -1.72 -9.26
CA ARG F 125 -38.68 -1.10 -7.97
C ARG F 125 -39.93 -0.26 -8.01
N ALA F 126 -40.08 0.57 -9.03
CA ALA F 126 -41.22 1.48 -9.11
C ALA F 126 -42.51 0.72 -9.24
N SER F 127 -42.57 -0.17 -10.21
CA SER F 127 -43.74 -1.02 -10.38
C SER F 127 -44.03 -1.79 -9.10
N SER F 128 -43.00 -2.22 -8.40
CA SER F 128 -43.15 -3.07 -7.25
C SER F 128 -43.96 -4.31 -7.60
N ILE F 129 -43.61 -4.92 -8.73
CA ILE F 129 -44.35 -6.09 -9.19
C ILE F 129 -44.08 -7.32 -8.34
N PHE F 130 -42.96 -7.36 -7.67
CA PHE F 130 -42.58 -8.58 -6.96
C PHE F 130 -43.30 -8.67 -5.62
N PRO F 131 -43.31 -7.61 -4.83
CA PRO F 131 -44.14 -7.63 -3.63
C PRO F 131 -45.61 -7.89 -3.90
N ILE F 132 -46.18 -7.21 -4.89
CA ILE F 132 -47.59 -7.47 -5.20
C ILE F 132 -47.76 -8.88 -5.73
N LEU F 133 -46.77 -9.42 -6.43
CA LEU F 133 -46.84 -10.81 -6.84
C LEU F 133 -46.88 -11.72 -5.62
N SER F 134 -46.09 -11.39 -4.61
CA SER F 134 -46.10 -12.17 -3.38
C SER F 134 -47.48 -12.13 -2.74
N ALA F 135 -48.08 -10.95 -2.72
CA ALA F 135 -49.40 -10.81 -2.14
C ALA F 135 -50.42 -11.63 -2.91
N ILE F 136 -50.37 -11.55 -4.23
CA ILE F 136 -51.26 -12.31 -5.09
C ILE F 136 -51.13 -13.79 -4.81
N LEU F 137 -49.89 -14.26 -4.70
CA LEU F 137 -49.66 -15.69 -4.54
C LEU F 137 -50.12 -16.15 -3.18
N LEU F 138 -49.91 -15.33 -2.16
CA LEU F 138 -50.43 -15.68 -0.85
C LEU F 138 -51.94 -15.80 -0.86
N LEU F 139 -52.59 -14.84 -1.53
CA LEU F 139 -54.03 -14.90 -1.67
C LEU F 139 -54.46 -16.18 -2.35
N LEU F 140 -53.88 -16.47 -3.50
CA LEU F 140 -54.24 -17.67 -4.24
C LEU F 140 -53.95 -18.93 -3.44
N GLY F 141 -52.92 -18.89 -2.60
CA GLY F 141 -52.64 -20.02 -1.74
C GLY F 141 -53.73 -20.24 -0.72
N GLY F 142 -54.20 -19.15 -0.11
CA GLY F 142 -55.32 -19.28 0.81
C GLY F 142 -56.56 -19.78 0.10
N VAL F 143 -56.77 -19.31 -1.13
CA VAL F 143 -57.88 -19.80 -1.94
C VAL F 143 -57.80 -21.30 -2.13
N CYS F 144 -56.64 -21.79 -2.56
CA CYS F 144 -56.47 -23.21 -2.78
C CYS F 144 -56.59 -24.00 -1.50
N VAL F 145 -56.14 -23.41 -0.39
CA VAL F 145 -56.30 -24.06 0.91
C VAL F 145 -57.77 -24.26 1.22
N ALA F 146 -58.55 -23.18 1.11
CA ALA F 146 -59.96 -23.27 1.43
C ALA F 146 -60.66 -24.25 0.51
N ALA F 147 -60.42 -24.14 -0.80
CA ALA F 147 -61.00 -25.08 -1.74
C ALA F 147 -60.59 -26.50 -1.43
N SER F 148 -59.42 -26.67 -0.81
CA SER F 148 -59.01 -28.00 -0.38
C SER F 148 -59.93 -28.52 0.70
N ARG F 149 -60.37 -27.64 1.60
CA ARG F 149 -61.35 -28.02 2.61
C ARG F 149 -62.69 -28.41 2.00
N VAL F 150 -62.90 -28.09 0.72
CA VAL F 150 -64.17 -28.35 0.05
C VAL F 150 -64.06 -29.57 -0.84
N TYR F 151 -63.24 -29.49 -1.89
CA TYR F 151 -63.11 -30.59 -2.85
C TYR F 151 -62.00 -31.54 -2.42
N LYS F 152 -62.18 -32.07 -1.20
CA LYS F 152 -61.18 -32.93 -0.60
C LYS F 152 -60.83 -34.14 -1.45
N SER F 153 -61.56 -34.39 -2.54
CA SER F 153 -61.23 -35.51 -3.41
C SER F 153 -59.89 -35.31 -4.08
N LYS F 154 -59.57 -34.08 -4.44
CA LYS F 154 -58.32 -33.76 -5.12
C LYS F 154 -57.26 -33.37 -4.08
N ARG F 155 -56.07 -33.95 -4.21
CA ARG F 155 -54.98 -33.68 -3.30
C ARG F 155 -53.98 -32.66 -3.85
N ASN F 156 -53.84 -32.58 -5.17
CA ASN F 156 -52.86 -31.69 -5.76
C ASN F 156 -53.14 -30.23 -5.44
N ILE F 157 -54.35 -29.91 -4.98
CA ILE F 157 -54.70 -28.52 -4.70
C ILE F 157 -53.82 -27.96 -3.60
N ILE F 158 -53.68 -28.71 -2.52
CA ILE F 158 -52.89 -28.22 -1.39
C ILE F 158 -51.44 -28.07 -1.80
N LEU F 159 -50.96 -29.00 -2.61
CA LEU F 159 -49.60 -28.91 -3.12
C LEU F 159 -49.40 -27.64 -3.95
N GLY F 160 -50.38 -27.33 -4.81
CA GLY F 160 -50.31 -26.07 -5.53
C GLY F 160 -50.29 -24.90 -4.59
N ALA F 161 -51.02 -24.99 -3.48
CA ALA F 161 -50.99 -23.92 -2.50
C ALA F 161 -49.60 -23.75 -1.92
N GLY F 162 -48.95 -24.86 -1.61
CA GLY F 162 -47.61 -24.79 -1.07
C GLY F 162 -46.66 -24.14 -2.04
N ILE F 163 -46.72 -24.54 -3.29
CA ILE F 163 -45.88 -23.93 -4.31
C ILE F 163 -46.14 -22.43 -4.40
N LEU F 164 -47.40 -22.04 -4.29
CA LEU F 164 -47.74 -20.63 -4.34
C LEU F 164 -47.06 -19.88 -3.22
N PHE F 165 -47.16 -20.40 -2.00
CA PHE F 165 -46.54 -19.73 -0.87
C PHE F 165 -45.04 -19.62 -1.03
N VAL F 166 -44.42 -20.70 -1.50
CA VAL F 166 -42.99 -20.71 -1.67
C VAL F 166 -42.56 -19.66 -2.68
N ALA F 167 -43.19 -19.66 -3.86
CA ALA F 167 -42.88 -18.66 -4.85
C ALA F 167 -43.14 -17.27 -4.32
N ALA F 168 -44.14 -17.13 -3.46
CA ALA F 168 -44.40 -15.86 -2.82
C ALA F 168 -43.21 -15.41 -2.02
N GLY F 169 -42.64 -16.32 -1.25
CA GLY F 169 -41.47 -15.97 -0.47
C GLY F 169 -40.30 -15.55 -1.33
N LEU F 170 -40.03 -16.33 -2.37
CA LEU F 170 -38.92 -15.99 -3.24
C LEU F 170 -39.11 -14.60 -3.83
N SER F 171 -40.32 -14.34 -4.32
CA SER F 171 -40.61 -13.05 -4.90
C SER F 171 -40.45 -11.93 -3.89
N ASN F 172 -40.85 -12.16 -2.65
CA ASN F 172 -40.70 -11.12 -1.65
C ASN F 172 -39.24 -10.83 -1.36
N ILE F 173 -38.39 -11.86 -1.30
CA ILE F 173 -36.99 -11.54 -1.05
C ILE F 173 -36.42 -10.79 -2.23
N ILE F 174 -36.85 -11.11 -3.45
CA ILE F 174 -36.40 -10.30 -4.57
C ILE F 174 -36.91 -8.88 -4.42
N GLY F 175 -38.11 -8.71 -3.91
CA GLY F 175 -38.63 -7.39 -3.71
C GLY F 175 -37.75 -6.59 -2.77
N VAL F 176 -37.34 -7.23 -1.70
CA VAL F 176 -36.43 -6.59 -0.75
C VAL F 176 -35.14 -6.23 -1.44
N ILE F 177 -34.61 -7.15 -2.23
CA ILE F 177 -33.31 -6.96 -2.85
C ILE F 177 -33.35 -5.79 -3.81
N VAL F 178 -34.36 -5.73 -4.67
CA VAL F 178 -34.47 -4.60 -5.57
C VAL F 178 -34.66 -3.31 -4.81
N TYR F 179 -35.48 -3.35 -3.77
CA TYR F 179 -35.69 -2.14 -2.99
C TYR F 179 -34.39 -1.60 -2.48
N ILE F 180 -33.56 -2.47 -1.91
CA ILE F 180 -32.31 -2.01 -1.33
C ILE F 180 -31.32 -1.61 -2.41
N SER F 181 -31.22 -2.39 -3.47
CA SER F 181 -30.26 -2.13 -4.51
C SER F 181 -30.63 -0.93 -5.36
N ALA F 182 -31.86 -0.42 -5.22
CA ALA F 182 -32.22 0.87 -5.78
C ALA F 182 -32.03 1.99 -4.79
N ASN F 183 -32.62 1.85 -3.60
CA ASN F 183 -32.42 2.82 -2.53
C ASN F 183 -30.95 3.18 -2.38
N ALA F 184 -30.06 2.27 -2.76
CA ALA F 184 -28.64 2.61 -2.76
C ALA F 184 -28.36 3.82 -3.63
N GLY F 185 -29.22 4.09 -4.61
CA GLY F 185 -29.07 5.23 -5.49
C GLY F 185 -30.36 6.01 -5.63
N LYS F 196 -22.98 9.27 2.56
CA LYS F 196 -23.57 7.99 2.93
C LYS F 196 -24.23 8.11 4.31
N ASN F 197 -25.46 8.62 4.31
CA ASN F 197 -26.15 8.98 5.54
C ASN F 197 -26.69 7.75 6.25
N HIS F 198 -27.09 7.95 7.49
CA HIS F 198 -27.80 6.92 8.25
C HIS F 198 -29.11 6.59 7.56
N TYR F 199 -29.57 5.36 7.78
CA TYR F 199 -30.89 4.92 7.35
C TYR F 199 -31.33 3.77 8.23
N SER F 200 -32.58 3.38 8.08
CA SER F 200 -33.18 2.42 8.97
C SER F 200 -34.44 1.88 8.34
N TYR F 201 -34.92 0.77 8.86
CA TYR F 201 -36.04 0.07 8.27
C TYR F 201 -37.18 0.05 9.27
N GLY F 202 -38.36 0.44 8.82
CA GLY F 202 -39.50 0.54 9.70
C GLY F 202 -40.39 -0.67 9.66
N TRP F 203 -41.34 -0.68 10.60
CA TRP F 203 -42.15 -1.85 10.87
C TRP F 203 -42.72 -2.47 9.60
N SER F 204 -42.85 -1.71 8.53
CA SER F 204 -43.40 -2.27 7.30
C SER F 204 -42.41 -3.23 6.66
N PHE F 205 -41.12 -2.90 6.72
CA PHE F 205 -40.12 -3.80 6.19
C PHE F 205 -40.14 -5.13 6.92
N TYR F 206 -40.14 -5.08 8.25
CA TYR F 206 -40.18 -6.30 9.01
C TYR F 206 -41.52 -6.99 8.91
N PHE F 207 -42.54 -6.27 8.47
CA PHE F 207 -43.80 -6.95 8.16
C PHE F 207 -43.65 -7.76 6.89
N GLY F 208 -42.99 -7.21 5.88
CA GLY F 208 -42.67 -8.03 4.73
C GLY F 208 -41.79 -9.21 5.09
N GLY F 209 -40.85 -8.98 6.00
CA GLY F 209 -40.00 -10.07 6.44
C GLY F 209 -40.77 -11.18 7.11
N LEU F 210 -41.64 -10.82 8.04
CA LEU F 210 -42.48 -11.80 8.70
C LEU F 210 -43.45 -12.44 7.72
N SER F 211 -43.84 -11.72 6.69
CA SER F 211 -44.66 -12.31 5.65
C SER F 211 -43.92 -13.41 4.94
N PHE F 212 -42.66 -13.16 4.58
CA PHE F 212 -41.88 -14.19 3.94
C PHE F 212 -41.70 -15.38 4.86
N ILE F 213 -41.40 -15.12 6.12
CA ILE F 213 -41.25 -16.21 7.09
C ILE F 213 -42.49 -17.07 7.10
N LEU F 214 -43.65 -16.43 7.22
CA LEU F 214 -44.90 -17.16 7.31
C LEU F 214 -45.18 -17.90 6.02
N ALA F 215 -44.86 -17.29 4.90
CA ALA F 215 -45.10 -17.94 3.63
C ALA F 215 -44.31 -19.24 3.53
N GLU F 216 -43.05 -19.20 3.90
CA GLU F 216 -42.25 -20.41 3.89
C GLU F 216 -42.78 -21.45 4.87
N VAL F 217 -43.14 -21.02 6.07
CA VAL F 217 -43.73 -21.93 7.05
C VAL F 217 -44.95 -22.62 6.47
N ILE F 218 -45.79 -21.85 5.80
CA ILE F 218 -47.02 -22.38 5.24
C ILE F 218 -46.72 -23.34 4.11
N GLY F 219 -45.71 -23.04 3.31
CA GLY F 219 -45.31 -24.00 2.30
C GLY F 219 -44.98 -25.32 2.91
N VAL F 220 -44.22 -25.28 4.00
CA VAL F 220 -43.89 -26.49 4.73
C VAL F 220 -45.14 -27.23 5.17
N LEU F 221 -46.04 -26.52 5.85
CA LEU F 221 -47.20 -27.17 6.45
C LEU F 221 -48.10 -27.75 5.38
N ALA F 222 -48.31 -27.02 4.30
CA ALA F 222 -49.14 -27.50 3.22
C ALA F 222 -48.56 -28.73 2.58
N VAL F 223 -47.25 -28.74 2.36
CA VAL F 223 -46.62 -29.92 1.81
C VAL F 223 -46.78 -31.11 2.74
N ASN F 224 -46.63 -30.87 4.04
CA ASN F 224 -46.84 -31.93 5.01
C ASN F 224 -48.25 -32.49 4.93
N ILE F 225 -49.22 -31.60 4.77
CA ILE F 225 -50.61 -32.03 4.58
C ILE F 225 -50.72 -32.91 3.35
N TYR F 226 -50.14 -32.46 2.24
CA TYR F 226 -50.25 -33.23 1.02
C TYR F 226 -49.65 -34.61 1.20
N ILE F 227 -48.55 -34.69 1.93
CA ILE F 227 -47.89 -35.97 2.18
C ILE F 227 -48.78 -36.87 3.02
N GLU F 228 -49.37 -36.33 4.08
CA GLU F 228 -50.29 -37.15 4.87
C GLU F 228 -51.46 -37.60 4.02
N ARG F 229 -51.97 -36.71 3.17
CA ARG F 229 -53.09 -37.05 2.31
C ARG F 229 -52.71 -38.18 1.37
N SER F 230 -51.51 -38.13 0.82
CA SER F 230 -51.07 -39.20 -0.07
C SER F 230 -50.93 -40.50 0.68
N ARG F 231 -50.37 -40.45 1.90
CA ARG F 231 -50.22 -41.66 2.68
C ARG F 231 -51.58 -42.28 2.97
N GLU F 232 -52.55 -41.44 3.31
CA GLU F 232 -53.92 -41.92 3.49
C GLU F 232 -54.43 -42.58 2.21
N ALA F 233 -54.20 -41.93 1.07
CA ALA F 233 -54.52 -42.57 -0.20
C ALA F 233 -53.69 -43.84 -0.38
N HIS F 234 -52.41 -43.79 -0.03
CA HIS F 234 -51.53 -44.93 -0.07
C HIS F 234 -51.72 -45.78 -1.33
#